data_1RIL
# 
_entry.id   1RIL 
# 
_audit_conform.dict_name       mmcif_pdbx.dic 
_audit_conform.dict_version    5.386 
_audit_conform.dict_location   http://mmcif.pdb.org/dictionaries/ascii/mmcif_pdbx.dic 
# 
loop_
_database_2.database_id 
_database_2.database_code 
_database_2.pdbx_database_accession 
_database_2.pdbx_DOI 
PDB   1RIL         pdb_00001ril 10.2210/pdb1ril/pdb 
WWPDB D_1000176098 ?            ?                   
# 
loop_
_pdbx_audit_revision_history.ordinal 
_pdbx_audit_revision_history.data_content_type 
_pdbx_audit_revision_history.major_revision 
_pdbx_audit_revision_history.minor_revision 
_pdbx_audit_revision_history.revision_date 
1 'Structure model' 1 0 1993-10-31 
2 'Structure model' 1 1 2008-03-03 
3 'Structure model' 1 2 2011-07-13 
4 'Structure model' 1 3 2017-11-29 
5 'Structure model' 1 4 2024-02-14 
# 
_pdbx_audit_revision_details.ordinal             1 
_pdbx_audit_revision_details.revision_ordinal    1 
_pdbx_audit_revision_details.data_content_type   'Structure model' 
_pdbx_audit_revision_details.provider            repository 
_pdbx_audit_revision_details.type                'Initial release' 
_pdbx_audit_revision_details.description         ? 
_pdbx_audit_revision_details.details             ? 
# 
loop_
_pdbx_audit_revision_group.ordinal 
_pdbx_audit_revision_group.revision_ordinal 
_pdbx_audit_revision_group.data_content_type 
_pdbx_audit_revision_group.group 
1 2 'Structure model' 'Version format compliance' 
2 3 'Structure model' 'Version format compliance' 
3 4 'Structure model' 'Derived calculations'      
4 4 'Structure model' Other                       
5 5 'Structure model' 'Data collection'           
6 5 'Structure model' 'Database references'       
# 
loop_
_pdbx_audit_revision_category.ordinal 
_pdbx_audit_revision_category.revision_ordinal 
_pdbx_audit_revision_category.data_content_type 
_pdbx_audit_revision_category.category 
1 4 'Structure model' pdbx_database_status 
2 4 'Structure model' struct_conf          
3 4 'Structure model' struct_conf_type     
4 5 'Structure model' chem_comp_atom       
5 5 'Structure model' chem_comp_bond       
6 5 'Structure model' database_2           
# 
loop_
_pdbx_audit_revision_item.ordinal 
_pdbx_audit_revision_item.revision_ordinal 
_pdbx_audit_revision_item.data_content_type 
_pdbx_audit_revision_item.item 
1 4 'Structure model' '_pdbx_database_status.process_site'  
2 5 'Structure model' '_database_2.pdbx_DOI'                
3 5 'Structure model' '_database_2.pdbx_database_accession' 
# 
_pdbx_database_status.status_code                     REL 
_pdbx_database_status.entry_id                        1RIL 
_pdbx_database_status.recvd_initial_deposition_date   1993-01-14 
_pdbx_database_status.deposit_site                    ? 
_pdbx_database_status.process_site                    BNL 
_pdbx_database_status.SG_entry                        . 
_pdbx_database_status.pdb_format_compatible           Y 
_pdbx_database_status.status_code_mr                  ? 
_pdbx_database_status.status_code_sf                  ? 
_pdbx_database_status.status_code_cs                  ? 
_pdbx_database_status.methods_development_category    ? 
_pdbx_database_status.status_code_nmr_data            ? 
# 
loop_
_audit_author.name 
_audit_author.pdbx_ordinal 
'Ishikawa, K.'   1 
'Okumura, M.'    2 
'Katayanagi, K.' 3 
'Kimura, S.'     4 
'Kanaya, S.'     5 
'Nakamura, H.'   6 
'Morikawa, K.'   7 
# 
loop_
_citation.id 
_citation.title 
_citation.journal_abbrev 
_citation.journal_volume 
_citation.page_first 
_citation.page_last 
_citation.year 
_citation.journal_id_ASTM 
_citation.country 
_citation.journal_id_ISSN 
_citation.journal_id_CSD 
_citation.book_publisher 
_citation.pdbx_database_id_PubMed 
_citation.pdbx_database_id_DOI 
primary 'Crystal structure of ribonuclease H from Thermus thermophilus HB8 refined at 2.8 A resolution.'            J.Mol.Biol. 
230 529 542 1993 JMOBAK UK 0022-2836 0070 ? 8385228 10.1006/jmbi.1993.1169 
1       'Crystallization and Preliminary Crystallographic Analysis of Ribonuclease H from Thermus Thermophilus Hb8' Proteins    15 
108 ?   1993 PSFGEY US 0887-3585 0867 ? ?       ?                      
# 
loop_
_citation_author.citation_id 
_citation_author.name 
_citation_author.ordinal 
_citation_author.identifier_ORCID 
primary 'Ishikawa, K.'   1  ? 
primary 'Okumura, M.'    2  ? 
primary 'Katayanagi, K.' 3  ? 
primary 'Kimura, S.'     4  ? 
primary 'Kanaya, S.'     5  ? 
primary 'Nakamura, H.'   6  ? 
primary 'Morikawa, K.'   7  ? 
1       'Okumura, M.'    8  ? 
1       'Ishikawa, K.'   9  ? 
1       'Kanaya, S.'     10 ? 
1       'Itaya, M.'      11 ? 
1       'Morikawa, K.'   12 ? 
# 
_entity.id                         1 
_entity.type                       polymer 
_entity.src_method                 man 
_entity.pdbx_description           'RIBONUCLEASE H' 
_entity.formula_weight             18763.463 
_entity.pdbx_number_of_molecules   1 
_entity.pdbx_ec                    3.1.26.4 
_entity.pdbx_mutation              ? 
_entity.pdbx_fragment              ? 
_entity.details                    ? 
# 
_entity_poly.entity_id                      1 
_entity_poly.type                           'polypeptide(L)' 
_entity_poly.nstd_linkage                   no 
_entity_poly.nstd_monomer                   no 
_entity_poly.pdbx_seq_one_letter_code       
;MNPSPRKRVALFTDGACLGNPGPGGWAALLRFHAHEKLLSGGEACTTNNRMELKAAIEGLKALKEPCEVDLYTDSHYLKK
AFTEGWLEGWRKRGWRTAEGKPVKNRDLWEALLLAMAPHRVRFHFVKGHTGHPENERVDREARRQAQSQAKTPCPPRAPT
LFHEEA
;
_entity_poly.pdbx_seq_one_letter_code_can   
;MNPSPRKRVALFTDGACLGNPGPGGWAALLRFHAHEKLLSGGEACTTNNRMELKAAIEGLKALKEPCEVDLYTDSHYLKK
AFTEGWLEGWRKRGWRTAEGKPVKNRDLWEALLLAMAPHRVRFHFVKGHTGHPENERVDREARRQAQSQAKTPCPPRAPT
LFHEEA
;
_entity_poly.pdbx_strand_id                 A 
_entity_poly.pdbx_target_identifier         ? 
# 
loop_
_entity_poly_seq.entity_id 
_entity_poly_seq.num 
_entity_poly_seq.mon_id 
_entity_poly_seq.hetero 
1 1   MET n 
1 2   ASN n 
1 3   PRO n 
1 4   SER n 
1 5   PRO n 
1 6   ARG n 
1 7   LYS n 
1 8   ARG n 
1 9   VAL n 
1 10  ALA n 
1 11  LEU n 
1 12  PHE n 
1 13  THR n 
1 14  ASP n 
1 15  GLY n 
1 16  ALA n 
1 17  CYS n 
1 18  LEU n 
1 19  GLY n 
1 20  ASN n 
1 21  PRO n 
1 22  GLY n 
1 23  PRO n 
1 24  GLY n 
1 25  GLY n 
1 26  TRP n 
1 27  ALA n 
1 28  ALA n 
1 29  LEU n 
1 30  LEU n 
1 31  ARG n 
1 32  PHE n 
1 33  HIS n 
1 34  ALA n 
1 35  HIS n 
1 36  GLU n 
1 37  LYS n 
1 38  LEU n 
1 39  LEU n 
1 40  SER n 
1 41  GLY n 
1 42  GLY n 
1 43  GLU n 
1 44  ALA n 
1 45  CYS n 
1 46  THR n 
1 47  THR n 
1 48  ASN n 
1 49  ASN n 
1 50  ARG n 
1 51  MET n 
1 52  GLU n 
1 53  LEU n 
1 54  LYS n 
1 55  ALA n 
1 56  ALA n 
1 57  ILE n 
1 58  GLU n 
1 59  GLY n 
1 60  LEU n 
1 61  LYS n 
1 62  ALA n 
1 63  LEU n 
1 64  LYS n 
1 65  GLU n 
1 66  PRO n 
1 67  CYS n 
1 68  GLU n 
1 69  VAL n 
1 70  ASP n 
1 71  LEU n 
1 72  TYR n 
1 73  THR n 
1 74  ASP n 
1 75  SER n 
1 76  HIS n 
1 77  TYR n 
1 78  LEU n 
1 79  LYS n 
1 80  LYS n 
1 81  ALA n 
1 82  PHE n 
1 83  THR n 
1 84  GLU n 
1 85  GLY n 
1 86  TRP n 
1 87  LEU n 
1 88  GLU n 
1 89  GLY n 
1 90  TRP n 
1 91  ARG n 
1 92  LYS n 
1 93  ARG n 
1 94  GLY n 
1 95  TRP n 
1 96  ARG n 
1 97  THR n 
1 98  ALA n 
1 99  GLU n 
1 100 GLY n 
1 101 LYS n 
1 102 PRO n 
1 103 VAL n 
1 104 LYS n 
1 105 ASN n 
1 106 ARG n 
1 107 ASP n 
1 108 LEU n 
1 109 TRP n 
1 110 GLU n 
1 111 ALA n 
1 112 LEU n 
1 113 LEU n 
1 114 LEU n 
1 115 ALA n 
1 116 MET n 
1 117 ALA n 
1 118 PRO n 
1 119 HIS n 
1 120 ARG n 
1 121 VAL n 
1 122 ARG n 
1 123 PHE n 
1 124 HIS n 
1 125 PHE n 
1 126 VAL n 
1 127 LYS n 
1 128 GLY n 
1 129 HIS n 
1 130 THR n 
1 131 GLY n 
1 132 HIS n 
1 133 PRO n 
1 134 GLU n 
1 135 ASN n 
1 136 GLU n 
1 137 ARG n 
1 138 VAL n 
1 139 ASP n 
1 140 ARG n 
1 141 GLU n 
1 142 ALA n 
1 143 ARG n 
1 144 ARG n 
1 145 GLN n 
1 146 ALA n 
1 147 GLN n 
1 148 SER n 
1 149 GLN n 
1 150 ALA n 
1 151 LYS n 
1 152 THR n 
1 153 PRO n 
1 154 CYS n 
1 155 PRO n 
1 156 PRO n 
1 157 ARG n 
1 158 ALA n 
1 159 PRO n 
1 160 THR n 
1 161 LEU n 
1 162 PHE n 
1 163 HIS n 
1 164 GLU n 
1 165 GLU n 
1 166 ALA n 
# 
_entity_src_gen.entity_id                          1 
_entity_src_gen.pdbx_src_id                        1 
_entity_src_gen.pdbx_alt_source_flag               sample 
_entity_src_gen.pdbx_seq_type                      ? 
_entity_src_gen.pdbx_beg_seq_num                   ? 
_entity_src_gen.pdbx_end_seq_num                   ? 
_entity_src_gen.gene_src_common_name               ? 
_entity_src_gen.gene_src_genus                     Thermus 
_entity_src_gen.pdbx_gene_src_gene                 ? 
_entity_src_gen.gene_src_species                   ? 
_entity_src_gen.gene_src_strain                    ? 
_entity_src_gen.gene_src_tissue                    ? 
_entity_src_gen.gene_src_tissue_fraction           ? 
_entity_src_gen.gene_src_details                   ? 
_entity_src_gen.pdbx_gene_src_fragment             ? 
_entity_src_gen.pdbx_gene_src_scientific_name      'Thermus thermophilus' 
_entity_src_gen.pdbx_gene_src_ncbi_taxonomy_id     274 
_entity_src_gen.pdbx_gene_src_variant              ? 
_entity_src_gen.pdbx_gene_src_cell_line            ? 
_entity_src_gen.pdbx_gene_src_atcc                 ? 
_entity_src_gen.pdbx_gene_src_organ                ? 
_entity_src_gen.pdbx_gene_src_organelle            ? 
_entity_src_gen.pdbx_gene_src_cell                 ? 
_entity_src_gen.pdbx_gene_src_cellular_location    ? 
_entity_src_gen.host_org_common_name               ? 
_entity_src_gen.pdbx_host_org_scientific_name      ? 
_entity_src_gen.pdbx_host_org_ncbi_taxonomy_id     ? 
_entity_src_gen.host_org_genus                     ? 
_entity_src_gen.pdbx_host_org_gene                 ? 
_entity_src_gen.pdbx_host_org_organ                ? 
_entity_src_gen.host_org_species                   ? 
_entity_src_gen.pdbx_host_org_tissue               ? 
_entity_src_gen.pdbx_host_org_tissue_fraction      ? 
_entity_src_gen.pdbx_host_org_strain               ? 
_entity_src_gen.pdbx_host_org_variant              ? 
_entity_src_gen.pdbx_host_org_cell_line            ? 
_entity_src_gen.pdbx_host_org_atcc                 ? 
_entity_src_gen.pdbx_host_org_culture_collection   ? 
_entity_src_gen.pdbx_host_org_cell                 ? 
_entity_src_gen.pdbx_host_org_organelle            ? 
_entity_src_gen.pdbx_host_org_cellular_location    ? 
_entity_src_gen.pdbx_host_org_vector_type          ? 
_entity_src_gen.pdbx_host_org_vector               ? 
_entity_src_gen.host_org_details                   ? 
_entity_src_gen.expression_system_id               ? 
_entity_src_gen.plasmid_name                       ? 
_entity_src_gen.plasmid_details                    ? 
_entity_src_gen.pdbx_description                   ? 
# 
loop_
_chem_comp.id 
_chem_comp.type 
_chem_comp.mon_nstd_flag 
_chem_comp.name 
_chem_comp.pdbx_synonyms 
_chem_comp.formula 
_chem_comp.formula_weight 
ALA 'L-peptide linking' y ALANINE         ? 'C3 H7 N O2'     89.093  
ARG 'L-peptide linking' y ARGININE        ? 'C6 H15 N4 O2 1' 175.209 
ASN 'L-peptide linking' y ASPARAGINE      ? 'C4 H8 N2 O3'    132.118 
ASP 'L-peptide linking' y 'ASPARTIC ACID' ? 'C4 H7 N O4'     133.103 
CYS 'L-peptide linking' y CYSTEINE        ? 'C3 H7 N O2 S'   121.158 
GLN 'L-peptide linking' y GLUTAMINE       ? 'C5 H10 N2 O3'   146.144 
GLU 'L-peptide linking' y 'GLUTAMIC ACID' ? 'C5 H9 N O4'     147.129 
GLY 'peptide linking'   y GLYCINE         ? 'C2 H5 N O2'     75.067  
HIS 'L-peptide linking' y HISTIDINE       ? 'C6 H10 N3 O2 1' 156.162 
ILE 'L-peptide linking' y ISOLEUCINE      ? 'C6 H13 N O2'    131.173 
LEU 'L-peptide linking' y LEUCINE         ? 'C6 H13 N O2'    131.173 
LYS 'L-peptide linking' y LYSINE          ? 'C6 H15 N2 O2 1' 147.195 
MET 'L-peptide linking' y METHIONINE      ? 'C5 H11 N O2 S'  149.211 
PHE 'L-peptide linking' y PHENYLALANINE   ? 'C9 H11 N O2'    165.189 
PRO 'L-peptide linking' y PROLINE         ? 'C5 H9 N O2'     115.130 
SER 'L-peptide linking' y SERINE          ? 'C3 H7 N O3'     105.093 
THR 'L-peptide linking' y THREONINE       ? 'C4 H9 N O3'     119.119 
TRP 'L-peptide linking' y TRYPTOPHAN      ? 'C11 H12 N2 O2'  204.225 
TYR 'L-peptide linking' y TYROSINE        ? 'C9 H11 N O3'    181.189 
VAL 'L-peptide linking' y VALINE          ? 'C5 H11 N O2'    117.146 
# 
loop_
_pdbx_poly_seq_scheme.asym_id 
_pdbx_poly_seq_scheme.entity_id 
_pdbx_poly_seq_scheme.seq_id 
_pdbx_poly_seq_scheme.mon_id 
_pdbx_poly_seq_scheme.ndb_seq_num 
_pdbx_poly_seq_scheme.pdb_seq_num 
_pdbx_poly_seq_scheme.auth_seq_num 
_pdbx_poly_seq_scheme.pdb_mon_id 
_pdbx_poly_seq_scheme.auth_mon_id 
_pdbx_poly_seq_scheme.pdb_strand_id 
_pdbx_poly_seq_scheme.pdb_ins_code 
_pdbx_poly_seq_scheme.hetero 
A 1 1   MET 1   -3  ?   ?   ?   A . n 
A 1 2   ASN 2   -2  ?   ?   ?   A . n 
A 1 3   PRO 3   -1  ?   ?   ?   A . n 
A 1 4   SER 4   0   ?   ?   ?   A . n 
A 1 5   PRO 5   1   ?   ?   ?   A . n 
A 1 6   ARG 6   2   2   ARG ARG A . n 
A 1 7   LYS 7   3   3   LYS LYS A . n 
A 1 8   ARG 8   4   4   ARG ARG A . n 
A 1 9   VAL 9   5   5   VAL VAL A . n 
A 1 10  ALA 10  6   6   ALA ALA A . n 
A 1 11  LEU 11  7   7   LEU LEU A . n 
A 1 12  PHE 12  8   8   PHE PHE A . n 
A 1 13  THR 13  9   9   THR THR A . n 
A 1 14  ASP 14  10  10  ASP ASP A . n 
A 1 15  GLY 15  11  11  GLY GLY A . n 
A 1 16  ALA 16  12  12  ALA ALA A . n 
A 1 17  CYS 17  13  13  CYS CYS A . n 
A 1 18  LEU 18  14  14  LEU LEU A . n 
A 1 19  GLY 19  15  15  GLY GLY A . n 
A 1 20  ASN 20  16  16  ASN ASN A . n 
A 1 21  PRO 21  17  17  PRO PRO A . n 
A 1 22  GLY 22  18  18  GLY GLY A . n 
A 1 23  PRO 23  19  19  PRO PRO A . n 
A 1 24  GLY 24  20  20  GLY GLY A . n 
A 1 25  GLY 25  21  21  GLY GLY A . n 
A 1 26  TRP 26  22  22  TRP TRP A . n 
A 1 27  ALA 27  23  23  ALA ALA A . n 
A 1 28  ALA 28  24  24  ALA ALA A . n 
A 1 29  LEU 29  25  25  LEU LEU A . n 
A 1 30  LEU 30  26  26  LEU LEU A . n 
A 1 31  ARG 31  27  27  ARG ARG A . n 
A 1 32  PHE 32  28  28  PHE PHE A . n 
A 1 33  HIS 33  29  29  HIS HIS A . n 
A 1 34  ALA 34  30  30  ALA ALA A . n 
A 1 35  HIS 35  31  31  HIS HIS A . n 
A 1 36  GLU 36  32  32  GLU GLU A . n 
A 1 37  LYS 37  33  33  LYS LYS A . n 
A 1 38  LEU 38  34  34  LEU LEU A . n 
A 1 39  LEU 39  35  35  LEU LEU A . n 
A 1 40  SER 40  36  36  SER SER A . n 
A 1 41  GLY 41  37  37  GLY GLY A . n 
A 1 42  GLY 42  38  38  GLY GLY A . n 
A 1 43  GLU 43  39  39  GLU GLU A . n 
A 1 44  ALA 44  40  40  ALA ALA A . n 
A 1 45  CYS 45  41  41  CYS CYS A . n 
A 1 46  THR 46  42  42  THR THR A . n 
A 1 47  THR 47  43  43  THR THR A . n 
A 1 48  ASN 48  44  44  ASN ASN A . n 
A 1 49  ASN 49  45  45  ASN ASN A . n 
A 1 50  ARG 50  46  46  ARG ARG A . n 
A 1 51  MET 51  47  47  MET MET A . n 
A 1 52  GLU 52  48  48  GLU GLU A . n 
A 1 53  LEU 53  49  49  LEU LEU A . n 
A 1 54  LYS 54  50  50  LYS LYS A . n 
A 1 55  ALA 55  51  51  ALA ALA A . n 
A 1 56  ALA 56  52  52  ALA ALA A . n 
A 1 57  ILE 57  53  53  ILE ILE A . n 
A 1 58  GLU 58  54  54  GLU GLU A . n 
A 1 59  GLY 59  55  55  GLY GLY A . n 
A 1 60  LEU 60  56  56  LEU LEU A . n 
A 1 61  LYS 61  57  57  LYS LYS A . n 
A 1 62  ALA 62  58  58  ALA ALA A . n 
A 1 63  LEU 63  59  59  LEU LEU A . n 
A 1 64  LYS 64  60  60  LYS LYS A . n 
A 1 65  GLU 65  61  61  GLU GLU A . n 
A 1 66  PRO 66  62  62  PRO PRO A . n 
A 1 67  CYS 67  63  63  CYS CYS A . n 
A 1 68  GLU 68  64  64  GLU GLU A . n 
A 1 69  VAL 69  65  65  VAL VAL A . n 
A 1 70  ASP 70  66  66  ASP ASP A . n 
A 1 71  LEU 71  67  67  LEU LEU A . n 
A 1 72  TYR 72  68  68  TYR TYR A . n 
A 1 73  THR 73  69  69  THR THR A . n 
A 1 74  ASP 74  70  70  ASP ASP A . n 
A 1 75  SER 75  71  71  SER SER A . n 
A 1 76  HIS 76  72  72  HIS HIS A . n 
A 1 77  TYR 77  73  73  TYR TYR A . n 
A 1 78  LEU 78  74  74  LEU LEU A . n 
A 1 79  LYS 79  75  75  LYS LYS A . n 
A 1 80  LYS 80  76  76  LYS LYS A . n 
A 1 81  ALA 81  77  77  ALA ALA A . n 
A 1 82  PHE 82  78  78  PHE PHE A . n 
A 1 83  THR 83  79  79  THR THR A . n 
A 1 84  GLU 84  80  80  GLU GLU A . n 
A 1 85  GLY 85  80  80  GLY GLY A B n 
A 1 86  TRP 86  81  81  TRP TRP A . n 
A 1 87  LEU 87  82  82  LEU LEU A . n 
A 1 88  GLU 88  83  83  GLU GLU A . n 
A 1 89  GLY 89  84  84  GLY GLY A . n 
A 1 90  TRP 90  85  85  TRP TRP A . n 
A 1 91  ARG 91  86  86  ARG ARG A . n 
A 1 92  LYS 92  87  87  LYS LYS A . n 
A 1 93  ARG 93  88  88  ARG ARG A . n 
A 1 94  GLY 94  89  89  GLY GLY A . n 
A 1 95  TRP 95  90  90  TRP TRP A . n 
A 1 96  ARG 96  91  91  ARG ARG A . n 
A 1 97  THR 97  92  92  THR THR A . n 
A 1 98  ALA 98  93  93  ALA ALA A . n 
A 1 99  GLU 99  94  94  GLU GLU A . n 
A 1 100 GLY 100 95  95  GLY GLY A . n 
A 1 101 LYS 101 96  96  LYS LYS A . n 
A 1 102 PRO 102 97  97  PRO PRO A . n 
A 1 103 VAL 103 98  98  VAL VAL A . n 
A 1 104 LYS 104 99  99  LYS LYS A . n 
A 1 105 ASN 105 100 100 ASN ASN A . n 
A 1 106 ARG 106 101 101 ARG ARG A . n 
A 1 107 ASP 107 102 102 ASP ASP A . n 
A 1 108 LEU 108 103 103 LEU LEU A . n 
A 1 109 TRP 109 104 104 TRP TRP A . n 
A 1 110 GLU 110 105 105 GLU GLU A . n 
A 1 111 ALA 111 106 106 ALA ALA A . n 
A 1 112 LEU 112 107 107 LEU LEU A . n 
A 1 113 LEU 113 108 108 LEU LEU A . n 
A 1 114 LEU 114 109 109 LEU LEU A . n 
A 1 115 ALA 115 110 110 ALA ALA A . n 
A 1 116 MET 116 111 111 MET MET A . n 
A 1 117 ALA 117 112 112 ALA ALA A . n 
A 1 118 PRO 118 113 113 PRO PRO A . n 
A 1 119 HIS 119 114 114 HIS HIS A . n 
A 1 120 ARG 120 115 115 ARG ARG A . n 
A 1 121 VAL 121 116 116 VAL VAL A . n 
A 1 122 ARG 122 117 117 ARG ARG A . n 
A 1 123 PHE 123 118 118 PHE PHE A . n 
A 1 124 HIS 124 119 119 HIS HIS A . n 
A 1 125 PHE 125 120 120 PHE PHE A . n 
A 1 126 VAL 126 121 121 VAL VAL A . n 
A 1 127 LYS 127 122 122 LYS LYS A . n 
A 1 128 GLY 128 123 123 GLY GLY A . n 
A 1 129 HIS 129 124 124 HIS HIS A . n 
A 1 130 THR 130 125 125 THR THR A . n 
A 1 131 GLY 131 126 126 GLY GLY A . n 
A 1 132 HIS 132 127 127 HIS HIS A . n 
A 1 133 PRO 133 128 128 PRO PRO A . n 
A 1 134 GLU 134 129 129 GLU GLU A . n 
A 1 135 ASN 135 130 130 ASN ASN A . n 
A 1 136 GLU 136 131 131 GLU GLU A . n 
A 1 137 ARG 137 132 132 ARG ARG A . n 
A 1 138 VAL 138 133 133 VAL VAL A . n 
A 1 139 ASP 139 134 134 ASP ASP A . n 
A 1 140 ARG 140 135 135 ARG ARG A . n 
A 1 141 GLU 141 136 136 GLU GLU A . n 
A 1 142 ALA 142 137 137 ALA ALA A . n 
A 1 143 ARG 143 138 138 ARG ARG A . n 
A 1 144 ARG 144 139 139 ARG ARG A . n 
A 1 145 GLN 145 140 140 GLN GLN A . n 
A 1 146 ALA 146 141 141 ALA ALA A . n 
A 1 147 GLN 147 142 142 GLN GLN A . n 
A 1 148 SER 148 143 143 SER SER A . n 
A 1 149 GLN 149 144 144 GLN GLN A . n 
A 1 150 ALA 150 145 145 ALA ALA A . n 
A 1 151 LYS 151 146 146 LYS LYS A . n 
A 1 152 THR 152 147 147 THR THR A . n 
A 1 153 PRO 153 148 ?   ?   ?   A . n 
A 1 154 CYS 154 149 ?   ?   ?   A . n 
A 1 155 PRO 155 150 ?   ?   ?   A . n 
A 1 156 PRO 156 151 ?   ?   ?   A . n 
A 1 157 ARG 157 152 ?   ?   ?   A . n 
A 1 158 ALA 158 153 ?   ?   ?   A . n 
A 1 159 PRO 159 154 ?   ?   ?   A . n 
A 1 160 THR 160 155 ?   ?   ?   A . n 
A 1 161 LEU 161 156 ?   ?   ?   A . n 
A 1 162 PHE 162 157 ?   ?   ?   A . n 
A 1 163 HIS 163 158 ?   ?   ?   A . n 
A 1 164 GLU 164 159 ?   ?   ?   A . n 
A 1 165 GLU 165 160 ?   ?   ?   A . n 
A 1 166 ALA 166 161 ?   ?   ?   A . n 
# 
_software.name             PROLSQ 
_software.classification   refinement 
_software.version          . 
_software.citation_id      ? 
_software.pdbx_ordinal     1 
# 
_cell.entry_id           1RIL 
_cell.length_a           44.700 
_cell.length_b           44.700 
_cell.length_c           314.700 
_cell.angle_alpha        90.00 
_cell.angle_beta         90.00 
_cell.angle_gamma        120.00 
_cell.Z_PDB              12 
_cell.pdbx_unique_axis   ? 
# 
_symmetry.entry_id                         1RIL 
_symmetry.space_group_name_H-M             'P 65 2 2' 
_symmetry.pdbx_full_space_group_name_H-M   ? 
_symmetry.cell_setting                     ? 
_symmetry.Int_Tables_number                179 
# 
_exptl.entry_id          1RIL 
_exptl.method            'X-RAY DIFFRACTION' 
_exptl.crystals_number   ? 
# 
_exptl_crystal.id                    1 
_exptl_crystal.density_meas          ? 
_exptl_crystal.density_Matthews      2.42 
_exptl_crystal.density_percent_sol   49.11 
_exptl_crystal.description           ? 
# 
_diffrn.id                     1 
_diffrn.ambient_temp           ? 
_diffrn.ambient_temp_details   ? 
_diffrn.crystal_id             1 
# 
_diffrn_radiation.diffrn_id                        1 
_diffrn_radiation.wavelength_id                    1 
_diffrn_radiation.pdbx_monochromatic_or_laue_m_l   ? 
_diffrn_radiation.monochromator                    ? 
_diffrn_radiation.pdbx_diffrn_protocol             ? 
_diffrn_radiation.pdbx_scattering_type             x-ray 
# 
_diffrn_radiation_wavelength.id           1 
_diffrn_radiation_wavelength.wavelength   . 
_diffrn_radiation_wavelength.wt           1.0 
# 
_refine.entry_id                                 1RIL 
_refine.ls_number_reflns_obs                     4766 
_refine.ls_number_reflns_all                     ? 
_refine.pdbx_ls_sigma_I                          ? 
_refine.pdbx_ls_sigma_F                          1.0 
_refine.pdbx_data_cutoff_high_absF               ? 
_refine.pdbx_data_cutoff_low_absF                ? 
_refine.pdbx_data_cutoff_high_rms_absF           ? 
_refine.ls_d_res_low                             8.0 
_refine.ls_d_res_high                            2.8 
_refine.ls_percent_reflns_obs                    ? 
_refine.ls_R_factor_obs                          0.2050000 
_refine.ls_R_factor_all                          ? 
_refine.ls_R_factor_R_work                       ? 
_refine.ls_R_factor_R_free                       ? 
_refine.ls_R_factor_R_free_error                 ? 
_refine.ls_R_factor_R_free_error_details         ? 
_refine.ls_percent_reflns_R_free                 ? 
_refine.ls_number_reflns_R_free                  ? 
_refine.ls_number_parameters                     ? 
_refine.ls_number_restraints                     ? 
_refine.occupancy_min                            ? 
_refine.occupancy_max                            ? 
_refine.B_iso_mean                               ? 
_refine.aniso_B[1][1]                            ? 
_refine.aniso_B[2][2]                            ? 
_refine.aniso_B[3][3]                            ? 
_refine.aniso_B[1][2]                            ? 
_refine.aniso_B[1][3]                            ? 
_refine.aniso_B[2][3]                            ? 
_refine.solvent_model_details                    ? 
_refine.solvent_model_param_ksol                 ? 
_refine.solvent_model_param_bsol                 ? 
_refine.pdbx_ls_cross_valid_method               ? 
_refine.details                                  
;THERE ARE TWO REGIONS OF LOW (OR NO) DENSITY, CONSISTING
OF MET -4 - PRO 1 (N TERMINUS) AND PRO 148 - ALA 161 (C
TERMINUS).
;
_refine.pdbx_starting_model                      ? 
_refine.pdbx_method_to_determine_struct          ? 
_refine.pdbx_isotropic_thermal_model             ? 
_refine.pdbx_stereochemistry_target_values       ? 
_refine.pdbx_stereochem_target_val_spec_case     ? 
_refine.pdbx_R_Free_selection_details            ? 
_refine.pdbx_overall_ESU_R                       ? 
_refine.pdbx_overall_ESU_R_Free                  ? 
_refine.overall_SU_ML                            ? 
_refine.overall_SU_B                             ? 
_refine.pdbx_refine_id                           'X-RAY DIFFRACTION' 
_refine.pdbx_diffrn_id                           1 
_refine.pdbx_TLS_residual_ADP_flag               ? 
_refine.correlation_coeff_Fo_to_Fc               ? 
_refine.correlation_coeff_Fo_to_Fc_free          ? 
_refine.pdbx_solvent_vdw_probe_radii             ? 
_refine.pdbx_solvent_ion_probe_radii             ? 
_refine.pdbx_solvent_shrinkage_radii             ? 
_refine.pdbx_overall_phase_error                 ? 
_refine.overall_SU_R_Cruickshank_DPI             ? 
_refine.pdbx_overall_SU_R_free_Cruickshank_DPI   ? 
_refine.pdbx_overall_SU_R_Blow_DPI               ? 
_refine.pdbx_overall_SU_R_free_Blow_DPI          ? 
# 
_refine_hist.pdbx_refine_id                   'X-RAY DIFFRACTION' 
_refine_hist.cycle_id                         LAST 
_refine_hist.pdbx_number_atoms_protein        1175 
_refine_hist.pdbx_number_atoms_nucleic_acid   0 
_refine_hist.pdbx_number_atoms_ligand         0 
_refine_hist.number_atoms_solvent             0 
_refine_hist.number_atoms_total               1175 
_refine_hist.d_res_high                       2.8 
_refine_hist.d_res_low                        8.0 
# 
loop_
_refine_ls_restr.type 
_refine_ls_restr.dev_ideal 
_refine_ls_restr.dev_ideal_target 
_refine_ls_restr.weight 
_refine_ls_restr.number 
_refine_ls_restr.pdbx_refine_id 
_refine_ls_restr.pdbx_restraint_function 
p_bond_d            0.019 0.020 ? ? 'X-RAY DIFFRACTION' ? 
p_angle_d           0.048 0.030 ? ? 'X-RAY DIFFRACTION' ? 
p_angle_deg         ?     ?     ? ? 'X-RAY DIFFRACTION' ? 
p_planar_d          0.055 0.050 ? ? 'X-RAY DIFFRACTION' ? 
p_hb_or_metal_coord ?     ?     ? ? 'X-RAY DIFFRACTION' ? 
p_mcbond_it         1.913 1.500 ? ? 'X-RAY DIFFRACTION' ? 
p_mcangle_it        2.908 2.000 ? ? 'X-RAY DIFFRACTION' ? 
p_scbond_it         1.896 2.000 ? ? 'X-RAY DIFFRACTION' ? 
p_scangle_it        2.801 2.500 ? ? 'X-RAY DIFFRACTION' ? 
p_plane_restr       0.016 0.020 ? ? 'X-RAY DIFFRACTION' ? 
p_chiral_restr      0.208 0.150 ? ? 'X-RAY DIFFRACTION' ? 
p_singtor_nbd       0.203 0.300 ? ? 'X-RAY DIFFRACTION' ? 
p_multtor_nbd       0.252 0.300 ? ? 'X-RAY DIFFRACTION' ? 
p_xhyhbond_nbd      0.218 0.300 ? ? 'X-RAY DIFFRACTION' ? 
p_xyhbond_nbd       ?     ?     ? ? 'X-RAY DIFFRACTION' ? 
p_planar_tor        3.0   3.0   ? ? 'X-RAY DIFFRACTION' ? 
p_staggered_tor     28.0  15.0  ? ? 'X-RAY DIFFRACTION' ? 
p_orthonormal_tor   28.2  20.0  ? ? 'X-RAY DIFFRACTION' ? 
p_transverse_tor    ?     ?     ? ? 'X-RAY DIFFRACTION' ? 
p_special_tor       ?     ?     ? ? 'X-RAY DIFFRACTION' ? 
# 
_struct.entry_id                  1RIL 
_struct.title                     
'CRYSTAL STRUCTURE OF RIBONUCLEASE H FROM THERMUS THERMOPHILUS HB8 REFINED AT 2.8 ANGSTROMS RESOLUTION' 
_struct.pdbx_model_details        ? 
_struct.pdbx_CASP_flag            ? 
_struct.pdbx_model_type_details   ? 
# 
_struct_keywords.entry_id        1RIL 
_struct_keywords.pdbx_keywords   'HYDROLASE(ENDORIBONUCLEASE)' 
_struct_keywords.text            'HYDROLASE(ENDORIBONUCLEASE)' 
# 
_struct_asym.id                            A 
_struct_asym.pdbx_blank_PDB_chainid_flag   N 
_struct_asym.pdbx_modified                 N 
_struct_asym.entity_id                     1 
_struct_asym.details                       ? 
# 
_struct_ref.id                         1 
_struct_ref.db_name                    UNP 
_struct_ref.db_code                    RNH_THET8 
_struct_ref.entity_id                  1 
_struct_ref.pdbx_db_accession          P29253 
_struct_ref.pdbx_align_begin           1 
_struct_ref.pdbx_seq_one_letter_code   
;MNPSPRKRVALFTDGACLGNPGPGGWAALLRFHAHEKLLSGGEACTTNNRMELKAAIEGLKALKEPCEVDLYTDSHYLKK
AFTEGWLEGWRKRGWRTAEGKPVKNRDLWEALLLAMAPHRVRFHFVKGHTGHPENERVDREARRQAQSQAKTPCPPRAPT
LFHEEA
;
_struct_ref.pdbx_db_isoform            ? 
# 
_struct_ref_seq.align_id                      1 
_struct_ref_seq.ref_id                        1 
_struct_ref_seq.pdbx_PDB_id_code              1RIL 
_struct_ref_seq.pdbx_strand_id                A 
_struct_ref_seq.seq_align_beg                 1 
_struct_ref_seq.pdbx_seq_align_beg_ins_code   ? 
_struct_ref_seq.seq_align_end                 166 
_struct_ref_seq.pdbx_seq_align_end_ins_code   ? 
_struct_ref_seq.pdbx_db_accession             P29253 
_struct_ref_seq.db_align_beg                  1 
_struct_ref_seq.pdbx_db_align_beg_ins_code    ? 
_struct_ref_seq.db_align_end                  166 
_struct_ref_seq.pdbx_db_align_end_ins_code    ? 
_struct_ref_seq.pdbx_auth_seq_align_beg       -3 
_struct_ref_seq.pdbx_auth_seq_align_end       161 
# 
_pdbx_struct_assembly.id                   1 
_pdbx_struct_assembly.details              author_defined_assembly 
_pdbx_struct_assembly.method_details       ? 
_pdbx_struct_assembly.oligomeric_details   monomeric 
_pdbx_struct_assembly.oligomeric_count     1 
# 
_pdbx_struct_assembly_gen.assembly_id       1 
_pdbx_struct_assembly_gen.oper_expression   1 
_pdbx_struct_assembly_gen.asym_id_list      A 
# 
_pdbx_struct_oper_list.id                   1 
_pdbx_struct_oper_list.type                 'identity operation' 
_pdbx_struct_oper_list.name                 1_555 
_pdbx_struct_oper_list.symmetry_operation   x,y,z 
_pdbx_struct_oper_list.matrix[1][1]         1.0000000000 
_pdbx_struct_oper_list.matrix[1][2]         0.0000000000 
_pdbx_struct_oper_list.matrix[1][3]         0.0000000000 
_pdbx_struct_oper_list.vector[1]            0.0000000000 
_pdbx_struct_oper_list.matrix[2][1]         0.0000000000 
_pdbx_struct_oper_list.matrix[2][2]         1.0000000000 
_pdbx_struct_oper_list.matrix[2][3]         0.0000000000 
_pdbx_struct_oper_list.vector[2]            0.0000000000 
_pdbx_struct_oper_list.matrix[3][1]         0.0000000000 
_pdbx_struct_oper_list.matrix[3][2]         0.0000000000 
_pdbx_struct_oper_list.matrix[3][3]         1.0000000000 
_pdbx_struct_oper_list.vector[3]            0.0000000000 
# 
_struct_biol.id   1 
# 
loop_
_struct_conf.conf_type_id 
_struct_conf.id 
_struct_conf.pdbx_PDB_helix_id 
_struct_conf.beg_label_comp_id 
_struct_conf.beg_label_asym_id 
_struct_conf.beg_label_seq_id 
_struct_conf.pdbx_beg_PDB_ins_code 
_struct_conf.end_label_comp_id 
_struct_conf.end_label_asym_id 
_struct_conf.end_label_seq_id 
_struct_conf.pdbx_end_PDB_ins_code 
_struct_conf.beg_auth_comp_id 
_struct_conf.beg_auth_asym_id 
_struct_conf.beg_auth_seq_id 
_struct_conf.end_auth_comp_id 
_struct_conf.end_auth_asym_id 
_struct_conf.end_auth_seq_id 
_struct_conf.pdbx_PDB_helix_class 
_struct_conf.details 
_struct_conf.pdbx_PDB_helix_length 
HELX_P HELX_P1 A1  THR A 47  ? ALA A 62  ? THR A 43  ALA A 58  1 ? 16 
HELX_P HELX_P2 3H1 GLY A 59  ? LEU A 63  ? GLY A 55  LEU A 59  5 ? 5  
HELX_P HELX_P3 A2  SER A 75  ? GLU A 84  ? SER A 71  GLU A 80  1 ? 10 
HELX_P HELX_P4 A3  TRP A 86  ? GLY A 94  ? TRP A 81  GLY A 89  1 ? 9  
HELX_P HELX_P5 A4  ASN A 105 ? ALA A 117 ? ASN A 100 ALA A 112 1 ? 13 
HELX_P HELX_P6 A5  ASN A 135 ? GLN A 147 ? ASN A 130 GLN A 142 1 ? 13 
HELX_P HELX_P7 3H2 ARG A 143 ? SER A 148 ? ARG A 138 SER A 143 5 ? 6  
# 
_struct_conf_type.id          HELX_P 
_struct_conf_type.criteria    ? 
_struct_conf_type.reference   ? 
# 
_struct_mon_prot_cis.pdbx_id                1 
_struct_mon_prot_cis.label_comp_id          ASN 
_struct_mon_prot_cis.label_seq_id           20 
_struct_mon_prot_cis.label_asym_id          A 
_struct_mon_prot_cis.label_alt_id           . 
_struct_mon_prot_cis.pdbx_PDB_ins_code      ? 
_struct_mon_prot_cis.auth_comp_id           ASN 
_struct_mon_prot_cis.auth_seq_id            16 
_struct_mon_prot_cis.auth_asym_id           A 
_struct_mon_prot_cis.pdbx_label_comp_id_2   PRO 
_struct_mon_prot_cis.pdbx_label_seq_id_2    21 
_struct_mon_prot_cis.pdbx_label_asym_id_2   A 
_struct_mon_prot_cis.pdbx_PDB_ins_code_2    ? 
_struct_mon_prot_cis.pdbx_auth_comp_id_2    PRO 
_struct_mon_prot_cis.pdbx_auth_seq_id_2     17 
_struct_mon_prot_cis.pdbx_auth_asym_id_2    A 
_struct_mon_prot_cis.pdbx_PDB_model_num     1 
_struct_mon_prot_cis.pdbx_omega_angle       0.13 
# 
_struct_sheet.id               S1 
_struct_sheet.type             ? 
_struct_sheet.number_strands   5 
_struct_sheet.details          ? 
# 
loop_
_struct_sheet_order.sheet_id 
_struct_sheet_order.range_id_1 
_struct_sheet_order.range_id_2 
_struct_sheet_order.offset 
_struct_sheet_order.sense 
S1 1 2 ? anti-parallel 
S1 2 3 ? anti-parallel 
S1 3 4 ? parallel      
S1 4 5 ? parallel      
# 
loop_
_struct_sheet_range.sheet_id 
_struct_sheet_range.id 
_struct_sheet_range.beg_label_comp_id 
_struct_sheet_range.beg_label_asym_id 
_struct_sheet_range.beg_label_seq_id 
_struct_sheet_range.pdbx_beg_PDB_ins_code 
_struct_sheet_range.end_label_comp_id 
_struct_sheet_range.end_label_asym_id 
_struct_sheet_range.end_label_seq_id 
_struct_sheet_range.pdbx_end_PDB_ins_code 
_struct_sheet_range.beg_auth_comp_id 
_struct_sheet_range.beg_auth_asym_id 
_struct_sheet_range.beg_auth_seq_id 
_struct_sheet_range.end_auth_comp_id 
_struct_sheet_range.end_auth_asym_id 
_struct_sheet_range.end_auth_seq_id 
S1 1 HIS A 35  ? GLU A 43  ? HIS A 31  GLU A 39  
S1 2 PRO A 23  ? PHE A 32  ? PRO A 19  PHE A 28  
S1 3 VAL A 9   ? LEU A 18  ? VAL A 5   LEU A 14  
S1 4 CYS A 67  ? THR A 73  ? CYS A 63  THR A 69  
S1 5 ARG A 120 ? HIS A 124 ? ARG A 115 HIS A 119 
# 
loop_
_pdbx_struct_sheet_hbond.sheet_id 
_pdbx_struct_sheet_hbond.range_id_1 
_pdbx_struct_sheet_hbond.range_id_2 
_pdbx_struct_sheet_hbond.range_1_label_atom_id 
_pdbx_struct_sheet_hbond.range_1_label_comp_id 
_pdbx_struct_sheet_hbond.range_1_label_asym_id 
_pdbx_struct_sheet_hbond.range_1_label_seq_id 
_pdbx_struct_sheet_hbond.range_1_PDB_ins_code 
_pdbx_struct_sheet_hbond.range_1_auth_atom_id 
_pdbx_struct_sheet_hbond.range_1_auth_comp_id 
_pdbx_struct_sheet_hbond.range_1_auth_asym_id 
_pdbx_struct_sheet_hbond.range_1_auth_seq_id 
_pdbx_struct_sheet_hbond.range_2_label_atom_id 
_pdbx_struct_sheet_hbond.range_2_label_comp_id 
_pdbx_struct_sheet_hbond.range_2_label_asym_id 
_pdbx_struct_sheet_hbond.range_2_label_seq_id 
_pdbx_struct_sheet_hbond.range_2_PDB_ins_code 
_pdbx_struct_sheet_hbond.range_2_auth_atom_id 
_pdbx_struct_sheet_hbond.range_2_auth_comp_id 
_pdbx_struct_sheet_hbond.range_2_auth_asym_id 
_pdbx_struct_sheet_hbond.range_2_auth_seq_id 
S1 1 2 N HIS A 35 ? N HIS A 31 O PHE A 32  ? O PHE A 28  
S1 2 3 O ARG A 31 ? O ARG A 27 N ALA A 10  ? N ALA A 6   
S1 3 4 N VAL A 9  ? N VAL A 5  O GLU A 68  ? O GLU A 64  
S1 4 5 O CYS A 67 ? O CYS A 63 N ARG A 120 ? N ARG A 115 
# 
_struct_site.id                   MG 
_struct_site.pdbx_evidence_code   Unknown 
_struct_site.pdbx_auth_asym_id    ? 
_struct_site.pdbx_auth_comp_id    ? 
_struct_site.pdbx_auth_seq_id     ? 
_struct_site.pdbx_auth_ins_code   ? 
_struct_site.pdbx_num_residues    3 
_struct_site.details              ? 
# 
loop_
_struct_site_gen.id 
_struct_site_gen.site_id 
_struct_site_gen.pdbx_num_res 
_struct_site_gen.label_comp_id 
_struct_site_gen.label_asym_id 
_struct_site_gen.label_seq_id 
_struct_site_gen.pdbx_auth_ins_code 
_struct_site_gen.auth_comp_id 
_struct_site_gen.auth_asym_id 
_struct_site_gen.auth_seq_id 
_struct_site_gen.label_atom_id 
_struct_site_gen.label_alt_id 
_struct_site_gen.symmetry 
_struct_site_gen.details 
1 MG 3 ASP A 14 ? ASP A 10 . ? 1_555 ? 
2 MG 3 GLU A 52 ? GLU A 48 . ? 1_555 ? 
3 MG 3 ASP A 74 ? ASP A 70 . ? 1_555 ? 
# 
loop_
_pdbx_validate_rmsd_angle.id 
_pdbx_validate_rmsd_angle.PDB_model_num 
_pdbx_validate_rmsd_angle.auth_atom_id_1 
_pdbx_validate_rmsd_angle.auth_asym_id_1 
_pdbx_validate_rmsd_angle.auth_comp_id_1 
_pdbx_validate_rmsd_angle.auth_seq_id_1 
_pdbx_validate_rmsd_angle.PDB_ins_code_1 
_pdbx_validate_rmsd_angle.label_alt_id_1 
_pdbx_validate_rmsd_angle.auth_atom_id_2 
_pdbx_validate_rmsd_angle.auth_asym_id_2 
_pdbx_validate_rmsd_angle.auth_comp_id_2 
_pdbx_validate_rmsd_angle.auth_seq_id_2 
_pdbx_validate_rmsd_angle.PDB_ins_code_2 
_pdbx_validate_rmsd_angle.label_alt_id_2 
_pdbx_validate_rmsd_angle.auth_atom_id_3 
_pdbx_validate_rmsd_angle.auth_asym_id_3 
_pdbx_validate_rmsd_angle.auth_comp_id_3 
_pdbx_validate_rmsd_angle.auth_seq_id_3 
_pdbx_validate_rmsd_angle.PDB_ins_code_3 
_pdbx_validate_rmsd_angle.label_alt_id_3 
_pdbx_validate_rmsd_angle.angle_value 
_pdbx_validate_rmsd_angle.angle_target_value 
_pdbx_validate_rmsd_angle.angle_deviation 
_pdbx_validate_rmsd_angle.angle_standard_deviation 
_pdbx_validate_rmsd_angle.linker_flag 
1  1 CG  A ARG 2   ? ? CD A ARG 2   ? ? NE  A ARG 2   ? ? 128.99 111.80 17.19  2.10 N 
2  1 CD  A ARG 2   ? ? NE A ARG 2   ? ? CZ  A ARG 2   ? ? 137.85 123.60 14.25  1.40 N 
3  1 NE  A ARG 2   ? ? CZ A ARG 2   ? ? NH1 A ARG 2   ? ? 125.03 120.30 4.73   0.50 N 
4  1 NE  A ARG 2   ? ? CZ A ARG 2   ? ? NH2 A ARG 2   ? ? 116.58 120.30 -3.72  0.50 N 
5  1 O   A PHE 28  ? ? C  A PHE 28  ? ? N   A HIS 29  ? ? 133.46 122.70 10.76  1.60 Y 
6  1 CA  A GLU 48  ? ? CB A GLU 48  ? ? CG  A GLU 48  ? ? 127.56 113.40 14.16  2.20 N 
7  1 CA  A LEU 59  ? ? CB A LEU 59  ? ? CG  A LEU 59  ? ? 144.86 115.30 29.56  2.30 N 
8  1 CA  A GLU 61  ? ? CB A GLU 61  ? ? CG  A GLU 61  ? ? 127.88 113.40 14.48  2.20 N 
9  1 CB  A ASP 66  ? ? CG A ASP 66  ? ? OD1 A ASP 66  ? ? 125.11 118.30 6.81   0.90 N 
10 1 CB  A LEU 67  ? ? CA A LEU 67  ? ? C   A LEU 67  ? ? 123.26 110.20 13.06  1.90 N 
11 1 OE1 A GLU 80  ? ? CD A GLU 80  ? ? OE2 A GLU 80  ? ? 133.35 123.30 10.05  1.20 N 
12 1 CA  A ARG 86  ? ? CB A ARG 86  ? ? CG  A ARG 86  ? ? 129.68 113.40 16.28  2.20 N 
13 1 NE  A ARG 88  ? ? CZ A ARG 88  ? ? NH2 A ARG 88  ? ? 116.39 120.30 -3.91  0.50 N 
14 1 CD  A ARG 91  ? ? NE A ARG 91  ? ? CZ  A ARG 91  ? ? 134.02 123.60 10.42  1.40 N 
15 1 NE  A ARG 91  ? ? CZ A ARG 91  ? ? NH1 A ARG 91  ? ? 115.05 120.30 -5.25  0.50 N 
16 1 NE  A ARG 91  ? ? CZ A ARG 91  ? ? NH2 A ARG 91  ? ? 125.27 120.30 4.97   0.50 N 
17 1 N   A THR 92  ? ? CA A THR 92  ? ? CB  A THR 92  ? ? 98.65  110.30 -11.65 1.90 N 
18 1 NE  A ARG 101 ? ? CZ A ARG 101 ? ? NH1 A ARG 101 ? ? 125.16 120.30 4.86   0.50 N 
19 1 CB  A ASP 102 ? ? CG A ASP 102 ? ? OD2 A ASP 102 ? ? 112.82 118.30 -5.48  0.90 N 
20 1 CA  A LEU 103 ? ? CB A LEU 103 ? ? CG  A LEU 103 ? ? 131.60 115.30 16.30  2.30 N 
21 1 CA  A GLU 105 ? ? CB A GLU 105 ? ? CG  A GLU 105 ? ? 126.94 113.40 13.54  2.20 N 
22 1 O   A ALA 106 ? ? C  A ALA 106 ? ? N   A LEU 107 ? ? 134.15 122.70 11.45  1.60 Y 
23 1 CG  A ARG 115 ? ? CD A ARG 115 ? ? NE  A ARG 115 ? ? 128.35 111.80 16.55  2.10 N 
24 1 N   A ARG 117 ? ? CA A ARG 117 ? ? CB  A ARG 117 ? ? 123.24 110.60 12.64  1.80 N 
25 1 CA  A ARG 117 ? ? CB A ARG 117 ? ? CG  A ARG 117 ? ? 135.93 113.40 22.53  2.20 N 
26 1 NE  A ARG 117 ? ? CZ A ARG 117 ? ? NH1 A ARG 117 ? ? 116.05 120.30 -4.25  0.50 N 
27 1 N   A HIS 119 ? ? CA A HIS 119 ? ? CB  A HIS 119 ? ? 121.91 110.60 11.31  1.80 N 
28 1 CA  A HIS 127 ? ? CB A HIS 127 ? ? CG  A HIS 127 ? ? 101.25 113.60 -12.35 1.70 N 
29 1 CD  A ARG 132 ? ? NE A ARG 132 ? ? CZ  A ARG 132 ? ? 137.93 123.60 14.33  1.40 N 
30 1 NE  A ARG 132 ? ? CZ A ARG 132 ? ? NH1 A ARG 132 ? ? 123.47 120.30 3.17   0.50 N 
31 1 N   A VAL 133 ? ? CA A VAL 133 ? ? CB  A VAL 133 ? ? 96.23  111.50 -15.27 2.20 N 
32 1 CG1 A VAL 133 ? ? CB A VAL 133 ? ? CG2 A VAL 133 ? ? 121.51 110.90 10.61  1.60 N 
33 1 CA  A ASP 134 ? ? CB A ASP 134 ? ? CG  A ASP 134 ? ? 131.35 113.40 17.95  2.20 N 
34 1 CD  A ARG 135 ? ? NE A ARG 135 ? ? CZ  A ARG 135 ? ? 143.02 123.60 19.42  1.40 N 
35 1 NE  A ARG 135 ? ? CZ A ARG 135 ? ? NH1 A ARG 135 ? ? 117.29 120.30 -3.01  0.50 N 
36 1 CD  A ARG 139 ? ? NE A ARG 139 ? ? CZ  A ARG 139 ? ? 153.83 123.60 30.23  1.40 N 
37 1 NE  A ARG 139 ? ? CZ A ARG 139 ? ? NH1 A ARG 139 ? ? 115.64 120.30 -4.66  0.50 N 
38 1 NE  A ARG 139 ? ? CZ A ARG 139 ? ? NH2 A ARG 139 ? ? 126.46 120.30 6.16   0.50 N 
# 
loop_
_pdbx_validate_torsion.id 
_pdbx_validate_torsion.PDB_model_num 
_pdbx_validate_torsion.auth_comp_id 
_pdbx_validate_torsion.auth_asym_id 
_pdbx_validate_torsion.auth_seq_id 
_pdbx_validate_torsion.PDB_ins_code 
_pdbx_validate_torsion.label_alt_id 
_pdbx_validate_torsion.phi 
_pdbx_validate_torsion.psi 
1  1 LYS A 3   ? ? 131.42  105.44  
2  1 ASP A 10  ? ? -170.41 147.49  
3  1 TRP A 22  ? ? -123.40 -162.53 
4  1 ALA A 23  ? ? 178.62  145.07  
5  1 ARG A 27  ? ? -59.95  91.51   
6  1 ALA A 30  ? ? -154.69 83.92   
7  1 HIS A 31  ? ? 146.55  143.32  
8  1 THR A 42  ? ? -174.03 -170.66 
9  1 ASN A 44  ? ? -24.22  -58.62  
10 1 PRO A 62  ? ? -44.35  100.97  
11 1 LYS A 76  ? ? -55.92  -80.82  
12 1 ALA A 77  ? ? -36.84  -32.53  
13 1 GLU A 80  ? ? -92.53  31.95   
14 1 TRP A 81  ? ? -50.22  -72.01  
15 1 VAL A 98  ? ? -31.75  138.49  
16 1 ASN A 100 ? ? 72.31   36.29   
17 1 ALA A 112 ? ? -21.23  -72.13  
18 1 ARG A 115 ? ? -115.69 78.33   
19 1 LYS A 122 ? ? -57.22  98.32   
20 1 HIS A 124 ? ? -73.50  22.15   
21 1 GLN A 144 ? ? -127.63 -152.54 
22 1 LYS A 146 ? ? -104.58 61.53   
# 
_pdbx_entry_details.entry_id                 1RIL 
_pdbx_entry_details.compound_details         ? 
_pdbx_entry_details.source_details           ? 
_pdbx_entry_details.nonpolymer_details       ? 
_pdbx_entry_details.sequence_details         
;THE NUMBERING OF THE AMINO ACIDS CONFORMS TO THAT OF
ESCHERICHIA COLI RNASE HI, IN ORDER TO FACILITATE THE
COMPARISON BETWEEN THE TWO ENZYMES.  THERE IS A SINGLE
INSERTION BETWEEN RESIDUES 80 AND 81, NUMBERED 80B.
;
_pdbx_entry_details.has_ligand_of_interest   ? 
# 
loop_
_pdbx_unobs_or_zero_occ_residues.id 
_pdbx_unobs_or_zero_occ_residues.PDB_model_num 
_pdbx_unobs_or_zero_occ_residues.polymer_flag 
_pdbx_unobs_or_zero_occ_residues.occupancy_flag 
_pdbx_unobs_or_zero_occ_residues.auth_asym_id 
_pdbx_unobs_or_zero_occ_residues.auth_comp_id 
_pdbx_unobs_or_zero_occ_residues.auth_seq_id 
_pdbx_unobs_or_zero_occ_residues.PDB_ins_code 
_pdbx_unobs_or_zero_occ_residues.label_asym_id 
_pdbx_unobs_or_zero_occ_residues.label_comp_id 
_pdbx_unobs_or_zero_occ_residues.label_seq_id 
1  1 Y 1 A MET -3  ? A MET 1   
2  1 Y 1 A ASN -2  ? A ASN 2   
3  1 Y 1 A PRO -1  ? A PRO 3   
4  1 Y 1 A SER 0   ? A SER 4   
5  1 Y 1 A PRO 1   ? A PRO 5   
6  1 Y 1 A PRO 148 ? A PRO 153 
7  1 Y 1 A CYS 149 ? A CYS 154 
8  1 Y 1 A PRO 150 ? A PRO 155 
9  1 Y 1 A PRO 151 ? A PRO 156 
10 1 Y 1 A ARG 152 ? A ARG 157 
11 1 Y 1 A ALA 153 ? A ALA 158 
12 1 Y 1 A PRO 154 ? A PRO 159 
13 1 Y 1 A THR 155 ? A THR 160 
14 1 Y 1 A LEU 156 ? A LEU 161 
15 1 Y 1 A PHE 157 ? A PHE 162 
16 1 Y 1 A HIS 158 ? A HIS 163 
17 1 Y 1 A GLU 159 ? A GLU 164 
18 1 Y 1 A GLU 160 ? A GLU 165 
19 1 Y 1 A ALA 161 ? A ALA 166 
# 
loop_
_chem_comp_atom.comp_id 
_chem_comp_atom.atom_id 
_chem_comp_atom.type_symbol 
_chem_comp_atom.pdbx_aromatic_flag 
_chem_comp_atom.pdbx_stereo_config 
_chem_comp_atom.pdbx_ordinal 
ALA N    N N N 1   
ALA CA   C N S 2   
ALA C    C N N 3   
ALA O    O N N 4   
ALA CB   C N N 5   
ALA OXT  O N N 6   
ALA H    H N N 7   
ALA H2   H N N 8   
ALA HA   H N N 9   
ALA HB1  H N N 10  
ALA HB2  H N N 11  
ALA HB3  H N N 12  
ALA HXT  H N N 13  
ARG N    N N N 14  
ARG CA   C N S 15  
ARG C    C N N 16  
ARG O    O N N 17  
ARG CB   C N N 18  
ARG CG   C N N 19  
ARG CD   C N N 20  
ARG NE   N N N 21  
ARG CZ   C N N 22  
ARG NH1  N N N 23  
ARG NH2  N N N 24  
ARG OXT  O N N 25  
ARG H    H N N 26  
ARG H2   H N N 27  
ARG HA   H N N 28  
ARG HB2  H N N 29  
ARG HB3  H N N 30  
ARG HG2  H N N 31  
ARG HG3  H N N 32  
ARG HD2  H N N 33  
ARG HD3  H N N 34  
ARG HE   H N N 35  
ARG HH11 H N N 36  
ARG HH12 H N N 37  
ARG HH21 H N N 38  
ARG HH22 H N N 39  
ARG HXT  H N N 40  
ASN N    N N N 41  
ASN CA   C N S 42  
ASN C    C N N 43  
ASN O    O N N 44  
ASN CB   C N N 45  
ASN CG   C N N 46  
ASN OD1  O N N 47  
ASN ND2  N N N 48  
ASN OXT  O N N 49  
ASN H    H N N 50  
ASN H2   H N N 51  
ASN HA   H N N 52  
ASN HB2  H N N 53  
ASN HB3  H N N 54  
ASN HD21 H N N 55  
ASN HD22 H N N 56  
ASN HXT  H N N 57  
ASP N    N N N 58  
ASP CA   C N S 59  
ASP C    C N N 60  
ASP O    O N N 61  
ASP CB   C N N 62  
ASP CG   C N N 63  
ASP OD1  O N N 64  
ASP OD2  O N N 65  
ASP OXT  O N N 66  
ASP H    H N N 67  
ASP H2   H N N 68  
ASP HA   H N N 69  
ASP HB2  H N N 70  
ASP HB3  H N N 71  
ASP HD2  H N N 72  
ASP HXT  H N N 73  
CYS N    N N N 74  
CYS CA   C N R 75  
CYS C    C N N 76  
CYS O    O N N 77  
CYS CB   C N N 78  
CYS SG   S N N 79  
CYS OXT  O N N 80  
CYS H    H N N 81  
CYS H2   H N N 82  
CYS HA   H N N 83  
CYS HB2  H N N 84  
CYS HB3  H N N 85  
CYS HG   H N N 86  
CYS HXT  H N N 87  
GLN N    N N N 88  
GLN CA   C N S 89  
GLN C    C N N 90  
GLN O    O N N 91  
GLN CB   C N N 92  
GLN CG   C N N 93  
GLN CD   C N N 94  
GLN OE1  O N N 95  
GLN NE2  N N N 96  
GLN OXT  O N N 97  
GLN H    H N N 98  
GLN H2   H N N 99  
GLN HA   H N N 100 
GLN HB2  H N N 101 
GLN HB3  H N N 102 
GLN HG2  H N N 103 
GLN HG3  H N N 104 
GLN HE21 H N N 105 
GLN HE22 H N N 106 
GLN HXT  H N N 107 
GLU N    N N N 108 
GLU CA   C N S 109 
GLU C    C N N 110 
GLU O    O N N 111 
GLU CB   C N N 112 
GLU CG   C N N 113 
GLU CD   C N N 114 
GLU OE1  O N N 115 
GLU OE2  O N N 116 
GLU OXT  O N N 117 
GLU H    H N N 118 
GLU H2   H N N 119 
GLU HA   H N N 120 
GLU HB2  H N N 121 
GLU HB3  H N N 122 
GLU HG2  H N N 123 
GLU HG3  H N N 124 
GLU HE2  H N N 125 
GLU HXT  H N N 126 
GLY N    N N N 127 
GLY CA   C N N 128 
GLY C    C N N 129 
GLY O    O N N 130 
GLY OXT  O N N 131 
GLY H    H N N 132 
GLY H2   H N N 133 
GLY HA2  H N N 134 
GLY HA3  H N N 135 
GLY HXT  H N N 136 
HIS N    N N N 137 
HIS CA   C N S 138 
HIS C    C N N 139 
HIS O    O N N 140 
HIS CB   C N N 141 
HIS CG   C Y N 142 
HIS ND1  N Y N 143 
HIS CD2  C Y N 144 
HIS CE1  C Y N 145 
HIS NE2  N Y N 146 
HIS OXT  O N N 147 
HIS H    H N N 148 
HIS H2   H N N 149 
HIS HA   H N N 150 
HIS HB2  H N N 151 
HIS HB3  H N N 152 
HIS HD1  H N N 153 
HIS HD2  H N N 154 
HIS HE1  H N N 155 
HIS HE2  H N N 156 
HIS HXT  H N N 157 
ILE N    N N N 158 
ILE CA   C N S 159 
ILE C    C N N 160 
ILE O    O N N 161 
ILE CB   C N S 162 
ILE CG1  C N N 163 
ILE CG2  C N N 164 
ILE CD1  C N N 165 
ILE OXT  O N N 166 
ILE H    H N N 167 
ILE H2   H N N 168 
ILE HA   H N N 169 
ILE HB   H N N 170 
ILE HG12 H N N 171 
ILE HG13 H N N 172 
ILE HG21 H N N 173 
ILE HG22 H N N 174 
ILE HG23 H N N 175 
ILE HD11 H N N 176 
ILE HD12 H N N 177 
ILE HD13 H N N 178 
ILE HXT  H N N 179 
LEU N    N N N 180 
LEU CA   C N S 181 
LEU C    C N N 182 
LEU O    O N N 183 
LEU CB   C N N 184 
LEU CG   C N N 185 
LEU CD1  C N N 186 
LEU CD2  C N N 187 
LEU OXT  O N N 188 
LEU H    H N N 189 
LEU H2   H N N 190 
LEU HA   H N N 191 
LEU HB2  H N N 192 
LEU HB3  H N N 193 
LEU HG   H N N 194 
LEU HD11 H N N 195 
LEU HD12 H N N 196 
LEU HD13 H N N 197 
LEU HD21 H N N 198 
LEU HD22 H N N 199 
LEU HD23 H N N 200 
LEU HXT  H N N 201 
LYS N    N N N 202 
LYS CA   C N S 203 
LYS C    C N N 204 
LYS O    O N N 205 
LYS CB   C N N 206 
LYS CG   C N N 207 
LYS CD   C N N 208 
LYS CE   C N N 209 
LYS NZ   N N N 210 
LYS OXT  O N N 211 
LYS H    H N N 212 
LYS H2   H N N 213 
LYS HA   H N N 214 
LYS HB2  H N N 215 
LYS HB3  H N N 216 
LYS HG2  H N N 217 
LYS HG3  H N N 218 
LYS HD2  H N N 219 
LYS HD3  H N N 220 
LYS HE2  H N N 221 
LYS HE3  H N N 222 
LYS HZ1  H N N 223 
LYS HZ2  H N N 224 
LYS HZ3  H N N 225 
LYS HXT  H N N 226 
MET N    N N N 227 
MET CA   C N S 228 
MET C    C N N 229 
MET O    O N N 230 
MET CB   C N N 231 
MET CG   C N N 232 
MET SD   S N N 233 
MET CE   C N N 234 
MET OXT  O N N 235 
MET H    H N N 236 
MET H2   H N N 237 
MET HA   H N N 238 
MET HB2  H N N 239 
MET HB3  H N N 240 
MET HG2  H N N 241 
MET HG3  H N N 242 
MET HE1  H N N 243 
MET HE2  H N N 244 
MET HE3  H N N 245 
MET HXT  H N N 246 
PHE N    N N N 247 
PHE CA   C N S 248 
PHE C    C N N 249 
PHE O    O N N 250 
PHE CB   C N N 251 
PHE CG   C Y N 252 
PHE CD1  C Y N 253 
PHE CD2  C Y N 254 
PHE CE1  C Y N 255 
PHE CE2  C Y N 256 
PHE CZ   C Y N 257 
PHE OXT  O N N 258 
PHE H    H N N 259 
PHE H2   H N N 260 
PHE HA   H N N 261 
PHE HB2  H N N 262 
PHE HB3  H N N 263 
PHE HD1  H N N 264 
PHE HD2  H N N 265 
PHE HE1  H N N 266 
PHE HE2  H N N 267 
PHE HZ   H N N 268 
PHE HXT  H N N 269 
PRO N    N N N 270 
PRO CA   C N S 271 
PRO C    C N N 272 
PRO O    O N N 273 
PRO CB   C N N 274 
PRO CG   C N N 275 
PRO CD   C N N 276 
PRO OXT  O N N 277 
PRO H    H N N 278 
PRO HA   H N N 279 
PRO HB2  H N N 280 
PRO HB3  H N N 281 
PRO HG2  H N N 282 
PRO HG3  H N N 283 
PRO HD2  H N N 284 
PRO HD3  H N N 285 
PRO HXT  H N N 286 
SER N    N N N 287 
SER CA   C N S 288 
SER C    C N N 289 
SER O    O N N 290 
SER CB   C N N 291 
SER OG   O N N 292 
SER OXT  O N N 293 
SER H    H N N 294 
SER H2   H N N 295 
SER HA   H N N 296 
SER HB2  H N N 297 
SER HB3  H N N 298 
SER HG   H N N 299 
SER HXT  H N N 300 
THR N    N N N 301 
THR CA   C N S 302 
THR C    C N N 303 
THR O    O N N 304 
THR CB   C N R 305 
THR OG1  O N N 306 
THR CG2  C N N 307 
THR OXT  O N N 308 
THR H    H N N 309 
THR H2   H N N 310 
THR HA   H N N 311 
THR HB   H N N 312 
THR HG1  H N N 313 
THR HG21 H N N 314 
THR HG22 H N N 315 
THR HG23 H N N 316 
THR HXT  H N N 317 
TRP N    N N N 318 
TRP CA   C N S 319 
TRP C    C N N 320 
TRP O    O N N 321 
TRP CB   C N N 322 
TRP CG   C Y N 323 
TRP CD1  C Y N 324 
TRP CD2  C Y N 325 
TRP NE1  N Y N 326 
TRP CE2  C Y N 327 
TRP CE3  C Y N 328 
TRP CZ2  C Y N 329 
TRP CZ3  C Y N 330 
TRP CH2  C Y N 331 
TRP OXT  O N N 332 
TRP H    H N N 333 
TRP H2   H N N 334 
TRP HA   H N N 335 
TRP HB2  H N N 336 
TRP HB3  H N N 337 
TRP HD1  H N N 338 
TRP HE1  H N N 339 
TRP HE3  H N N 340 
TRP HZ2  H N N 341 
TRP HZ3  H N N 342 
TRP HH2  H N N 343 
TRP HXT  H N N 344 
TYR N    N N N 345 
TYR CA   C N S 346 
TYR C    C N N 347 
TYR O    O N N 348 
TYR CB   C N N 349 
TYR CG   C Y N 350 
TYR CD1  C Y N 351 
TYR CD2  C Y N 352 
TYR CE1  C Y N 353 
TYR CE2  C Y N 354 
TYR CZ   C Y N 355 
TYR OH   O N N 356 
TYR OXT  O N N 357 
TYR H    H N N 358 
TYR H2   H N N 359 
TYR HA   H N N 360 
TYR HB2  H N N 361 
TYR HB3  H N N 362 
TYR HD1  H N N 363 
TYR HD2  H N N 364 
TYR HE1  H N N 365 
TYR HE2  H N N 366 
TYR HH   H N N 367 
TYR HXT  H N N 368 
VAL N    N N N 369 
VAL CA   C N S 370 
VAL C    C N N 371 
VAL O    O N N 372 
VAL CB   C N N 373 
VAL CG1  C N N 374 
VAL CG2  C N N 375 
VAL OXT  O N N 376 
VAL H    H N N 377 
VAL H2   H N N 378 
VAL HA   H N N 379 
VAL HB   H N N 380 
VAL HG11 H N N 381 
VAL HG12 H N N 382 
VAL HG13 H N N 383 
VAL HG21 H N N 384 
VAL HG22 H N N 385 
VAL HG23 H N N 386 
VAL HXT  H N N 387 
# 
loop_
_chem_comp_bond.comp_id 
_chem_comp_bond.atom_id_1 
_chem_comp_bond.atom_id_2 
_chem_comp_bond.value_order 
_chem_comp_bond.pdbx_aromatic_flag 
_chem_comp_bond.pdbx_stereo_config 
_chem_comp_bond.pdbx_ordinal 
ALA N   CA   sing N N 1   
ALA N   H    sing N N 2   
ALA N   H2   sing N N 3   
ALA CA  C    sing N N 4   
ALA CA  CB   sing N N 5   
ALA CA  HA   sing N N 6   
ALA C   O    doub N N 7   
ALA C   OXT  sing N N 8   
ALA CB  HB1  sing N N 9   
ALA CB  HB2  sing N N 10  
ALA CB  HB3  sing N N 11  
ALA OXT HXT  sing N N 12  
ARG N   CA   sing N N 13  
ARG N   H    sing N N 14  
ARG N   H2   sing N N 15  
ARG CA  C    sing N N 16  
ARG CA  CB   sing N N 17  
ARG CA  HA   sing N N 18  
ARG C   O    doub N N 19  
ARG C   OXT  sing N N 20  
ARG CB  CG   sing N N 21  
ARG CB  HB2  sing N N 22  
ARG CB  HB3  sing N N 23  
ARG CG  CD   sing N N 24  
ARG CG  HG2  sing N N 25  
ARG CG  HG3  sing N N 26  
ARG CD  NE   sing N N 27  
ARG CD  HD2  sing N N 28  
ARG CD  HD3  sing N N 29  
ARG NE  CZ   sing N N 30  
ARG NE  HE   sing N N 31  
ARG CZ  NH1  sing N N 32  
ARG CZ  NH2  doub N N 33  
ARG NH1 HH11 sing N N 34  
ARG NH1 HH12 sing N N 35  
ARG NH2 HH21 sing N N 36  
ARG NH2 HH22 sing N N 37  
ARG OXT HXT  sing N N 38  
ASN N   CA   sing N N 39  
ASN N   H    sing N N 40  
ASN N   H2   sing N N 41  
ASN CA  C    sing N N 42  
ASN CA  CB   sing N N 43  
ASN CA  HA   sing N N 44  
ASN C   O    doub N N 45  
ASN C   OXT  sing N N 46  
ASN CB  CG   sing N N 47  
ASN CB  HB2  sing N N 48  
ASN CB  HB3  sing N N 49  
ASN CG  OD1  doub N N 50  
ASN CG  ND2  sing N N 51  
ASN ND2 HD21 sing N N 52  
ASN ND2 HD22 sing N N 53  
ASN OXT HXT  sing N N 54  
ASP N   CA   sing N N 55  
ASP N   H    sing N N 56  
ASP N   H2   sing N N 57  
ASP CA  C    sing N N 58  
ASP CA  CB   sing N N 59  
ASP CA  HA   sing N N 60  
ASP C   O    doub N N 61  
ASP C   OXT  sing N N 62  
ASP CB  CG   sing N N 63  
ASP CB  HB2  sing N N 64  
ASP CB  HB3  sing N N 65  
ASP CG  OD1  doub N N 66  
ASP CG  OD2  sing N N 67  
ASP OD2 HD2  sing N N 68  
ASP OXT HXT  sing N N 69  
CYS N   CA   sing N N 70  
CYS N   H    sing N N 71  
CYS N   H2   sing N N 72  
CYS CA  C    sing N N 73  
CYS CA  CB   sing N N 74  
CYS CA  HA   sing N N 75  
CYS C   O    doub N N 76  
CYS C   OXT  sing N N 77  
CYS CB  SG   sing N N 78  
CYS CB  HB2  sing N N 79  
CYS CB  HB3  sing N N 80  
CYS SG  HG   sing N N 81  
CYS OXT HXT  sing N N 82  
GLN N   CA   sing N N 83  
GLN N   H    sing N N 84  
GLN N   H2   sing N N 85  
GLN CA  C    sing N N 86  
GLN CA  CB   sing N N 87  
GLN CA  HA   sing N N 88  
GLN C   O    doub N N 89  
GLN C   OXT  sing N N 90  
GLN CB  CG   sing N N 91  
GLN CB  HB2  sing N N 92  
GLN CB  HB3  sing N N 93  
GLN CG  CD   sing N N 94  
GLN CG  HG2  sing N N 95  
GLN CG  HG3  sing N N 96  
GLN CD  OE1  doub N N 97  
GLN CD  NE2  sing N N 98  
GLN NE2 HE21 sing N N 99  
GLN NE2 HE22 sing N N 100 
GLN OXT HXT  sing N N 101 
GLU N   CA   sing N N 102 
GLU N   H    sing N N 103 
GLU N   H2   sing N N 104 
GLU CA  C    sing N N 105 
GLU CA  CB   sing N N 106 
GLU CA  HA   sing N N 107 
GLU C   O    doub N N 108 
GLU C   OXT  sing N N 109 
GLU CB  CG   sing N N 110 
GLU CB  HB2  sing N N 111 
GLU CB  HB3  sing N N 112 
GLU CG  CD   sing N N 113 
GLU CG  HG2  sing N N 114 
GLU CG  HG3  sing N N 115 
GLU CD  OE1  doub N N 116 
GLU CD  OE2  sing N N 117 
GLU OE2 HE2  sing N N 118 
GLU OXT HXT  sing N N 119 
GLY N   CA   sing N N 120 
GLY N   H    sing N N 121 
GLY N   H2   sing N N 122 
GLY CA  C    sing N N 123 
GLY CA  HA2  sing N N 124 
GLY CA  HA3  sing N N 125 
GLY C   O    doub N N 126 
GLY C   OXT  sing N N 127 
GLY OXT HXT  sing N N 128 
HIS N   CA   sing N N 129 
HIS N   H    sing N N 130 
HIS N   H2   sing N N 131 
HIS CA  C    sing N N 132 
HIS CA  CB   sing N N 133 
HIS CA  HA   sing N N 134 
HIS C   O    doub N N 135 
HIS C   OXT  sing N N 136 
HIS CB  CG   sing N N 137 
HIS CB  HB2  sing N N 138 
HIS CB  HB3  sing N N 139 
HIS CG  ND1  sing Y N 140 
HIS CG  CD2  doub Y N 141 
HIS ND1 CE1  doub Y N 142 
HIS ND1 HD1  sing N N 143 
HIS CD2 NE2  sing Y N 144 
HIS CD2 HD2  sing N N 145 
HIS CE1 NE2  sing Y N 146 
HIS CE1 HE1  sing N N 147 
HIS NE2 HE2  sing N N 148 
HIS OXT HXT  sing N N 149 
ILE N   CA   sing N N 150 
ILE N   H    sing N N 151 
ILE N   H2   sing N N 152 
ILE CA  C    sing N N 153 
ILE CA  CB   sing N N 154 
ILE CA  HA   sing N N 155 
ILE C   O    doub N N 156 
ILE C   OXT  sing N N 157 
ILE CB  CG1  sing N N 158 
ILE CB  CG2  sing N N 159 
ILE CB  HB   sing N N 160 
ILE CG1 CD1  sing N N 161 
ILE CG1 HG12 sing N N 162 
ILE CG1 HG13 sing N N 163 
ILE CG2 HG21 sing N N 164 
ILE CG2 HG22 sing N N 165 
ILE CG2 HG23 sing N N 166 
ILE CD1 HD11 sing N N 167 
ILE CD1 HD12 sing N N 168 
ILE CD1 HD13 sing N N 169 
ILE OXT HXT  sing N N 170 
LEU N   CA   sing N N 171 
LEU N   H    sing N N 172 
LEU N   H2   sing N N 173 
LEU CA  C    sing N N 174 
LEU CA  CB   sing N N 175 
LEU CA  HA   sing N N 176 
LEU C   O    doub N N 177 
LEU C   OXT  sing N N 178 
LEU CB  CG   sing N N 179 
LEU CB  HB2  sing N N 180 
LEU CB  HB3  sing N N 181 
LEU CG  CD1  sing N N 182 
LEU CG  CD2  sing N N 183 
LEU CG  HG   sing N N 184 
LEU CD1 HD11 sing N N 185 
LEU CD1 HD12 sing N N 186 
LEU CD1 HD13 sing N N 187 
LEU CD2 HD21 sing N N 188 
LEU CD2 HD22 sing N N 189 
LEU CD2 HD23 sing N N 190 
LEU OXT HXT  sing N N 191 
LYS N   CA   sing N N 192 
LYS N   H    sing N N 193 
LYS N   H2   sing N N 194 
LYS CA  C    sing N N 195 
LYS CA  CB   sing N N 196 
LYS CA  HA   sing N N 197 
LYS C   O    doub N N 198 
LYS C   OXT  sing N N 199 
LYS CB  CG   sing N N 200 
LYS CB  HB2  sing N N 201 
LYS CB  HB3  sing N N 202 
LYS CG  CD   sing N N 203 
LYS CG  HG2  sing N N 204 
LYS CG  HG3  sing N N 205 
LYS CD  CE   sing N N 206 
LYS CD  HD2  sing N N 207 
LYS CD  HD3  sing N N 208 
LYS CE  NZ   sing N N 209 
LYS CE  HE2  sing N N 210 
LYS CE  HE3  sing N N 211 
LYS NZ  HZ1  sing N N 212 
LYS NZ  HZ2  sing N N 213 
LYS NZ  HZ3  sing N N 214 
LYS OXT HXT  sing N N 215 
MET N   CA   sing N N 216 
MET N   H    sing N N 217 
MET N   H2   sing N N 218 
MET CA  C    sing N N 219 
MET CA  CB   sing N N 220 
MET CA  HA   sing N N 221 
MET C   O    doub N N 222 
MET C   OXT  sing N N 223 
MET CB  CG   sing N N 224 
MET CB  HB2  sing N N 225 
MET CB  HB3  sing N N 226 
MET CG  SD   sing N N 227 
MET CG  HG2  sing N N 228 
MET CG  HG3  sing N N 229 
MET SD  CE   sing N N 230 
MET CE  HE1  sing N N 231 
MET CE  HE2  sing N N 232 
MET CE  HE3  sing N N 233 
MET OXT HXT  sing N N 234 
PHE N   CA   sing N N 235 
PHE N   H    sing N N 236 
PHE N   H2   sing N N 237 
PHE CA  C    sing N N 238 
PHE CA  CB   sing N N 239 
PHE CA  HA   sing N N 240 
PHE C   O    doub N N 241 
PHE C   OXT  sing N N 242 
PHE CB  CG   sing N N 243 
PHE CB  HB2  sing N N 244 
PHE CB  HB3  sing N N 245 
PHE CG  CD1  doub Y N 246 
PHE CG  CD2  sing Y N 247 
PHE CD1 CE1  sing Y N 248 
PHE CD1 HD1  sing N N 249 
PHE CD2 CE2  doub Y N 250 
PHE CD2 HD2  sing N N 251 
PHE CE1 CZ   doub Y N 252 
PHE CE1 HE1  sing N N 253 
PHE CE2 CZ   sing Y N 254 
PHE CE2 HE2  sing N N 255 
PHE CZ  HZ   sing N N 256 
PHE OXT HXT  sing N N 257 
PRO N   CA   sing N N 258 
PRO N   CD   sing N N 259 
PRO N   H    sing N N 260 
PRO CA  C    sing N N 261 
PRO CA  CB   sing N N 262 
PRO CA  HA   sing N N 263 
PRO C   O    doub N N 264 
PRO C   OXT  sing N N 265 
PRO CB  CG   sing N N 266 
PRO CB  HB2  sing N N 267 
PRO CB  HB3  sing N N 268 
PRO CG  CD   sing N N 269 
PRO CG  HG2  sing N N 270 
PRO CG  HG3  sing N N 271 
PRO CD  HD2  sing N N 272 
PRO CD  HD3  sing N N 273 
PRO OXT HXT  sing N N 274 
SER N   CA   sing N N 275 
SER N   H    sing N N 276 
SER N   H2   sing N N 277 
SER CA  C    sing N N 278 
SER CA  CB   sing N N 279 
SER CA  HA   sing N N 280 
SER C   O    doub N N 281 
SER C   OXT  sing N N 282 
SER CB  OG   sing N N 283 
SER CB  HB2  sing N N 284 
SER CB  HB3  sing N N 285 
SER OG  HG   sing N N 286 
SER OXT HXT  sing N N 287 
THR N   CA   sing N N 288 
THR N   H    sing N N 289 
THR N   H2   sing N N 290 
THR CA  C    sing N N 291 
THR CA  CB   sing N N 292 
THR CA  HA   sing N N 293 
THR C   O    doub N N 294 
THR C   OXT  sing N N 295 
THR CB  OG1  sing N N 296 
THR CB  CG2  sing N N 297 
THR CB  HB   sing N N 298 
THR OG1 HG1  sing N N 299 
THR CG2 HG21 sing N N 300 
THR CG2 HG22 sing N N 301 
THR CG2 HG23 sing N N 302 
THR OXT HXT  sing N N 303 
TRP N   CA   sing N N 304 
TRP N   H    sing N N 305 
TRP N   H2   sing N N 306 
TRP CA  C    sing N N 307 
TRP CA  CB   sing N N 308 
TRP CA  HA   sing N N 309 
TRP C   O    doub N N 310 
TRP C   OXT  sing N N 311 
TRP CB  CG   sing N N 312 
TRP CB  HB2  sing N N 313 
TRP CB  HB3  sing N N 314 
TRP CG  CD1  doub Y N 315 
TRP CG  CD2  sing Y N 316 
TRP CD1 NE1  sing Y N 317 
TRP CD1 HD1  sing N N 318 
TRP CD2 CE2  doub Y N 319 
TRP CD2 CE3  sing Y N 320 
TRP NE1 CE2  sing Y N 321 
TRP NE1 HE1  sing N N 322 
TRP CE2 CZ2  sing Y N 323 
TRP CE3 CZ3  doub Y N 324 
TRP CE3 HE3  sing N N 325 
TRP CZ2 CH2  doub Y N 326 
TRP CZ2 HZ2  sing N N 327 
TRP CZ3 CH2  sing Y N 328 
TRP CZ3 HZ3  sing N N 329 
TRP CH2 HH2  sing N N 330 
TRP OXT HXT  sing N N 331 
TYR N   CA   sing N N 332 
TYR N   H    sing N N 333 
TYR N   H2   sing N N 334 
TYR CA  C    sing N N 335 
TYR CA  CB   sing N N 336 
TYR CA  HA   sing N N 337 
TYR C   O    doub N N 338 
TYR C   OXT  sing N N 339 
TYR CB  CG   sing N N 340 
TYR CB  HB2  sing N N 341 
TYR CB  HB3  sing N N 342 
TYR CG  CD1  doub Y N 343 
TYR CG  CD2  sing Y N 344 
TYR CD1 CE1  sing Y N 345 
TYR CD1 HD1  sing N N 346 
TYR CD2 CE2  doub Y N 347 
TYR CD2 HD2  sing N N 348 
TYR CE1 CZ   doub Y N 349 
TYR CE1 HE1  sing N N 350 
TYR CE2 CZ   sing Y N 351 
TYR CE2 HE2  sing N N 352 
TYR CZ  OH   sing N N 353 
TYR OH  HH   sing N N 354 
TYR OXT HXT  sing N N 355 
VAL N   CA   sing N N 356 
VAL N   H    sing N N 357 
VAL N   H2   sing N N 358 
VAL CA  C    sing N N 359 
VAL CA  CB   sing N N 360 
VAL CA  HA   sing N N 361 
VAL C   O    doub N N 362 
VAL C   OXT  sing N N 363 
VAL CB  CG1  sing N N 364 
VAL CB  CG2  sing N N 365 
VAL CB  HB   sing N N 366 
VAL CG1 HG11 sing N N 367 
VAL CG1 HG12 sing N N 368 
VAL CG1 HG13 sing N N 369 
VAL CG2 HG21 sing N N 370 
VAL CG2 HG22 sing N N 371 
VAL CG2 HG23 sing N N 372 
VAL OXT HXT  sing N N 373 
# 
_atom_sites.entry_id                    1RIL 
_atom_sites.fract_transf_matrix[1][1]   -0.01536954 
_atom_sites.fract_transf_matrix[1][2]   -0.01923626 
_atom_sites.fract_transf_matrix[1][3]   0.00781207 
_atom_sites.fract_transf_matrix[2][1]   0.00822812 
_atom_sites.fract_transf_matrix[2][2]   -0.02445139 
_atom_sites.fract_transf_matrix[2][3]   -0.00131139 
_atom_sites.fract_transf_matrix[3][1]   0.00118919 
_atom_sites.fract_transf_matrix[3][2]   0.00024265 
_atom_sites.fract_transf_matrix[3][3]   0.00293711 
_atom_sites.fract_transf_vector[1]      -0.282032 
_atom_sites.fract_transf_vector[2]      0.233111 
_atom_sites.fract_transf_vector[3]      0.132331 
# 
_atom_sites_footnote.id     1 
_atom_sites_footnote.text   'RESIDUE 17 IS A CIS PROLINE.' 
# 
loop_
_atom_type.symbol 
C 
N 
O 
S 
# 
loop_
_atom_site.group_PDB 
_atom_site.id 
_atom_site.type_symbol 
_atom_site.label_atom_id 
_atom_site.label_alt_id 
_atom_site.label_comp_id 
_atom_site.label_asym_id 
_atom_site.label_entity_id 
_atom_site.label_seq_id 
_atom_site.pdbx_PDB_ins_code 
_atom_site.Cartn_x 
_atom_site.Cartn_y 
_atom_site.Cartn_z 
_atom_site.occupancy 
_atom_site.B_iso_or_equiv 
_atom_site.pdbx_formal_charge 
_atom_site.auth_seq_id 
_atom_site.auth_comp_id 
_atom_site.auth_asym_id 
_atom_site.auth_atom_id 
_atom_site.pdbx_PDB_model_num 
ATOM 1    N N   . ARG A 1 6   ? -17.942 -13.486 -0.872  1.00 15.97 ? 2   ARG A N   1 
ATOM 2    C CA  . ARG A 1 6   ? -16.492 -13.227 -0.964  1.00 18.65 ? 2   ARG A CA  1 
ATOM 3    C C   . ARG A 1 6   ? -15.987 -13.632 -2.341  1.00 19.33 ? 2   ARG A C   1 
ATOM 4    O O   . ARG A 1 6   ? -16.684 -13.412 -3.345  1.00 23.51 ? 2   ARG A O   1 
ATOM 5    C CB  . ARG A 1 6   ? -15.640 -13.806 0.143   1.00 20.02 ? 2   ARG A CB  1 
ATOM 6    C CG  . ARG A 1 6   ? -15.681 -15.243 0.577   1.00 22.50 ? 2   ARG A CG  1 
ATOM 7    C CD  . ARG A 1 6   ? -15.644 -16.322 -0.397  1.00 21.71 ? 2   ARG A CD  1 
ATOM 8    N NE  . ARG A 1 6   ? -14.527 -16.895 -1.049  1.00 19.28 ? 2   ARG A NE  1 
ATOM 9    C CZ  . ARG A 1 6   ? -13.255 -16.598 -1.258  1.00 17.16 ? 2   ARG A CZ  1 
ATOM 10   N NH1 . ARG A 1 6   ? -12.410 -17.300 -2.065  1.00 14.02 ? 2   ARG A NH1 1 
ATOM 11   N NH2 . ARG A 1 6   ? -12.785 -15.510 -0.640  1.00 14.21 ? 2   ARG A NH2 1 
ATOM 12   N N   . LYS A 1 7   ? -14.805 -14.160 -2.435  1.00 19.86 ? 3   LYS A N   1 
ATOM 13   C CA  . LYS A 1 7   ? -14.050 -14.649 -3.570  1.00 18.30 ? 3   LYS A CA  1 
ATOM 14   C C   . LYS A 1 7   ? -12.635 -14.031 -3.472  1.00 17.59 ? 3   LYS A C   1 
ATOM 15   O O   . LYS A 1 7   ? -12.388 -12.848 -3.717  1.00 16.67 ? 3   LYS A O   1 
ATOM 16   C CB  . LYS A 1 7   ? -14.602 -14.553 -4.962  1.00 18.69 ? 3   LYS A CB  1 
ATOM 17   C CG  . LYS A 1 7   ? -14.740 -15.876 -5.735  1.00 18.46 ? 3   LYS A CG  1 
ATOM 18   C CD  . LYS A 1 7   ? -13.580 -16.424 -6.492  1.00 15.64 ? 3   LYS A CD  1 
ATOM 19   C CE  . LYS A 1 7   ? -12.280 -16.562 -5.739  1.00 15.18 ? 3   LYS A CE  1 
ATOM 20   N NZ  . LYS A 1 7   ? -11.078 -16.561 -6.638  1.00 13.51 ? 3   LYS A NZ  1 
ATOM 21   N N   . ARG A 1 8   ? -11.767 -14.951 -3.072  1.00 17.32 ? 4   ARG A N   1 
ATOM 22   C CA  . ARG A 1 8   ? -10.348 -14.746 -2.850  1.00 16.53 ? 4   ARG A CA  1 
ATOM 23   C C   . ARG A 1 8   ? -9.710  -13.876 -3.928  1.00 14.85 ? 4   ARG A C   1 
ATOM 24   O O   . ARG A 1 8   ? -9.586  -14.309 -5.093  1.00 15.09 ? 4   ARG A O   1 
ATOM 25   C CB  . ARG A 1 8   ? -9.569  -16.066 -2.687  1.00 17.87 ? 4   ARG A CB  1 
ATOM 26   C CG  . ARG A 1 8   ? -9.124  -16.325 -1.240  1.00 18.32 ? 4   ARG A CG  1 
ATOM 27   C CD  . ARG A 1 8   ? -7.660  -16.457 -1.143  1.00 20.00 ? 4   ARG A CD  1 
ATOM 28   N NE  . ARG A 1 8   ? -7.147  -17.780 -0.910  1.00 23.80 ? 4   ARG A NE  1 
ATOM 29   C CZ  . ARG A 1 8   ? -5.873  -18.212 -0.836  1.00 24.63 ? 4   ARG A CZ  1 
ATOM 30   N NH1 . ARG A 1 8   ? -5.570  -19.513 -0.624  1.00 22.11 ? 4   ARG A NH1 1 
ATOM 31   N NH2 . ARG A 1 8   ? -4.851  -17.341 -0.994  1.00 23.56 ? 4   ARG A NH2 1 
ATOM 32   N N   . VAL A 1 9   ? -9.322  -12.667 -3.502  1.00 10.78 ? 5   VAL A N   1 
ATOM 33   C CA  . VAL A 1 9   ? -8.658  -11.749 -4.490  1.00 6.13  ? 5   VAL A CA  1 
ATOM 34   C C   . VAL A 1 9   ? -7.163  -11.920 -4.272  1.00 4.39  ? 5   VAL A C   1 
ATOM 35   O O   . VAL A 1 9   ? -6.812  -12.822 -3.469  1.00 2.06  ? 5   VAL A O   1 
ATOM 36   C CB  . VAL A 1 9   ? -9.263  -10.361 -4.273  1.00 3.77  ? 5   VAL A CB  1 
ATOM 37   C CG1 . VAL A 1 9   ? -8.683  -9.340  -5.226  1.00 2.00  ? 5   VAL A CG1 1 
ATOM 38   C CG2 . VAL A 1 9   ? -10.776 -10.460 -4.308  1.00 2.00  ? 5   VAL A CG2 1 
ATOM 39   N N   . ALA A 1 10  ? -6.317  -11.192 -4.965  1.00 2.00  ? 6   ALA A N   1 
ATOM 40   C CA  . ALA A 1 10  ? -4.867  -11.411 -4.666  1.00 2.79  ? 6   ALA A CA  1 
ATOM 41   C C   . ALA A 1 10  ? -4.206  -10.074 -4.988  1.00 4.89  ? 6   ALA A C   1 
ATOM 42   O O   . ALA A 1 10  ? -3.854  -9.846  -6.141  1.00 4.25  ? 6   ALA A O   1 
ATOM 43   C CB  . ALA A 1 10  ? -4.338  -12.624 -5.326  1.00 2.05  ? 6   ALA A CB  1 
ATOM 44   N N   . LEU A 1 11  ? -4.150  -9.267  -3.902  1.00 5.68  ? 7   LEU A N   1 
ATOM 45   C CA  . LEU A 1 11  ? -3.659  -7.892  -3.961  1.00 4.62  ? 7   LEU A CA  1 
ATOM 46   C C   . LEU A 1 11  ? -2.153  -7.876  -3.826  1.00 4.23  ? 7   LEU A C   1 
ATOM 47   O O   . LEU A 1 11  ? -1.782  -8.134  -2.680  1.00 10.91 ? 7   LEU A O   1 
ATOM 48   C CB  . LEU A 1 11  ? -4.318  -6.989  -2.927  1.00 2.02  ? 7   LEU A CB  1 
ATOM 49   C CG  . LEU A 1 11  ? -4.904  -5.636  -3.271  1.00 2.80  ? 7   LEU A CG  1 
ATOM 50   C CD1 . LEU A 1 11  ? -5.136  -4.747  -2.016  1.00 3.06  ? 7   LEU A CD1 1 
ATOM 51   C CD2 . LEU A 1 11  ? -4.058  -4.858  -4.239  1.00 2.00  ? 7   LEU A CD2 1 
ATOM 52   N N   . PHE A 1 12  ? -1.441  -7.614  -4.887  1.00 3.55  ? 8   PHE A N   1 
ATOM 53   C CA  . PHE A 1 12  ? 0.039   -7.546  -4.767  1.00 3.82  ? 8   PHE A CA  1 
ATOM 54   C C   . PHE A 1 12  ? 0.313   -6.045  -4.791  1.00 2.32  ? 8   PHE A C   1 
ATOM 55   O O   . PHE A 1 12  ? -0.406  -5.399  -5.544  1.00 4.75  ? 8   PHE A O   1 
ATOM 56   C CB  . PHE A 1 12  ? 0.762   -8.335  -5.824  1.00 5.62  ? 8   PHE A CB  1 
ATOM 57   C CG  . PHE A 1 12  ? 0.460   -9.803  -5.737  1.00 3.24  ? 8   PHE A CG  1 
ATOM 58   C CD1 . PHE A 1 12  ? 1.393   -10.645 -5.161  1.00 2.01  ? 8   PHE A CD1 1 
ATOM 59   C CD2 . PHE A 1 12  ? -0.768  -10.250 -6.253  1.00 3.48  ? 8   PHE A CD2 1 
ATOM 60   C CE1 . PHE A 1 12  ? 1.095   -11.990 -5.064  1.00 2.57  ? 8   PHE A CE1 1 
ATOM 61   C CE2 . PHE A 1 12  ? -1.080  -11.621 -6.166  1.00 3.08  ? 8   PHE A CE2 1 
ATOM 62   C CZ  . PHE A 1 12  ? -0.136  -12.469 -5.541  1.00 2.97  ? 8   PHE A CZ  1 
ATOM 63   N N   . THR A 1 13  ? 1.237   -5.571  -4.038  1.00 2.00  ? 9   THR A N   1 
ATOM 64   C CA  . THR A 1 13  ? 1.512   -4.135  -3.948  1.00 4.05  ? 9   THR A CA  1 
ATOM 65   C C   . THR A 1 13  ? 2.977   -3.843  -3.995  1.00 5.51  ? 9   THR A C   1 
ATOM 66   O O   . THR A 1 13  ? 3.806   -4.680  -3.630  1.00 4.67  ? 9   THR A O   1 
ATOM 67   C CB  . THR A 1 13  ? 0.883   -3.721  -2.530  1.00 5.51  ? 9   THR A CB  1 
ATOM 68   O OG1 . THR A 1 13  ? -0.543  -3.649  -2.855  1.00 8.84  ? 9   THR A OG1 1 
ATOM 69   C CG2 . THR A 1 13  ? 1.375   -2.470  -1.846  1.00 6.93  ? 9   THR A CG2 1 
ATOM 70   N N   . ASP A 1 14  ? 3.284   -2.640  -4.442  1.00 10.41 ? 10  ASP A N   1 
ATOM 71   C CA  . ASP A 1 14  ? 4.667   -2.124  -4.493  1.00 12.05 ? 10  ASP A CA  1 
ATOM 72   C C   . ASP A 1 14  ? 4.588   -0.631  -4.834  1.00 13.66 ? 10  ASP A C   1 
ATOM 73   O O   . ASP A 1 14  ? 3.633   -0.123  -5.474  1.00 16.73 ? 10  ASP A O   1 
ATOM 74   C CB  . ASP A 1 14  ? 5.704   -2.918  -5.232  1.00 10.39 ? 10  ASP A CB  1 
ATOM 75   C CG  . ASP A 1 14  ? 6.901   -3.268  -4.322  1.00 9.67  ? 10  ASP A CG  1 
ATOM 76   O OD1 . ASP A 1 14  ? 7.447   -4.384  -4.379  1.00 7.55  ? 10  ASP A OD1 1 
ATOM 77   O OD2 . ASP A 1 14  ? 7.251   -2.350  -3.545  1.00 7.66  ? 10  ASP A OD2 1 
ATOM 78   N N   . GLY A 1 15  ? 5.579   0.013   -4.247  1.00 13.22 ? 11  GLY A N   1 
ATOM 79   C CA  . GLY A 1 15  ? 5.742   1.492   -4.374  1.00 8.78  ? 11  GLY A CA  1 
ATOM 80   C C   . GLY A 1 15  ? 7.273   1.656   -4.437  1.00 7.26  ? 11  GLY A C   1 
ATOM 81   O O   . GLY A 1 15  ? 7.976   0.833   -3.825  1.00 7.77  ? 11  GLY A O   1 
ATOM 82   N N   . ALA A 1 16  ? 7.642   2.619   -5.227  1.00 4.85  ? 12  ALA A N   1 
ATOM 83   C CA  . ALA A 1 16  ? 9.002   3.068   -5.473  1.00 2.98  ? 12  ALA A CA  1 
ATOM 84   C C   . ALA A 1 16  ? 8.975   4.618   -5.373  1.00 2.73  ? 12  ALA A C   1 
ATOM 85   O O   . ALA A 1 16  ? 7.957   5.266   -5.554  1.00 2.00  ? 12  ALA A O   1 
ATOM 86   C CB  . ALA A 1 16  ? 9.630   2.672   -6.747  1.00 2.00  ? 12  ALA A CB  1 
ATOM 87   N N   . CYS A 1 17  ? 10.131  5.085   -4.988  1.00 5.11  ? 13  CYS A N   1 
ATOM 88   C CA  . CYS A 1 17  ? 10.394  6.533   -4.801  1.00 4.53  ? 13  CYS A CA  1 
ATOM 89   C C   . CYS A 1 17  ? 11.883  6.735   -5.090  1.00 2.35  ? 13  CYS A C   1 
ATOM 90   O O   . CYS A 1 17  ? 12.651  5.763   -4.976  1.00 2.01  ? 13  CYS A O   1 
ATOM 91   C CB  . CYS A 1 17  ? 9.910   7.073   -3.475  1.00 2.02  ? 13  CYS A CB  1 
ATOM 92   S SG  . CYS A 1 17  ? 10.020  8.867   -3.394  1.00 3.90  ? 13  CYS A SG  1 
ATOM 93   N N   . LEU A 1 18  ? 12.215  7.942   -5.501  1.00 3.61  ? 14  LEU A N   1 
ATOM 94   C CA  . LEU A 1 18  ? 13.585  8.287   -5.880  1.00 4.41  ? 14  LEU A CA  1 
ATOM 95   C C   . LEU A 1 18  ? 14.279  9.403   -5.149  1.00 3.83  ? 14  LEU A C   1 
ATOM 96   O O   . LEU A 1 18  ? 15.278  9.979   -5.676  1.00 6.30  ? 14  LEU A O   1 
ATOM 97   C CB  . LEU A 1 18  ? 13.504  8.442   -7.421  1.00 3.05  ? 14  LEU A CB  1 
ATOM 98   C CG  . LEU A 1 18  ? 13.853  7.248   -8.264  1.00 2.00  ? 14  LEU A CG  1 
ATOM 99   C CD1 . LEU A 1 18  ? 13.410  5.916   -7.728  1.00 2.00  ? 14  LEU A CD1 1 
ATOM 100  C CD2 . LEU A 1 18  ? 13.107  7.464   -9.588  1.00 2.00  ? 14  LEU A CD2 1 
ATOM 101  N N   . GLY A 1 19  ? 13.870  9.767   -3.969  1.00 5.52  ? 15  GLY A N   1 
ATOM 102  C CA  . GLY A 1 19  ? 14.506  10.822  -3.141  1.00 4.81  ? 15  GLY A CA  1 
ATOM 103  C C   . GLY A 1 19  ? 13.893  10.695  -1.748  1.00 6.06  ? 15  GLY A C   1 
ATOM 104  O O   . GLY A 1 19  ? 13.194  9.730   -1.363  1.00 4.46  ? 15  GLY A O   1 
ATOM 105  N N   . ASN A 1 20  ? 14.194  11.723  -0.976  1.00 10.31 ? 16  ASN A N   1 
ATOM 106  C CA  . ASN A 1 20  ? 13.632  11.812  0.408   1.00 11.10 ? 16  ASN A CA  1 
ATOM 107  C C   . ASN A 1 20  ? 13.408  13.286  0.782   1.00 7.62  ? 16  ASN A C   1 
ATOM 108  O O   . ASN A 1 20  ? 14.194  13.821  1.564   1.00 8.58  ? 16  ASN A O   1 
ATOM 109  C CB  . ASN A 1 20  ? 14.488  11.045  1.405   1.00 14.15 ? 16  ASN A CB  1 
ATOM 110  C CG  . ASN A 1 20  ? 13.823  11.048  2.786   1.00 16.53 ? 16  ASN A CG  1 
ATOM 111  O OD1 . ASN A 1 20  ? 12.594  11.149  2.854   1.00 16.92 ? 16  ASN A OD1 1 
ATOM 112  N ND2 . ASN A 1 20  ? 14.627  10.917  3.845   1.00 17.43 ? 16  ASN A ND2 1 
ATOM 113  N N   . PRO A 1 21  ? 12.381  13.938  0.257   1.00 5.00  ? 17  PRO A N   1 
ATOM 114  C CA  . PRO A 1 21  ? 11.405  13.372  -0.675  1.00 4.54  ? 17  PRO A CA  1 
ATOM 115  C C   . PRO A 1 21  ? 11.954  13.309  -2.108  1.00 5.77  ? 17  PRO A C   1 
ATOM 116  O O   . PRO A 1 21  ? 13.099  13.720  -2.390  1.00 4.56  ? 17  PRO A O   1 
ATOM 117  C CB  . PRO A 1 21  ? 10.198  14.259  -0.472  1.00 2.91  ? 17  PRO A CB  1 
ATOM 118  C CG  . PRO A 1 21  ? 10.728  15.583  -0.072  1.00 2.44  ? 17  PRO A CG  1 
ATOM 119  C CD  . PRO A 1 21  ? 12.092  15.331  0.557   1.00 2.69  ? 17  PRO A CD  1 
ATOM 120  N N   . GLY A 1 22  ? 11.153  12.690  -2.972  1.00 6.18  ? 18  GLY A N   1 
ATOM 121  C CA  . GLY A 1 22  ? 11.341  12.460  -4.368  1.00 4.47  ? 18  GLY A CA  1 
ATOM 122  C C   . GLY A 1 22  ? 10.083  12.077  -5.127  1.00 4.79  ? 18  GLY A C   1 
ATOM 123  O O   . GLY A 1 22  ? 8.936   12.030  -4.628  1.00 5.55  ? 18  GLY A O   1 
ATOM 124  N N   . PRO A 1 23  ? 10.290  11.803  -6.412  1.00 3.92  ? 19  PRO A N   1 
ATOM 125  C CA  . PRO A 1 23  ? 9.162   11.358  -7.258  1.00 3.51  ? 19  PRO A CA  1 
ATOM 126  C C   . PRO A 1 23  ? 9.174   9.832   -7.070  1.00 3.25  ? 19  PRO A C   1 
ATOM 127  O O   . PRO A 1 23  ? 10.228  9.189   -7.028  1.00 2.00  ? 19  PRO A O   1 
ATOM 128  C CB  . PRO A 1 23  ? 9.547   11.774  -8.653  1.00 3.56  ? 19  PRO A CB  1 
ATOM 129  C CG  . PRO A 1 23  ? 11.066  11.591  -8.596  1.00 4.49  ? 19  PRO A CG  1 
ATOM 130  C CD  . PRO A 1 23  ? 11.534  11.804  -7.176  1.00 2.04  ? 19  PRO A CD  1 
ATOM 131  N N   . GLY A 1 24  ? 7.986   9.354   -6.897  1.00 3.89  ? 20  GLY A N   1 
ATOM 132  C CA  . GLY A 1 24  ? 7.640   7.963   -6.719  1.00 5.05  ? 20  GLY A CA  1 
ATOM 133  C C   . GLY A 1 24  ? 6.319   7.696   -7.504  1.00 3.88  ? 20  GLY A C   1 
ATOM 134  O O   . GLY A 1 24  ? 5.623   8.618   -7.955  1.00 2.00  ? 20  GLY A O   1 
ATOM 135  N N   . GLY A 1 25  ? 6.100   6.400   -7.611  1.00 2.01  ? 21  GLY A N   1 
ATOM 136  C CA  . GLY A 1 25  ? 4.911   5.879   -8.228  1.00 2.23  ? 21  GLY A CA  1 
ATOM 137  C C   . GLY A 1 25  ? 4.578   4.611   -7.439  1.00 2.00  ? 21  GLY A C   1 
ATOM 138  O O   . GLY A 1 25  ? 5.509   4.164   -6.800  1.00 2.00  ? 21  GLY A O   1 
ATOM 139  N N   . TRP A 1 26  ? 3.356   4.173   -7.525  1.00 2.00  ? 22  TRP A N   1 
ATOM 140  C CA  . TRP A 1 26  ? 2.955   2.913   -6.889  1.00 2.03  ? 22  TRP A CA  1 
ATOM 141  C C   . TRP A 1 26  ? 2.365   2.009   -7.988  1.00 4.11  ? 22  TRP A C   1 
ATOM 142  O O   . TRP A 1 26  ? 2.534   2.152   -9.214  1.00 5.39  ? 22  TRP A O   1 
ATOM 143  C CB  . TRP A 1 26  ? 1.985   3.116   -5.758  1.00 2.00  ? 22  TRP A CB  1 
ATOM 144  C CG  . TRP A 1 26  ? 0.969   4.115   -6.164  1.00 2.00  ? 22  TRP A CG  1 
ATOM 145  C CD1 . TRP A 1 26  ? 1.091   5.454   -6.088  1.00 2.00  ? 22  TRP A CD1 1 
ATOM 146  C CD2 . TRP A 1 26  ? -0.326  3.837   -6.730  1.00 2.01  ? 22  TRP A CD2 1 
ATOM 147  N NE1 . TRP A 1 26  ? -0.071  6.047   -6.517  1.00 2.23  ? 22  TRP A NE1 1 
ATOM 148  C CE2 . TRP A 1 26  ? -0.943  5.080   -6.955  1.00 2.00  ? 22  TRP A CE2 1 
ATOM 149  C CE3 . TRP A 1 26  ? -1.018  2.687   -7.026  1.00 2.00  ? 22  TRP A CE3 1 
ATOM 150  C CZ2 . TRP A 1 26  ? -2.219  5.214   -7.481  1.00 2.00  ? 22  TRP A CZ2 1 
ATOM 151  C CZ3 . TRP A 1 26  ? -2.295  2.806   -7.527  1.00 2.00  ? 22  TRP A CZ3 1 
ATOM 152  C CH2 . TRP A 1 26  ? -2.880  4.028   -7.764  1.00 2.00  ? 22  TRP A CH2 1 
ATOM 153  N N   . ALA A 1 27  ? 1.654   1.030   -7.503  1.00 3.25  ? 23  ALA A N   1 
ATOM 154  C CA  . ALA A 1 27  ? 1.049   0.012   -8.377  1.00 2.00  ? 23  ALA A CA  1 
ATOM 155  C C   . ALA A 1 27  ? 0.354   -0.938  -7.408  1.00 3.04  ? 23  ALA A C   1 
ATOM 156  O O   . ALA A 1 27  ? 0.885   -1.089  -6.245  1.00 2.20  ? 23  ALA A O   1 
ATOM 157  C CB  . ALA A 1 27  ? 2.198   -0.621  -9.172  1.00 2.00  ? 23  ALA A CB  1 
ATOM 158  N N   . ALA A 1 28  ? -0.753  -1.433  -7.869  1.00 2.00  ? 24  ALA A N   1 
ATOM 159  C CA  . ALA A 1 28  ? -1.604  -2.396  -7.155  1.00 3.52  ? 24  ALA A CA  1 
ATOM 160  C C   . ALA A 1 28  ? -2.038  -3.411  -8.219  1.00 3.14  ? 24  ALA A C   1 
ATOM 161  O O   . ALA A 1 28  ? -2.328  -2.887  -9.298  1.00 5.87  ? 24  ALA A O   1 
ATOM 162  C CB  . ALA A 1 28  ? -2.843  -1.849  -6.511  1.00 2.08  ? 24  ALA A CB  1 
ATOM 163  N N   . LEU A 1 29  ? -1.992  -4.677  -7.945  1.00 2.56  ? 25  LEU A N   1 
ATOM 164  C CA  . LEU A 1 29  ? -2.397  -5.652  -8.930  1.00 4.61  ? 25  LEU A CA  1 
ATOM 165  C C   . LEU A 1 29  ? -3.497  -6.504  -8.279  1.00 5.42  ? 25  LEU A C   1 
ATOM 166  O O   . LEU A 1 29  ? -3.127  -7.139  -7.291  1.00 7.69  ? 25  LEU A O   1 
ATOM 167  C CB  . LEU A 1 29  ? -1.281  -6.534  -9.511  1.00 5.87  ? 25  LEU A CB  1 
ATOM 168  C CG  . LEU A 1 29  ? -1.718  -7.279  -10.813 1.00 6.11  ? 25  LEU A CG  1 
ATOM 169  C CD1 . LEU A 1 29  ? -0.551  -7.394  -11.761 1.00 5.79  ? 25  LEU A CD1 1 
ATOM 170  C CD2 . LEU A 1 29  ? -2.290  -8.658  -10.541 1.00 2.83  ? 25  LEU A CD2 1 
ATOM 171  N N   . LEU A 1 30  ? -4.640  -6.507  -8.928  1.00 4.46  ? 26  LEU A N   1 
ATOM 172  C CA  . LEU A 1 30  ? -5.777  -7.275  -8.426  1.00 5.23  ? 26  LEU A CA  1 
ATOM 173  C C   . LEU A 1 30  ? -5.982  -8.608  -9.104  1.00 4.56  ? 26  LEU A C   1 
ATOM 174  O O   . LEU A 1 30  ? -6.983  -8.721  -9.811  1.00 4.91  ? 26  LEU A O   1 
ATOM 175  C CB  . LEU A 1 30  ? -6.973  -6.276  -8.399  1.00 2.68  ? 26  LEU A CB  1 
ATOM 176  C CG  . LEU A 1 30  ? -7.012  -5.397  -7.146  1.00 3.07  ? 26  LEU A CG  1 
ATOM 177  C CD1 . LEU A 1 30  ? -7.362  -3.944  -7.352  1.00 2.00  ? 26  LEU A CD1 1 
ATOM 178  C CD2 . LEU A 1 30  ? -8.047  -6.032  -6.196  1.00 2.00  ? 26  LEU A CD2 1 
ATOM 179  N N   . ARG A 1 31  ? -5.198  -9.637  -8.861  1.00 5.03  ? 27  ARG A N   1 
ATOM 180  C CA  . ARG A 1 31  ? -5.304  -10.987 -9.423  1.00 7.19  ? 27  ARG A CA  1 
ATOM 181  C C   . ARG A 1 31  ? -6.612  -11.699 -9.121  1.00 5.76  ? 27  ARG A C   1 
ATOM 182  O O   . ARG A 1 31  ? -6.810  -12.417 -8.145  1.00 6.51  ? 27  ARG A O   1 
ATOM 183  C CB  . ARG A 1 31  ? -4.116  -11.831 -8.954  1.00 11.67 ? 27  ARG A CB  1 
ATOM 184  C CG  . ARG A 1 31  ? -3.708  -13.073 -9.725  1.00 13.98 ? 27  ARG A CG  1 
ATOM 185  C CD  . ARG A 1 31  ? -3.827  -14.315 -8.925  1.00 16.24 ? 27  ARG A CD  1 
ATOM 186  N NE  . ARG A 1 31  ? -2.640  -14.740 -8.185  1.00 18.70 ? 27  ARG A NE  1 
ATOM 187  C CZ  . ARG A 1 31  ? -2.579  -15.707 -7.263  1.00 18.32 ? 27  ARG A CZ  1 
ATOM 188  N NH1 . ARG A 1 31  ? -1.438  -16.030 -6.663  1.00 17.62 ? 27  ARG A NH1 1 
ATOM 189  N NH2 . ARG A 1 31  ? -3.642  -16.428 -6.882  1.00 19.46 ? 27  ARG A NH2 1 
ATOM 190  N N   . PHE A 1 32  ? -7.564  -11.542 -10.011 1.00 7.06  ? 28  PHE A N   1 
ATOM 191  C CA  . PHE A 1 32  ? -8.907  -12.056 -10.062 1.00 4.69  ? 28  PHE A CA  1 
ATOM 192  C C   . PHE A 1 32  ? -8.944  -13.481 -10.613 1.00 6.78  ? 28  PHE A C   1 
ATOM 193  O O   . PHE A 1 32  ? -7.949  -13.962 -11.176 1.00 8.22  ? 28  PHE A O   1 
ATOM 194  C CB  . PHE A 1 32  ? -9.950  -11.313 -10.900 1.00 2.00  ? 28  PHE A CB  1 
ATOM 195  C CG  . PHE A 1 32  ? -10.322 -10.061 -10.169 1.00 2.01  ? 28  PHE A CG  1 
ATOM 196  C CD1 . PHE A 1 32  ? -9.778  -8.853  -10.578 1.00 2.00  ? 28  PHE A CD1 1 
ATOM 197  C CD2 . PHE A 1 32  ? -11.189 -10.145 -9.075  1.00 2.00  ? 28  PHE A CD2 1 
ATOM 198  C CE1 . PHE A 1 32  ? -10.088 -7.671  -9.906  1.00 3.38  ? 28  PHE A CE1 1 
ATOM 199  C CE2 . PHE A 1 32  ? -11.535 -8.966  -8.401  1.00 2.24  ? 28  PHE A CE2 1 
ATOM 200  C CZ  . PHE A 1 32  ? -10.960 -7.744  -8.830  1.00 3.36  ? 28  PHE A CZ  1 
ATOM 201  N N   . HIS A 1 33  ? -10.163 -13.923 -10.396 1.00 9.62  ? 29  HIS A N   1 
ATOM 202  C CA  . HIS A 1 33  ? -10.613 -15.307 -10.724 1.00 12.65 ? 29  HIS A CA  1 
ATOM 203  C C   . HIS A 1 33  ? -9.940  -15.672 -12.019 1.00 12.56 ? 29  HIS A C   1 
ATOM 204  O O   . HIS A 1 33  ? -9.149  -16.627 -12.007 1.00 13.17 ? 29  HIS A O   1 
ATOM 205  C CB  . HIS A 1 33  ? -12.123 -15.500 -10.698 1.00 16.16 ? 29  HIS A CB  1 
ATOM 206  C CG  . HIS A 1 33  ? -12.761 -14.506 -9.724  1.00 20.55 ? 29  HIS A CG  1 
ATOM 207  N ND1 . HIS A 1 33  ? -12.600 -14.515 -8.359  1.00 19.79 ? 29  HIS A ND1 1 
ATOM 208  C CD2 . HIS A 1 33  ? -13.554 -13.429 -10.008 1.00 21.93 ? 29  HIS A CD2 1 
ATOM 209  C CE1 . HIS A 1 33  ? -13.252 -13.485 -7.853  1.00 21.62 ? 29  HIS A CE1 1 
ATOM 210  N NE2 . HIS A 1 33  ? -13.861 -12.824 -8.817  1.00 22.16 ? 29  HIS A NE2 1 
ATOM 211  N N   . ALA A 1 34  ? -10.204 -14.831 -13.029 1.00 12.43 ? 30  ALA A N   1 
ATOM 212  C CA  . ALA A 1 34  ? -9.477  -15.101 -14.308 1.00 10.60 ? 30  ALA A CA  1 
ATOM 213  C C   . ALA A 1 34  ? -9.388  -13.789 -15.065 1.00 9.31  ? 30  ALA A C   1 
ATOM 214  O O   . ALA A 1 34  ? -10.222 -13.488 -15.914 1.00 10.20 ? 30  ALA A O   1 
ATOM 215  C CB  . ALA A 1 34  ? -10.034 -16.286 -15.017 1.00 11.89 ? 30  ALA A CB  1 
ATOM 216  N N   . HIS A 1 35  ? -8.371  -13.043 -14.680 1.00 8.28  ? 31  HIS A N   1 
ATOM 217  C CA  . HIS A 1 35  ? -7.996  -11.729 -15.193 1.00 8.54  ? 31  HIS A CA  1 
ATOM 218  C C   . HIS A 1 35  ? -7.384  -10.835 -14.107 1.00 6.61  ? 31  HIS A C   1 
ATOM 219  O O   . HIS A 1 35  ? -7.779  -10.828 -12.948 1.00 11.00 ? 31  HIS A O   1 
ATOM 220  C CB  . HIS A 1 35  ? -9.105  -10.944 -15.959 1.00 6.57  ? 31  HIS A CB  1 
ATOM 221  C CG  . HIS A 1 35  ? -10.172 -10.426 -15.041 1.00 2.66  ? 31  HIS A CG  1 
ATOM 222  N ND1 . HIS A 1 35  ? -10.250 -9.126  -14.650 1.00 2.15  ? 31  HIS A ND1 1 
ATOM 223  C CD2 . HIS A 1 35  ? -11.160 -11.082 -14.412 1.00 2.00  ? 31  HIS A CD2 1 
ATOM 224  C CE1 . HIS A 1 35  ? -11.265 -8.967  -13.833 1.00 2.00  ? 31  HIS A CE1 1 
ATOM 225  N NE2 . HIS A 1 35  ? -11.836 -10.153 -13.682 1.00 2.42  ? 31  HIS A NE2 1 
ATOM 226  N N   . GLU A 1 36  ? -6.419  -10.044 -14.435 1.00 3.57  ? 32  GLU A N   1 
ATOM 227  C CA  . GLU A 1 36  ? -5.696  -9.141  -13.582 1.00 2.00  ? 32  GLU A CA  1 
ATOM 228  C C   . GLU A 1 36  ? -6.165  -7.745  -13.914 1.00 2.24  ? 32  GLU A C   1 
ATOM 229  O O   . GLU A 1 36  ? -6.786  -7.568  -14.928 1.00 2.00  ? 32  GLU A O   1 
ATOM 230  C CB  . GLU A 1 36  ? -4.201  -9.182  -13.866 1.00 2.00  ? 32  GLU A CB  1 
ATOM 231  C CG  . GLU A 1 36  ? -3.540  -10.492 -13.374 1.00 2.10  ? 32  GLU A CG  1 
ATOM 232  C CD  . GLU A 1 36  ? -2.583  -11.120 -14.319 1.00 2.00  ? 32  GLU A CD  1 
ATOM 233  O OE1 . GLU A 1 36  ? -1.692  -10.500 -14.889 1.00 3.88  ? 32  GLU A OE1 1 
ATOM 234  O OE2 . GLU A 1 36  ? -2.841  -12.332 -14.493 1.00 3.99  ? 32  GLU A OE2 1 
ATOM 235  N N   . LYS A 1 37  ? -5.868  -6.859  -13.025 1.00 4.79  ? 33  LYS A N   1 
ATOM 236  C CA  . LYS A 1 37  ? -6.273  -5.417  -13.182 1.00 4.67  ? 33  LYS A CA  1 
ATOM 237  C C   . LYS A 1 37  ? -5.185  -4.687  -12.381 1.00 3.28  ? 33  LYS A C   1 
ATOM 238  O O   . LYS A 1 37  ? -5.121  -5.004  -11.193 1.00 4.21  ? 33  LYS A O   1 
ATOM 239  C CB  . LYS A 1 37  ? -7.651  -5.318  -12.604 1.00 5.85  ? 33  LYS A CB  1 
ATOM 240  C CG  . LYS A 1 37  ? -8.282  -3.973  -12.270 1.00 6.12  ? 33  LYS A CG  1 
ATOM 241  C CD  . LYS A 1 37  ? -9.601  -4.322  -11.558 1.00 6.01  ? 33  LYS A CD  1 
ATOM 242  C CE  . LYS A 1 37  ? -10.297 -3.029  -11.198 1.00 8.07  ? 33  LYS A CE  1 
ATOM 243  N NZ  . LYS A 1 37  ? -10.996 -2.476  -12.375 1.00 8.42  ? 33  LYS A NZ  1 
ATOM 244  N N   . LEU A 1 38  ? -4.329  -3.919  -13.000 1.00 2.00  ? 34  LEU A N   1 
ATOM 245  C CA  . LEU A 1 38  ? -3.275  -3.232  -12.304 1.00 2.00  ? 34  LEU A CA  1 
ATOM 246  C C   . LEU A 1 38  ? -3.424  -1.720  -12.489 1.00 4.33  ? 34  LEU A C   1 
ATOM 247  O O   . LEU A 1 38  ? -3.464  -1.233  -13.627 1.00 4.73  ? 34  LEU A O   1 
ATOM 248  C CB  . LEU A 1 38  ? -1.935  -3.784  -12.683 1.00 2.00  ? 34  LEU A CB  1 
ATOM 249  C CG  . LEU A 1 38  ? -0.749  -2.842  -12.687 1.00 2.00  ? 34  LEU A CG  1 
ATOM 250  C CD1 . LEU A 1 38  ? 0.296   -3.233  -11.686 1.00 2.00  ? 34  LEU A CD1 1 
ATOM 251  C CD2 . LEU A 1 38  ? -0.121  -2.986  -14.091 1.00 2.35  ? 34  LEU A CD2 1 
ATOM 252  N N   . LEU A 1 39  ? -3.482  -1.090  -11.318 1.00 3.99  ? 35  LEU A N   1 
ATOM 253  C CA  . LEU A 1 39  ? -3.610  0.347   -11.119 1.00 3.73  ? 35  LEU A CA  1 
ATOM 254  C C   . LEU A 1 39  ? -2.245  0.933   -10.728 1.00 2.01  ? 35  LEU A C   1 
ATOM 255  O O   . LEU A 1 39  ? -1.691  0.314   -9.823  1.00 9.35  ? 35  LEU A O   1 
ATOM 256  C CB  . LEU A 1 39  ? -4.620  0.650   -10.026 1.00 4.56  ? 35  LEU A CB  1 
ATOM 257  C CG  . LEU A 1 39  ? -6.075  0.257   -10.208 1.00 2.00  ? 35  LEU A CG  1 
ATOM 258  C CD1 . LEU A 1 39  ? -6.234  -1.113  -9.603  1.00 2.00  ? 35  LEU A CD1 1 
ATOM 259  C CD2 . LEU A 1 39  ? -6.944  1.297   -9.527  1.00 2.00  ? 35  LEU A CD2 1 
ATOM 260  N N   . SER A 1 40  ? -1.782  1.976   -11.304 1.00 2.00  ? 36  SER A N   1 
ATOM 261  C CA  . SER A 1 40  ? -0.527  2.614   -11.066 1.00 2.01  ? 36  SER A CA  1 
ATOM 262  C C   . SER A 1 40  ? -0.713  4.120   -11.258 1.00 4.21  ? 36  SER A C   1 
ATOM 263  O O   . SER A 1 40  ? -1.363  4.546   -12.183 1.00 5.46  ? 36  SER A O   1 
ATOM 264  C CB  . SER A 1 40  ? 0.563   2.087   -11.947 1.00 2.00  ? 36  SER A CB  1 
ATOM 265  O OG  . SER A 1 40  ? 0.199   1.803   -13.226 1.00 2.00  ? 36  SER A OG  1 
ATOM 266  N N   . GLY A 1 41  ? -0.162  4.861   -10.338 1.00 6.09  ? 37  GLY A N   1 
ATOM 267  C CA  . GLY A 1 41  ? -0.160  6.311   -10.220 1.00 5.23  ? 37  GLY A CA  1 
ATOM 268  C C   . GLY A 1 41  ? 1.281   6.616   -9.698  1.00 6.63  ? 37  GLY A C   1 
ATOM 269  O O   . GLY A 1 41  ? 2.022   5.679   -9.374  1.00 2.00  ? 37  GLY A O   1 
ATOM 270  N N   . GLY A 1 42  ? 1.529   7.911   -9.664  1.00 8.64  ? 38  GLY A N   1 
ATOM 271  C CA  . GLY A 1 42  ? 2.791   8.508   -9.216  1.00 9.69  ? 38  GLY A CA  1 
ATOM 272  C C   . GLY A 1 42  ? 2.560   9.997   -8.862  1.00 8.26  ? 38  GLY A C   1 
ATOM 273  O O   . GLY A 1 42  ? 1.778   10.635  -9.571  1.00 7.54  ? 38  GLY A O   1 
ATOM 274  N N   . GLU A 1 43  ? 3.198   10.403  -7.785  1.00 5.12  ? 39  GLU A N   1 
ATOM 275  C CA  . GLU A 1 43  ? 3.119   11.777  -7.249  1.00 2.00  ? 39  GLU A CA  1 
ATOM 276  C C   . GLU A 1 43  ? 4.494   12.313  -7.601  1.00 2.00  ? 39  GLU A C   1 
ATOM 277  O O   . GLU A 1 43  ? 5.256   11.387  -7.940  1.00 2.00  ? 39  GLU A O   1 
ATOM 278  C CB  . GLU A 1 43  ? 2.859   11.757  -5.794  1.00 3.43  ? 39  GLU A CB  1 
ATOM 279  C CG  . GLU A 1 43  ? 1.932   12.713  -5.052  1.00 4.84  ? 39  GLU A CG  1 
ATOM 280  C CD  . GLU A 1 43  ? 1.444   12.341  -3.678  1.00 4.54  ? 39  GLU A CD  1 
ATOM 281  O OE1 . GLU A 1 43  ? 1.617   13.024  -2.659  1.00 3.12  ? 39  GLU A OE1 1 
ATOM 282  O OE2 . GLU A 1 43  ? 0.790   11.259  -3.683  1.00 4.76  ? 39  GLU A OE2 1 
ATOM 283  N N   . ALA A 1 44  ? 4.760   13.580  -7.613  1.00 2.56  ? 40  ALA A N   1 
ATOM 284  C CA  . ALA A 1 44  ? 6.025   14.203  -7.973  1.00 5.37  ? 40  ALA A CA  1 
ATOM 285  C C   . ALA A 1 44  ? 7.171   14.258  -6.971  1.00 8.67  ? 40  ALA A C   1 
ATOM 286  O O   . ALA A 1 44  ? 8.334   14.082  -7.382  1.00 9.37  ? 40  ALA A O   1 
ATOM 287  C CB  . ALA A 1 44  ? 5.739   15.651  -8.437  1.00 6.99  ? 40  ALA A CB  1 
ATOM 288  N N   . CYS A 1 45  ? 6.905   14.625  -5.747  1.00 10.89 ? 41  CYS A N   1 
ATOM 289  C CA  . CYS A 1 45  ? 7.674   14.740  -4.525  1.00 10.63 ? 41  CYS A CA  1 
ATOM 290  C C   . CYS A 1 45  ? 6.814   14.022  -3.426  1.00 10.50 ? 41  CYS A C   1 
ATOM 291  O O   . CYS A 1 45  ? 5.660   14.435  -3.198  1.00 12.43 ? 41  CYS A O   1 
ATOM 292  C CB  . CYS A 1 45  ? 7.967   16.132  -4.015  1.00 10.08 ? 41  CYS A CB  1 
ATOM 293  S SG  . CYS A 1 45  ? 9.621   16.741  -4.327  1.00 11.59 ? 41  CYS A SG  1 
ATOM 294  N N   . THR A 1 46  ? 7.368   12.993  -2.868  1.00 7.00  ? 42  THR A N   1 
ATOM 295  C CA  . THR A 1 46  ? 6.814   12.116  -1.889  1.00 3.43  ? 42  THR A CA  1 
ATOM 296  C C   . THR A 1 46  ? 7.913   11.137  -1.430  1.00 3.23  ? 42  THR A C   1 
ATOM 297  O O   . THR A 1 46  ? 9.063   11.179  -1.814  1.00 2.00  ? 42  THR A O   1 
ATOM 298  C CB  . THR A 1 46  ? 5.681   11.123  -2.399  1.00 3.77  ? 42  THR A CB  1 
ATOM 299  O OG1 . THR A 1 46  ? 6.048   10.762  -3.763  1.00 2.00  ? 42  THR A OG1 1 
ATOM 300  C CG2 . THR A 1 46  ? 4.267   11.596  -2.209  1.00 5.85  ? 42  THR A CG2 1 
ATOM 301  N N   . THR A 1 47  ? 7.350   10.195  -0.675  1.00 4.06  ? 43  THR A N   1 
ATOM 302  C CA  . THR A 1 47  ? 8.108   9.174   -0.006  1.00 2.88  ? 43  THR A CA  1 
ATOM 303  C C   . THR A 1 47  ? 7.653   7.736   -0.083  1.00 2.00  ? 43  THR A C   1 
ATOM 304  O O   . THR A 1 47  ? 6.526   7.329   0.189   1.00 2.00  ? 43  THR A O   1 
ATOM 305  C CB  . THR A 1 47  ? 8.129   9.567   1.573   1.00 3.24  ? 43  THR A CB  1 
ATOM 306  O OG1 . THR A 1 47  ? 6.803   9.209   2.091   1.00 3.14  ? 43  THR A OG1 1 
ATOM 307  C CG2 . THR A 1 47  ? 8.475   11.003  1.899   1.00 3.55  ? 43  THR A CG2 1 
ATOM 308  N N   . ASN A 1 48  ? 8.670   6.900   -0.258  1.00 2.98  ? 44  ASN A N   1 
ATOM 309  C CA  . ASN A 1 48  ? 8.519   5.461   -0.215  1.00 3.94  ? 44  ASN A CA  1 
ATOM 310  C C   . ASN A 1 48  ? 7.293   5.034   0.606   1.00 5.73  ? 44  ASN A C   1 
ATOM 311  O O   . ASN A 1 48  ? 6.409   4.314   0.073   1.00 8.78  ? 44  ASN A O   1 
ATOM 312  C CB  . ASN A 1 48  ? 9.796   4.833   0.346   1.00 2.79  ? 44  ASN A CB  1 
ATOM 313  C CG  . ASN A 1 48  ? 10.927  4.750   -0.649  1.00 3.80  ? 44  ASN A CG  1 
ATOM 314  O OD1 . ASN A 1 48  ? 11.649  5.759   -0.796  1.00 7.78  ? 44  ASN A OD1 1 
ATOM 315  N ND2 . ASN A 1 48  ? 11.119  3.604   -1.295  1.00 2.31  ? 44  ASN A ND2 1 
ATOM 316  N N   . ASN A 1 49  ? 7.237   5.415   1.871   1.00 6.84  ? 45  ASN A N   1 
ATOM 317  C CA  . ASN A 1 49  ? 6.170   4.986   2.800   1.00 6.22  ? 45  ASN A CA  1 
ATOM 318  C C   . ASN A 1 49  ? 4.801   5.395   2.280   1.00 5.81  ? 45  ASN A C   1 
ATOM 319  O O   . ASN A 1 49  ? 3.926   4.500   2.272   1.00 6.50  ? 45  ASN A O   1 
ATOM 320  C CB  . ASN A 1 49  ? 6.423   5.287   4.253   1.00 7.69  ? 45  ASN A CB  1 
ATOM 321  C CG  . ASN A 1 49  ? 7.871   5.156   4.671   1.00 8.81  ? 45  ASN A CG  1 
ATOM 322  O OD1 . ASN A 1 49  ? 8.745   5.985   4.338   1.00 10.89 ? 45  ASN A OD1 1 
ATOM 323  N ND2 . ASN A 1 49  ? 8.203   4.079   5.356   1.00 11.51 ? 45  ASN A ND2 1 
ATOM 324  N N   . ARG A 1 50  ? 4.682   6.629   1.837   1.00 3.41  ? 46  ARG A N   1 
ATOM 325  C CA  . ARG A 1 50  ? 3.380   7.033   1.306   1.00 3.41  ? 46  ARG A CA  1 
ATOM 326  C C   . ARG A 1 50  ? 3.072   6.294   0.005   1.00 3.01  ? 46  ARG A C   1 
ATOM 327  O O   . ARG A 1 50  ? 1.887   6.051   -0.259  1.00 4.75  ? 46  ARG A O   1 
ATOM 328  C CB  . ARG A 1 50  ? 3.257   8.504   1.005   1.00 3.45  ? 46  ARG A CB  1 
ATOM 329  C CG  . ARG A 1 50  ? 4.076   9.487   1.742   1.00 4.92  ? 46  ARG A CG  1 
ATOM 330  C CD  . ARG A 1 50  ? 3.586   10.877  1.449   1.00 7.19  ? 46  ARG A CD  1 
ATOM 331  N NE  . ARG A 1 50  ? 2.457   11.182  2.331   1.00 11.04 ? 46  ARG A NE  1 
ATOM 332  C CZ  . ARG A 1 50  ? 1.326   11.716  1.844   1.00 13.31 ? 46  ARG A CZ  1 
ATOM 333  N NH1 . ARG A 1 50  ? 0.306   11.997  2.633   1.00 13.94 ? 46  ARG A NH1 1 
ATOM 334  N NH2 . ARG A 1 50  ? 1.251   11.931  0.533   1.00 14.76 ? 46  ARG A NH2 1 
ATOM 335  N N   . MET A 1 51  ? 4.070   6.049   -0.815  1.00 3.71  ? 47  MET A N   1 
ATOM 336  C CA  . MET A 1 51  ? 3.918   5.408   -2.127  1.00 2.00  ? 47  MET A CA  1 
ATOM 337  C C   . MET A 1 51  ? 3.694   3.921   -1.892  1.00 2.61  ? 47  MET A C   1 
ATOM 338  O O   . MET A 1 51  ? 3.160   3.305   -2.812  1.00 4.20  ? 47  MET A O   1 
ATOM 339  C CB  . MET A 1 51  ? 5.101   5.545   -3.060  1.00 2.00  ? 47  MET A CB  1 
ATOM 340  C CG  . MET A 1 51  ? 5.168   6.826   -3.787  1.00 4.10  ? 47  MET A CG  1 
ATOM 341  S SD  . MET A 1 51  ? 3.572   7.133   -4.621  1.00 9.54  ? 47  MET A SD  1 
ATOM 342  C CE  . MET A 1 51  ? 2.715   8.155   -3.390  1.00 2.00  ? 47  MET A CE  1 
ATOM 343  N N   . GLU A 1 52  ? 4.128   3.425   -0.732  1.00 2.05  ? 48  GLU A N   1 
ATOM 344  C CA  . GLU A 1 52  ? 3.923   1.969   -0.551  1.00 3.13  ? 48  GLU A CA  1 
ATOM 345  C C   . GLU A 1 52  ? 2.508   1.795   -0.007  1.00 5.46  ? 48  GLU A C   1 
ATOM 346  O O   . GLU A 1 52  ? 1.797   0.778   -0.272  1.00 7.06  ? 48  GLU A O   1 
ATOM 347  C CB  . GLU A 1 52  ? 4.943   1.324   0.299   1.00 5.73  ? 48  GLU A CB  1 
ATOM 348  C CG  . GLU A 1 52  ? 6.425   1.225   0.041   1.00 7.25  ? 48  GLU A CG  1 
ATOM 349  C CD  . GLU A 1 52  ? 7.203   0.793   1.260   1.00 10.57 ? 48  GLU A CD  1 
ATOM 350  O OE1 . GLU A 1 52  ? 7.273   1.401   2.318   1.00 12.98 ? 48  GLU A OE1 1 
ATOM 351  O OE2 . GLU A 1 52  ? 7.787   -0.302  1.121   1.00 13.18 ? 48  GLU A OE2 1 
ATOM 352  N N   . LEU A 1 53  ? 2.143   2.827   0.741   1.00 4.79  ? 49  LEU A N   1 
ATOM 353  C CA  . LEU A 1 53  ? 0.816   2.894   1.379   1.00 6.80  ? 49  LEU A CA  1 
ATOM 354  C C   . LEU A 1 53  ? -0.303  3.274   0.421   1.00 6.99  ? 49  LEU A C   1 
ATOM 355  O O   . LEU A 1 53  ? -1.370  2.598   0.376   1.00 9.42  ? 49  LEU A O   1 
ATOM 356  C CB  . LEU A 1 53  ? 0.979   3.728   2.620   1.00 7.92  ? 49  LEU A CB  1 
ATOM 357  C CG  . LEU A 1 53  ? -0.114  3.857   3.640   1.00 8.83  ? 49  LEU A CG  1 
ATOM 358  C CD1 . LEU A 1 53  ? -0.454  2.506   4.272   1.00 9.67  ? 49  LEU A CD1 1 
ATOM 359  C CD2 . LEU A 1 53  ? 0.404   4.792   4.745   1.00 10.11 ? 49  LEU A CD2 1 
ATOM 360  N N   . LYS A 1 54  ? -0.135  4.301   -0.352  1.00 5.95  ? 50  LYS A N   1 
ATOM 361  C CA  . LYS A 1 54  ? -1.102  4.784   -1.357  1.00 4.30  ? 50  LYS A CA  1 
ATOM 362  C C   . LYS A 1 54  ? -1.361  3.585   -2.276  1.00 4.22  ? 50  LYS A C   1 
ATOM 363  O O   . LYS A 1 54  ? -2.442  3.455   -2.882  1.00 7.42  ? 50  LYS A O   1 
ATOM 364  C CB  . LYS A 1 54  ? -0.528  5.932   -2.144  1.00 5.17  ? 50  LYS A CB  1 
ATOM 365  C CG  . LYS A 1 54  ? -1.273  7.250   -2.342  1.00 7.18  ? 50  LYS A CG  1 
ATOM 366  C CD  . LYS A 1 54  ? -1.743  7.461   -3.817  1.00 5.89  ? 50  LYS A CD  1 
ATOM 367  C CE  . LYS A 1 54  ? -1.498  8.844   -4.378  1.00 2.00  ? 50  LYS A CE  1 
ATOM 368  N NZ  . LYS A 1 54  ? -2.593  9.758   -3.993  1.00 2.08  ? 50  LYS A NZ  1 
ATOM 369  N N   . ALA A 1 55  ? -0.403  2.686   -2.337  1.00 2.00  ? 51  ALA A N   1 
ATOM 370  C CA  . ALA A 1 55  ? -0.538  1.501   -3.169  1.00 2.00  ? 51  ALA A CA  1 
ATOM 371  C C   . ALA A 1 55  ? -1.538  0.522   -2.615  1.00 2.65  ? 51  ALA A C   1 
ATOM 372  O O   . ALA A 1 55  ? -2.435  -0.003  -3.308  1.00 3.59  ? 51  ALA A O   1 
ATOM 373  C CB  . ALA A 1 55  ? 0.825   0.888   -3.364  1.00 3.73  ? 51  ALA A CB  1 
ATOM 374  N N   . ALA A 1 56  ? -1.417  0.221   -1.338  1.00 5.94  ? 52  ALA A N   1 
ATOM 375  C CA  . ALA A 1 56  ? -2.339  -0.729  -0.683  1.00 3.86  ? 52  ALA A CA  1 
ATOM 376  C C   . ALA A 1 56  ? -3.767  -0.250  -0.705  1.00 4.28  ? 52  ALA A C   1 
ATOM 377  O O   . ALA A 1 56  ? -4.680  -1.067  -0.884  1.00 5.53  ? 52  ALA A O   1 
ATOM 378  C CB  . ALA A 1 56  ? -1.889  -0.913  0.754   1.00 4.09  ? 52  ALA A CB  1 
ATOM 379  N N   . ILE A 1 57  ? -3.977  1.038   -0.499  1.00 6.82  ? 53  ILE A N   1 
ATOM 380  C CA  . ILE A 1 57  ? -5.333  1.650   -0.427  1.00 7.05  ? 53  ILE A CA  1 
ATOM 381  C C   . ILE A 1 57  ? -6.064  1.689   -1.758  1.00 7.19  ? 53  ILE A C   1 
ATOM 382  O O   . ILE A 1 57  ? -7.264  1.298   -1.732  1.00 4.53  ? 53  ILE A O   1 
ATOM 383  C CB  . ILE A 1 57  ? -5.339  2.945   0.438   1.00 8.13  ? 53  ILE A CB  1 
ATOM 384  C CG1 . ILE A 1 57  ? -6.083  4.104   -0.289  1.00 6.42  ? 53  ILE A CG1 1 
ATOM 385  C CG2 . ILE A 1 57  ? -3.967  3.486   0.959   1.00 7.22  ? 53  ILE A CG2 1 
ATOM 386  C CD1 . ILE A 1 57  ? -7.619  3.908   -0.166  1.00 8.20  ? 53  ILE A CD1 1 
ATOM 387  N N   . GLU A 1 58  ? -5.417  2.105   -2.853  1.00 6.20  ? 54  GLU A N   1 
ATOM 388  C CA  . GLU A 1 58  ? -6.058  2.131   -4.192  1.00 4.92  ? 54  GLU A CA  1 
ATOM 389  C C   . GLU A 1 58  ? -6.419  0.716   -4.617  1.00 4.46  ? 54  GLU A C   1 
ATOM 390  O O   . GLU A 1 58  ? -7.470  0.452   -5.225  1.00 3.37  ? 54  GLU A O   1 
ATOM 391  C CB  . GLU A 1 58  ? -5.292  2.845   -5.281  1.00 2.00  ? 54  GLU A CB  1 
ATOM 392  C CG  . GLU A 1 58  ? -5.030  4.327   -5.169  1.00 2.00  ? 54  GLU A CG  1 
ATOM 393  C CD  . GLU A 1 58  ? -6.065  5.381   -5.222  1.00 3.64  ? 54  GLU A CD  1 
ATOM 394  O OE1 . GLU A 1 58  ? -6.727  5.756   -6.201  1.00 2.90  ? 54  GLU A OE1 1 
ATOM 395  O OE2 . GLU A 1 58  ? -6.209  6.027   -4.139  1.00 2.30  ? 54  GLU A OE2 1 
ATOM 396  N N   . GLY A 1 59  ? -5.559  -0.236  -4.276  1.00 6.37  ? 55  GLY A N   1 
ATOM 397  C CA  . GLY A 1 59  ? -5.869  -1.681  -4.557  1.00 7.34  ? 55  GLY A CA  1 
ATOM 398  C C   . GLY A 1 59  ? -7.285  -1.894  -3.954  1.00 9.26  ? 55  GLY A C   1 
ATOM 399  O O   . GLY A 1 59  ? -8.260  -1.975  -4.721  1.00 10.60 ? 55  GLY A O   1 
ATOM 400  N N   . LEU A 1 60  ? -7.360  -1.872  -2.616  1.00 8.26  ? 56  LEU A N   1 
ATOM 401  C CA  . LEU A 1 60  ? -8.621  -2.032  -1.884  1.00 5.73  ? 56  LEU A CA  1 
ATOM 402  C C   . LEU A 1 60  ? -9.740  -1.165  -2.477  1.00 3.40  ? 56  LEU A C   1 
ATOM 403  O O   . LEU A 1 60  ? -10.764 -1.704  -2.901  1.00 2.13  ? 56  LEU A O   1 
ATOM 404  C CB  . LEU A 1 60  ? -8.436  -1.869  -0.401  1.00 5.84  ? 56  LEU A CB  1 
ATOM 405  C CG  . LEU A 1 60  ? -8.004  -2.890  0.599   1.00 7.38  ? 56  LEU A CG  1 
ATOM 406  C CD1 . LEU A 1 60  ? -7.975  -4.343  0.122   1.00 7.56  ? 56  LEU A CD1 1 
ATOM 407  C CD2 . LEU A 1 60  ? -6.590  -2.562  1.126   1.00 8.27  ? 56  LEU A CD2 1 
ATOM 408  N N   . LYS A 1 61  ? -9.566  0.133   -2.539  1.00 3.32  ? 57  LYS A N   1 
ATOM 409  C CA  . LYS A 1 61  ? -10.549 1.074   -3.064  1.00 2.56  ? 57  LYS A CA  1 
ATOM 410  C C   . LYS A 1 61  ? -11.319 0.545   -4.255  1.00 3.18  ? 57  LYS A C   1 
ATOM 411  O O   . LYS A 1 61  ? -12.556 0.693   -4.311  1.00 2.51  ? 57  LYS A O   1 
ATOM 412  C CB  . LYS A 1 61  ? -10.017 2.457   -3.468  1.00 4.32  ? 57  LYS A CB  1 
ATOM 413  C CG  . LYS A 1 61  ? -9.895  3.412   -2.255  1.00 4.17  ? 57  LYS A CG  1 
ATOM 414  C CD  . LYS A 1 61  ? -10.085 4.865   -2.586  1.00 2.60  ? 57  LYS A CD  1 
ATOM 415  C CE  . LYS A 1 61  ? -9.113  5.442   -3.593  1.00 2.51  ? 57  LYS A CE  1 
ATOM 416  N NZ  . LYS A 1 61  ? -9.788  6.641   -4.236  1.00 2.40  ? 57  LYS A NZ  1 
ATOM 417  N N   . ALA A 1 62  ? -10.540 -0.021  -5.172  1.00 4.45  ? 58  ALA A N   1 
ATOM 418  C CA  . ALA A 1 62  ? -11.118 -0.575  -6.417  1.00 4.03  ? 58  ALA A CA  1 
ATOM 419  C C   . ALA A 1 62  ? -11.677 -1.986  -6.277  1.00 3.09  ? 58  ALA A C   1 
ATOM 420  O O   . ALA A 1 62  ? -11.236 -2.889  -6.997  1.00 2.00  ? 58  ALA A O   1 
ATOM 421  C CB  . ALA A 1 62  ? -10.045 -0.457  -7.482  1.00 2.00  ? 58  ALA A CB  1 
ATOM 422  N N   . LEU A 1 63  ? -12.588 -2.191  -5.353  1.00 3.18  ? 59  LEU A N   1 
ATOM 423  C CA  . LEU A 1 63  ? -13.253 -3.467  -5.096  1.00 5.54  ? 59  LEU A CA  1 
ATOM 424  C C   . LEU A 1 63  ? -14.617 -3.163  -4.427  1.00 6.90  ? 59  LEU A C   1 
ATOM 425  O O   . LEU A 1 63  ? -14.684 -3.126  -3.209  1.00 5.37  ? 59  LEU A O   1 
ATOM 426  C CB  . LEU A 1 63  ? -12.462 -4.435  -4.329  1.00 6.21  ? 59  LEU A CB  1 
ATOM 427  C CG  . LEU A 1 63  ? -11.142 -5.068  -4.189  1.00 5.45  ? 59  LEU A CG  1 
ATOM 428  C CD1 . LEU A 1 63  ? -11.016 -5.598  -2.742  1.00 2.00  ? 59  LEU A CD1 1 
ATOM 429  C CD2 . LEU A 1 63  ? -10.988 -6.308  -5.059  1.00 5.54  ? 59  LEU A CD2 1 
ATOM 430  N N   . LYS A 1 64  ? -15.671 -2.999  -5.226  1.00 11.44 ? 60  LYS A N   1 
ATOM 431  C CA  . LYS A 1 64  ? -17.020 -2.725  -4.665  1.00 13.35 ? 60  LYS A CA  1 
ATOM 432  C C   . LYS A 1 64  ? -17.653 -4.005  -4.061  1.00 12.61 ? 60  LYS A C   1 
ATOM 433  O O   . LYS A 1 64  ? -18.792 -3.969  -3.580  1.00 11.73 ? 60  LYS A O   1 
ATOM 434  C CB  . LYS A 1 64  ? -18.044 -2.205  -5.676  1.00 11.76 ? 60  LYS A CB  1 
ATOM 435  C CG  . LYS A 1 64  ? -17.621 -1.218  -6.726  1.00 11.98 ? 60  LYS A CG  1 
ATOM 436  C CD  . LYS A 1 64  ? -17.108 0.086   -6.173  1.00 11.79 ? 60  LYS A CD  1 
ATOM 437  C CE  . LYS A 1 64  ? -16.812 1.171   -7.182  1.00 11.84 ? 60  LYS A CE  1 
ATOM 438  N NZ  . LYS A 1 64  ? -16.629 2.477   -6.470  1.00 8.62  ? 60  LYS A NZ  1 
ATOM 439  N N   . GLU A 1 65  ? -16.910 -5.088  -4.117  1.00 12.66 ? 61  GLU A N   1 
ATOM 440  C CA  . GLU A 1 65  ? -17.383 -6.397  -3.709  1.00 11.58 ? 61  GLU A CA  1 
ATOM 441  C C   . GLU A 1 65  ? -16.568 -7.089  -2.634  1.00 8.80  ? 61  GLU A C   1 
ATOM 442  O O   . GLU A 1 65  ? -15.563 -7.812  -2.750  1.00 2.83  ? 61  GLU A O   1 
ATOM 443  C CB  . GLU A 1 65  ? -17.735 -7.246  -4.937  1.00 13.17 ? 61  GLU A CB  1 
ATOM 444  C CG  . GLU A 1 65  ? -17.399 -8.699  -5.190  1.00 15.40 ? 61  GLU A CG  1 
ATOM 445  C CD  . GLU A 1 65  ? -16.073 -9.105  -5.760  1.00 16.35 ? 61  GLU A CD  1 
ATOM 446  O OE1 . GLU A 1 65  ? -15.176 -8.284  -5.997  1.00 19.33 ? 61  GLU A OE1 1 
ATOM 447  O OE2 . GLU A 1 65  ? -15.899 -10.331 -5.990  1.00 15.20 ? 61  GLU A OE2 1 
ATOM 448  N N   . PRO A 1 66  ? -17.166 -6.884  -1.453  1.00 7.65  ? 62  PRO A N   1 
ATOM 449  C CA  . PRO A 1 66  ? -16.663 -7.454  -0.203  1.00 8.31  ? 62  PRO A CA  1 
ATOM 450  C C   . PRO A 1 66  ? -16.274 -8.903  -0.384  1.00 5.14  ? 62  PRO A C   1 
ATOM 451  O O   . PRO A 1 66  ? -17.089 -9.800  -0.371  1.00 3.22  ? 62  PRO A O   1 
ATOM 452  C CB  . PRO A 1 66  ? -17.848 -7.261  0.775   1.00 7.16  ? 62  PRO A CB  1 
ATOM 453  C CG  . PRO A 1 66  ? -18.324 -5.891  0.318   1.00 6.38  ? 62  PRO A CG  1 
ATOM 454  C CD  . PRO A 1 66  ? -18.356 -6.044  -1.204  1.00 5.91  ? 62  PRO A CD  1 
ATOM 455  N N   . CYS A 1 67  ? -14.983 -9.073  -0.516  1.00 9.42  ? 63  CYS A N   1 
ATOM 456  C CA  . CYS A 1 67  ? -14.317 -10.381 -0.692  1.00 11.00 ? 63  CYS A CA  1 
ATOM 457  C C   . CYS A 1 67  ? -13.206 -10.647 0.344   1.00 8.74  ? 63  CYS A C   1 
ATOM 458  O O   . CYS A 1 67  ? -12.742 -9.763  1.075   1.00 8.55  ? 63  CYS A O   1 
ATOM 459  C CB  . CYS A 1 67  ? -13.700 -10.502 -2.121  1.00 6.69  ? 63  CYS A CB  1 
ATOM 460  S SG  . CYS A 1 67  ? -13.042 -8.908  -2.661  1.00 2.00  ? 63  CYS A SG  1 
ATOM 461  N N   . GLU A 1 68  ? -12.834 -11.927 0.331   1.00 5.07  ? 64  GLU A N   1 
ATOM 462  C CA  . GLU A 1 68  ? -11.711 -12.278 1.215   1.00 5.32  ? 64  GLU A CA  1 
ATOM 463  C C   . GLU A 1 68  ? -10.525 -11.734 0.395   1.00 5.32  ? 64  GLU A C   1 
ATOM 464  O O   . GLU A 1 68  ? -10.450 -12.010 -0.820  1.00 7.22  ? 64  GLU A O   1 
ATOM 465  C CB  . GLU A 1 68  ? -11.648 -13.717 1.566   1.00 5.64  ? 64  GLU A CB  1 
ATOM 466  C CG  . GLU A 1 68  ? -10.377 -14.421 2.069   1.00 8.61  ? 64  GLU A CG  1 
ATOM 467  C CD  . GLU A 1 68  ? -10.471 -15.938 2.008   1.00 10.97 ? 64  GLU A CD  1 
ATOM 468  O OE1 . GLU A 1 68  ? -11.530 -16.531 2.235   1.00 10.74 ? 64  GLU A OE1 1 
ATOM 469  O OE2 . GLU A 1 68  ? -9.387  -16.493 1.675   1.00 11.37 ? 64  GLU A OE2 1 
ATOM 470  N N   . VAL A 1 69  ? -9.671  -10.934 0.992   1.00 3.37  ? 65  VAL A N   1 
ATOM 471  C CA  . VAL A 1 69  ? -8.462  -10.398 0.312   1.00 4.46  ? 65  VAL A CA  1 
ATOM 472  C C   . VAL A 1 69  ? -7.181  -10.969 0.921   1.00 2.85  ? 65  VAL A C   1 
ATOM 473  O O   . VAL A 1 69  ? -7.139  -11.228 2.140   1.00 8.40  ? 65  VAL A O   1 
ATOM 474  C CB  . VAL A 1 69  ? -8.559  -8.849  0.366   1.00 3.62  ? 65  VAL A CB  1 
ATOM 475  C CG1 . VAL A 1 69  ? -7.478  -8.033  -0.276  1.00 2.00  ? 65  VAL A CG1 1 
ATOM 476  C CG2 . VAL A 1 69  ? -9.987  -8.476  -0.086  1.00 2.00  ? 65  VAL A CG2 1 
ATOM 477  N N   . ASP A 1 70  ? -6.175  -11.245 0.173   1.00 2.01  ? 66  ASP A N   1 
ATOM 478  C CA  . ASP A 1 70  ? -4.829  -11.688 0.544   1.00 2.01  ? 66  ASP A CA  1 
ATOM 479  C C   . ASP A 1 70  ? -4.063  -10.417 0.097   1.00 2.03  ? 66  ASP A C   1 
ATOM 480  O O   . ASP A 1 70  ? -4.238  -10.062 -1.104  1.00 5.58  ? 66  ASP A O   1 
ATOM 481  C CB  . ASP A 1 70  ? -4.286  -12.896 -0.200  1.00 2.00  ? 66  ASP A CB  1 
ATOM 482  C CG  . ASP A 1 70  ? -4.725  -14.200 0.393   1.00 4.37  ? 66  ASP A CG  1 
ATOM 483  O OD1 . ASP A 1 70  ? -4.033  -14.917 1.135   1.00 5.89  ? 66  ASP A OD1 1 
ATOM 484  O OD2 . ASP A 1 70  ? -5.910  -14.493 0.162   1.00 5.94  ? 66  ASP A OD2 1 
ATOM 485  N N   . LEU A 1 71  ? -3.423  -9.726  0.953   1.00 2.00  ? 67  LEU A N   1 
ATOM 486  C CA  . LEU A 1 71  ? -2.729  -8.469  0.453   1.00 3.82  ? 67  LEU A CA  1 
ATOM 487  C C   . LEU A 1 71  ? -1.244  -8.775  0.508   1.00 4.23  ? 67  LEU A C   1 
ATOM 488  O O   . LEU A 1 71  ? -0.894  -9.726  1.258   1.00 7.67  ? 67  LEU A O   1 
ATOM 489  C CB  . LEU A 1 71  ? -3.360  -7.327  1.190   1.00 2.00  ? 67  LEU A CB  1 
ATOM 490  C CG  . LEU A 1 71  ? -3.268  -5.949  0.591   1.00 2.00  ? 67  LEU A CG  1 
ATOM 491  C CD1 . LEU A 1 71  ? -4.260  -5.067  1.332   1.00 2.00  ? 67  LEU A CD1 1 
ATOM 492  C CD2 . LEU A 1 71  ? -1.845  -5.404  0.666   1.00 2.00  ? 67  LEU A CD2 1 
ATOM 493  N N   . TYR A 1 72  ? -0.390  -8.133  -0.238  1.00 2.00  ? 68  TYR A N   1 
ATOM 494  C CA  . TYR A 1 72  ? 1.035   -8.515  -0.166  1.00 2.70  ? 68  TYR A CA  1 
ATOM 495  C C   . TYR A 1 72  ? 1.956   -7.307  -0.328  1.00 2.81  ? 68  TYR A C   1 
ATOM 496  O O   . TYR A 1 72  ? 1.739   -6.548  -1.269  1.00 5.41  ? 68  TYR A O   1 
ATOM 497  C CB  . TYR A 1 72  ? 1.389   -9.607  -1.109  1.00 2.09  ? 68  TYR A CB  1 
ATOM 498  C CG  . TYR A 1 72  ? 0.650   -10.911 -1.130  1.00 2.58  ? 68  TYR A CG  1 
ATOM 499  C CD1 . TYR A 1 72  ? 1.335   -12.103 -0.815  1.00 2.01  ? 68  TYR A CD1 1 
ATOM 500  C CD2 . TYR A 1 72  ? -0.667  -10.992 -1.560  1.00 2.00  ? 68  TYR A CD2 1 
ATOM 501  C CE1 . TYR A 1 72  ? 0.694   -13.316 -0.859  1.00 2.00  ? 68  TYR A CE1 1 
ATOM 502  C CE2 . TYR A 1 72  ? -1.283  -12.225 -1.656  1.00 2.02  ? 68  TYR A CE2 1 
ATOM 503  C CZ  . TYR A 1 72  ? -0.621  -13.383 -1.310  1.00 2.41  ? 68  TYR A CZ  1 
ATOM 504  O OH  . TYR A 1 72  ? -1.274  -14.591 -1.418  1.00 3.23  ? 68  TYR A OH  1 
ATOM 505  N N   . THR A 1 73  ? 2.923   -7.207  0.557   1.00 2.00  ? 69  THR A N   1 
ATOM 506  C CA  . THR A 1 73  ? 3.808   -6.051  0.511   1.00 2.00  ? 69  THR A CA  1 
ATOM 507  C C   . THR A 1 73  ? 5.148   -6.312  1.133   1.00 5.94  ? 69  THR A C   1 
ATOM 508  O O   . THR A 1 73  ? 5.273   -7.086  2.103   1.00 11.23 ? 69  THR A O   1 
ATOM 509  C CB  . THR A 1 73  ? 2.915   -5.004  1.269   1.00 2.00  ? 69  THR A CB  1 
ATOM 510  O OG1 . THR A 1 73  ? 3.324   -3.710  0.828   1.00 6.36  ? 69  THR A OG1 1 
ATOM 511  C CG2 . THR A 1 73  ? 2.948   -5.176  2.771   1.00 4.71  ? 69  THR A CG2 1 
ATOM 512  N N   . ASP A 1 74  ? 6.211   -5.763  0.591   1.00 6.34  ? 70  ASP A N   1 
ATOM 513  C CA  . ASP A 1 74  ? 7.615   -5.826  0.953   1.00 4.19  ? 70  ASP A CA  1 
ATOM 514  C C   . ASP A 1 74  ? 7.911   -4.664  1.942   1.00 6.19  ? 70  ASP A C   1 
ATOM 515  O O   . ASP A 1 74  ? 9.101   -4.521  2.282   1.00 5.30  ? 70  ASP A O   1 
ATOM 516  C CB  . ASP A 1 74  ? 8.524   -5.676  -0.258  1.00 4.89  ? 70  ASP A CB  1 
ATOM 517  C CG  . ASP A 1 74  ? 8.831   -4.358  -0.926  1.00 6.49  ? 70  ASP A CG  1 
ATOM 518  O OD1 . ASP A 1 74  ? 9.945   -4.116  -1.501  1.00 5.01  ? 70  ASP A OD1 1 
ATOM 519  O OD2 . ASP A 1 74  ? 7.963   -3.432  -1.010  1.00 6.91  ? 70  ASP A OD2 1 
ATOM 520  N N   . SER A 1 75  ? 6.862   -3.908  2.254   1.00 5.53  ? 71  SER A N   1 
ATOM 521  C CA  . SER A 1 75  ? 6.850   -2.722  3.079   1.00 4.67  ? 71  SER A CA  1 
ATOM 522  C C   . SER A 1 75  ? 7.363   -2.914  4.504   1.00 5.98  ? 71  SER A C   1 
ATOM 523  O O   . SER A 1 75  ? 6.812   -3.522  5.419   1.00 4.82  ? 71  SER A O   1 
ATOM 524  C CB  . SER A 1 75  ? 5.581   -1.899  3.078   1.00 3.72  ? 71  SER A CB  1 
ATOM 525  O OG  . SER A 1 75  ? 5.736   -0.562  3.540   1.00 2.00  ? 71  SER A OG  1 
ATOM 526  N N   . HIS A 1 76  ? 8.517   -2.269  4.581   1.00 9.88  ? 72  HIS A N   1 
ATOM 527  C CA  . HIS A 1 76  ? 9.340   -2.146  5.801   1.00 13.96 ? 72  HIS A CA  1 
ATOM 528  C C   . HIS A 1 76  ? 8.368   -1.539  6.844   1.00 12.03 ? 72  HIS A C   1 
ATOM 529  O O   . HIS A 1 76  ? 7.969   -2.120  7.868   1.00 11.14 ? 72  HIS A O   1 
ATOM 530  C CB  . HIS A 1 76  ? 10.585  -1.256  5.533   1.00 17.03 ? 72  HIS A CB  1 
ATOM 531  C CG  . HIS A 1 76  ? 11.376  -1.600  4.295   1.00 20.67 ? 72  HIS A CG  1 
ATOM 532  N ND1 . HIS A 1 76  ? 10.907  -1.476  2.989   1.00 21.77 ? 72  HIS A ND1 1 
ATOM 533  C CD2 . HIS A 1 76  ? 12.666  -2.022  4.166   1.00 21.25 ? 72  HIS A CD2 1 
ATOM 534  C CE1 . HIS A 1 76  ? 11.852  -1.863  2.127   1.00 20.61 ? 72  HIS A CE1 1 
ATOM 535  N NE2 . HIS A 1 76  ? 12.926  -2.189  2.805   1.00 20.89 ? 72  HIS A NE2 1 
ATOM 536  N N   . TYR A 1 77  ? 7.883   -0.380  6.472   1.00 8.51  ? 73  TYR A N   1 
ATOM 537  C CA  . TYR A 1 77  ? 6.923   0.435   7.172   1.00 7.37  ? 73  TYR A CA  1 
ATOM 538  C C   . TYR A 1 77  ? 5.547   -0.170  7.424   1.00 7.86  ? 73  TYR A C   1 
ATOM 539  O O   . TYR A 1 77  ? 4.997   0.023   8.540   1.00 8.95  ? 73  TYR A O   1 
ATOM 540  C CB  . TYR A 1 77  ? 6.756   1.720   6.355   1.00 4.77  ? 73  TYR A CB  1 
ATOM 541  C CG  . TYR A 1 77  ? 5.891   2.819   6.865   1.00 2.00  ? 73  TYR A CG  1 
ATOM 542  C CD1 . TYR A 1 77  ? 6.202   3.581   7.995   1.00 3.12  ? 73  TYR A CD1 1 
ATOM 543  C CD2 . TYR A 1 77  ? 4.778   3.180   6.148   1.00 2.05  ? 73  TYR A CD2 1 
ATOM 544  C CE1 . TYR A 1 77  ? 5.395   4.637   8.395   1.00 6.18  ? 73  TYR A CE1 1 
ATOM 545  C CE2 . TYR A 1 77  ? 3.948   4.223   6.525   1.00 6.28  ? 73  TYR A CE2 1 
ATOM 546  C CZ  . TYR A 1 77  ? 4.245   4.981   7.657   1.00 7.65  ? 73  TYR A CZ  1 
ATOM 547  O OH  . TYR A 1 77  ? 3.377   6.003   7.993   1.00 4.86  ? 73  TYR A OH  1 
ATOM 548  N N   . LEU A 1 78  ? 4.902   -0.810  6.462   1.00 7.75  ? 74  LEU A N   1 
ATOM 549  C CA  . LEU A 1 78  ? 3.558   -1.350  6.701   1.00 4.19  ? 74  LEU A CA  1 
ATOM 550  C C   . LEU A 1 78  ? 3.624   -2.473  7.714   1.00 2.83  ? 74  LEU A C   1 
ATOM 551  O O   . LEU A 1 78  ? 2.704   -2.516  8.513   1.00 2.00  ? 74  LEU A O   1 
ATOM 552  C CB  . LEU A 1 78  ? 2.909   -1.773  5.404   1.00 5.64  ? 74  LEU A CB  1 
ATOM 553  C CG  . LEU A 1 78  ? 1.953   -0.751  4.796   1.00 7.57  ? 74  LEU A CG  1 
ATOM 554  C CD1 . LEU A 1 78  ? 2.722   0.329   4.031   1.00 6.78  ? 74  LEU A CD1 1 
ATOM 555  C CD2 . LEU A 1 78  ? 0.975   -1.520  3.892   1.00 6.75  ? 74  LEU A CD2 1 
ATOM 556  N N   . LYS A 1 79  ? 4.618   -3.306  7.559   1.00 4.81  ? 75  LYS A N   1 
ATOM 557  C CA  . LYS A 1 79  ? 4.845   -4.479  8.438   1.00 6.94  ? 75  LYS A CA  1 
ATOM 558  C C   . LYS A 1 79  ? 5.099   -3.999  9.866   1.00 8.65  ? 75  LYS A C   1 
ATOM 559  O O   . LYS A 1 79  ? 4.675   -4.672  10.806  1.00 7.92  ? 75  LYS A O   1 
ATOM 560  C CB  . LYS A 1 79  ? 6.009   -5.334  7.973   1.00 7.69  ? 75  LYS A CB  1 
ATOM 561  C CG  . LYS A 1 79  ? 6.420   -6.545  8.813   1.00 5.48  ? 75  LYS A CG  1 
ATOM 562  C CD  . LYS A 1 79  ? 7.804   -7.066  8.466   1.00 7.71  ? 75  LYS A CD  1 
ATOM 563  C CE  . LYS A 1 79  ? 8.223   -7.236  7.006   1.00 8.39  ? 75  LYS A CE  1 
ATOM 564  N NZ  . LYS A 1 79  ? 9.736   -7.369  6.851   1.00 2.73  ? 75  LYS A NZ  1 
ATOM 565  N N   . LYS A 1 80  ? 5.819   -2.882  9.975   1.00 10.91 ? 76  LYS A N   1 
ATOM 566  C CA  . LYS A 1 80  ? 6.127   -2.261  11.269  1.00 11.67 ? 76  LYS A CA  1 
ATOM 567  C C   . LYS A 1 80  ? 4.753   -2.025  11.935  1.00 11.94 ? 76  LYS A C   1 
ATOM 568  O O   . LYS A 1 80  ? 4.232   -2.821  12.746  1.00 14.06 ? 76  LYS A O   1 
ATOM 569  C CB  . LYS A 1 80  ? 6.899   -0.954  11.153  1.00 13.28 ? 76  LYS A CB  1 
ATOM 570  C CG  . LYS A 1 80  ? 7.334   -0.272  12.458  1.00 17.62 ? 76  LYS A CG  1 
ATOM 571  C CD  . LYS A 1 80  ? 7.658   1.228   12.400  1.00 17.23 ? 76  LYS A CD  1 
ATOM 572  C CE  . LYS A 1 80  ? 6.490   2.198   12.238  1.00 14.60 ? 76  LYS A CE  1 
ATOM 573  N NZ  . LYS A 1 80  ? 5.789   2.571   13.507  1.00 6.68  ? 76  LYS A NZ  1 
ATOM 574  N N   . ALA A 1 81  ? 4.143   -0.940  11.500  1.00 9.16  ? 77  ALA A N   1 
ATOM 575  C CA  . ALA A 1 81  ? 2.883   -0.387  11.927  1.00 4.38  ? 77  ALA A CA  1 
ATOM 576  C C   . ALA A 1 81  ? 1.795   -1.365  12.276  1.00 4.69  ? 77  ALA A C   1 
ATOM 577  O O   . ALA A 1 81  ? 1.019   -1.013  13.184  1.00 6.56  ? 77  ALA A O   1 
ATOM 578  C CB  . ALA A 1 81  ? 2.365   0.668   10.944  1.00 2.00  ? 77  ALA A CB  1 
ATOM 579  N N   . PHE A 1 82  ? 1.711   -2.513  11.648  1.00 4.88  ? 78  PHE A N   1 
ATOM 580  C CA  . PHE A 1 82  ? 0.610   -3.448  11.814  1.00 4.42  ? 78  PHE A CA  1 
ATOM 581  C C   . PHE A 1 82  ? 0.929   -4.578  12.749  1.00 7.67  ? 78  PHE A C   1 
ATOM 582  O O   . PHE A 1 82  ? -0.059  -5.133  13.276  1.00 13.12 ? 78  PHE A O   1 
ATOM 583  C CB  . PHE A 1 82  ? 0.162   -4.086  10.468  1.00 5.07  ? 78  PHE A CB  1 
ATOM 584  C CG  . PHE A 1 82  ? -0.877  -3.332  9.679   1.00 2.08  ? 78  PHE A CG  1 
ATOM 585  C CD1 . PHE A 1 82  ? -0.486  -2.481  8.653   1.00 2.00  ? 78  PHE A CD1 1 
ATOM 586  C CD2 . PHE A 1 82  ? -2.215  -3.472  9.952   1.00 2.00  ? 78  PHE A CD2 1 
ATOM 587  C CE1 . PHE A 1 82  ? -1.398  -1.764  7.930   1.00 2.00  ? 78  PHE A CE1 1 
ATOM 588  C CE2 . PHE A 1 82  ? -3.190  -2.785  9.280   1.00 2.00  ? 78  PHE A CE2 1 
ATOM 589  C CZ  . PHE A 1 82  ? -2.736  -1.901  8.274   1.00 4.60  ? 78  PHE A CZ  1 
ATOM 590  N N   . THR A 1 83  ? 2.186   -4.927  12.838  1.00 7.78  ? 79  THR A N   1 
ATOM 591  C CA  . THR A 1 83  ? 2.621   -6.039  13.678  1.00 5.30  ? 79  THR A CA  1 
ATOM 592  C C   . THR A 1 83  ? 3.052   -5.670  15.097  1.00 3.87  ? 79  THR A C   1 
ATOM 593  O O   . THR A 1 83  ? 2.836   -6.524  15.986  1.00 2.61  ? 79  THR A O   1 
ATOM 594  C CB  . THR A 1 83  ? 3.774   -6.890  12.975  1.00 5.15  ? 79  THR A CB  1 
ATOM 595  O OG1 . THR A 1 83  ? 5.033   -6.138  13.173  1.00 5.39  ? 79  THR A OG1 1 
ATOM 596  C CG2 . THR A 1 83  ? 3.443   -7.270  11.552  1.00 2.00  ? 79  THR A CG2 1 
ATOM 597  N N   . GLU A 1 84  ? 3.651   -4.515  15.289  1.00 2.38  ? 80  GLU A N   1 
ATOM 598  C CA  . GLU A 1 84  ? 4.136   -4.069  16.569  1.00 3.17  ? 80  GLU A CA  1 
ATOM 599  C C   . GLU A 1 84  ? 3.251   -3.233  17.445  1.00 4.10  ? 80  GLU A C   1 
ATOM 600  O O   . GLU A 1 84  ? 3.768   -2.419  18.246  1.00 4.94  ? 80  GLU A O   1 
ATOM 601  C CB  . GLU A 1 84  ? 5.479   -3.326  16.441  1.00 2.02  ? 80  GLU A CB  1 
ATOM 602  C CG  . GLU A 1 84  ? 6.549   -4.345  16.101  1.00 7.89  ? 80  GLU A CG  1 
ATOM 603  C CD  . GLU A 1 84  ? 7.805   -3.799  15.497  1.00 11.37 ? 80  GLU A CD  1 
ATOM 604  O OE1 . GLU A 1 84  ? 8.286   -2.801  16.023  1.00 12.05 ? 80  GLU A OE1 1 
ATOM 605  O OE2 . GLU A 1 84  ? 8.136   -4.501  14.489  1.00 14.39 ? 80  GLU A OE2 1 
ATOM 606  N N   . GLY A 1 85  B 1.955   -3.460  17.366  1.00 3.01  ? 80  GLY A N   1 
ATOM 607  C CA  . GLY A 1 85  B 1.056   -2.678  18.225  1.00 5.76  ? 80  GLY A CA  1 
ATOM 608  C C   . GLY A 1 85  B 0.969   -1.232  17.809  1.00 4.65  ? 80  GLY A C   1 
ATOM 609  O O   . GLY A 1 85  B 0.094   -0.480  18.268  1.00 6.49  ? 80  GLY A O   1 
ATOM 610  N N   . TRP A 1 86  ? 1.813   -0.811  16.895  1.00 6.35  ? 81  TRP A N   1 
ATOM 611  C CA  . TRP A 1 86  ? 1.779   0.586   16.463  1.00 5.74  ? 81  TRP A CA  1 
ATOM 612  C C   . TRP A 1 86  ? 0.449   1.155   16.064  1.00 6.71  ? 81  TRP A C   1 
ATOM 613  O O   . TRP A 1 86  ? -0.129  2.004   16.802  1.00 6.95  ? 81  TRP A O   1 
ATOM 614  C CB  . TRP A 1 86  ? 2.943   0.876   15.525  1.00 6.91  ? 81  TRP A CB  1 
ATOM 615  C CG  . TRP A 1 86  ? 3.864   1.747   16.297  1.00 10.84 ? 81  TRP A CG  1 
ATOM 616  C CD1 . TRP A 1 86  ? 3.580   2.985   16.803  1.00 14.17 ? 81  TRP A CD1 1 
ATOM 617  C CD2 . TRP A 1 86  ? 5.172   1.438   16.757  1.00 12.96 ? 81  TRP A CD2 1 
ATOM 618  N NE1 . TRP A 1 86  ? 4.666   3.494   17.526  1.00 14.67 ? 81  TRP A NE1 1 
ATOM 619  C CE2 . TRP A 1 86  ? 5.644   2.555   17.490  1.00 13.09 ? 81  TRP A CE2 1 
ATOM 620  C CE3 . TRP A 1 86  ? 5.970   0.326   16.591  1.00 14.52 ? 81  TRP A CE3 1 
ATOM 621  C CZ2 . TRP A 1 86  ? 6.905   2.624   18.031  1.00 13.59 ? 81  TRP A CZ2 1 
ATOM 622  C CZ3 . TRP A 1 86  ? 7.222   0.381   17.158  1.00 16.93 ? 81  TRP A CZ3 1 
ATOM 623  C CH2 . TRP A 1 86  ? 7.687   1.507   17.860  1.00 16.25 ? 81  TRP A CH2 1 
ATOM 624  N N   . LEU A 1 87  ? -0.107  0.783   14.942  1.00 6.70  ? 82  LEU A N   1 
ATOM 625  C CA  . LEU A 1 87  ? -1.378  1.305   14.404  1.00 4.10  ? 82  LEU A CA  1 
ATOM 626  C C   . LEU A 1 87  ? -2.542  1.224   15.359  1.00 4.21  ? 82  LEU A C   1 
ATOM 627  O O   . LEU A 1 87  ? -3.327  2.243   15.488  1.00 2.00  ? 82  LEU A O   1 
ATOM 628  C CB  . LEU A 1 87  ? -1.475  0.674   13.009  1.00 3.53  ? 82  LEU A CB  1 
ATOM 629  C CG  . LEU A 1 87  ? -2.714  0.691   12.172  1.00 3.55  ? 82  LEU A CG  1 
ATOM 630  C CD1 . LEU A 1 87  ? -3.722  -0.388  12.563  1.00 2.00  ? 82  LEU A CD1 1 
ATOM 631  C CD2 . LEU A 1 87  ? -3.328  2.105   12.276  1.00 2.00  ? 82  LEU A CD2 1 
ATOM 632  N N   . GLU A 1 88  ? -2.671  0.090   16.093  1.00 2.00  ? 83  GLU A N   1 
ATOM 633  C CA  . GLU A 1 88  ? -3.823  0.023   16.991  1.00 3.20  ? 83  GLU A CA  1 
ATOM 634  C C   . GLU A 1 88  ? -3.850  1.249   17.894  1.00 6.71  ? 83  GLU A C   1 
ATOM 635  O O   . GLU A 1 88  ? -4.937  1.711   18.333  1.00 10.12 ? 83  GLU A O   1 
ATOM 636  C CB  . GLU A 1 88  ? -3.982  -1.214  17.837  1.00 6.20  ? 83  GLU A CB  1 
ATOM 637  C CG  . GLU A 1 88  ? -5.317  -1.964  17.819  1.00 11.72 ? 83  GLU A CG  1 
ATOM 638  C CD  . GLU A 1 88  ? -5.729  -2.617  16.505  1.00 13.01 ? 83  GLU A CD  1 
ATOM 639  O OE1 . GLU A 1 88  ? -5.258  -3.723  16.239  1.00 14.26 ? 83  GLU A OE1 1 
ATOM 640  O OE2 . GLU A 1 88  ? -6.549  -2.051  15.726  1.00 10.23 ? 83  GLU A OE2 1 
ATOM 641  N N   . GLY A 1 89  ? -2.696  1.804   18.209  1.00 5.98  ? 84  GLY A N   1 
ATOM 642  C CA  . GLY A 1 89  ? -2.555  2.951   19.076  1.00 6.22  ? 84  GLY A CA  1 
ATOM 643  C C   . GLY A 1 89  ? -2.907  4.305   18.482  1.00 7.36  ? 84  GLY A C   1 
ATOM 644  O O   . GLY A 1 89  ? -3.449  5.211   19.180  1.00 7.04  ? 84  GLY A O   1 
ATOM 645  N N   . TRP A 1 90  ? -2.566  4.449   17.200  1.00 6.51  ? 85  TRP A N   1 
ATOM 646  C CA  . TRP A 1 90  ? -2.780  5.725   16.500  1.00 2.01  ? 85  TRP A CA  1 
ATOM 647  C C   . TRP A 1 90  ? -4.294  5.860   16.471  1.00 2.01  ? 85  TRP A C   1 
ATOM 648  O O   . TRP A 1 90  ? -4.858  6.889   16.875  1.00 3.69  ? 85  TRP A O   1 
ATOM 649  C CB  . TRP A 1 90  ? -2.137  5.662   15.170  1.00 2.41  ? 85  TRP A CB  1 
ATOM 650  C CG  . TRP A 1 90  ? -0.668  5.574   15.083  1.00 2.00  ? 85  TRP A CG  1 
ATOM 651  C CD1 . TRP A 1 90  ? 0.196   6.182   15.923  1.00 3.49  ? 85  TRP A CD1 1 
ATOM 652  C CD2 . TRP A 1 90  ? 0.141   4.858   14.134  1.00 2.70  ? 85  TRP A CD2 1 
ATOM 653  N NE1 . TRP A 1 90  ? 1.512   5.877   15.559  1.00 4.74  ? 85  TRP A NE1 1 
ATOM 654  C CE2 . TRP A 1 90  ? 1.496   5.084   14.462  1.00 2.86  ? 85  TRP A CE2 1 
ATOM 655  C CE3 . TRP A 1 90  ? -0.131  4.035   13.053  1.00 3.82  ? 85  TRP A CE3 1 
ATOM 656  C CZ2 . TRP A 1 90  ? 2.548   4.532   13.769  1.00 2.00  ? 85  TRP A CZ2 1 
ATOM 657  C CZ3 . TRP A 1 90  ? 0.910   3.482   12.349  1.00 2.00  ? 85  TRP A CZ3 1 
ATOM 658  C CH2 . TRP A 1 90  ? 2.226   3.732   12.706  1.00 2.00  ? 85  TRP A CH2 1 
ATOM 659  N N   . ARG A 1 91  ? -4.852  4.741   16.062  1.00 2.00  ? 86  ARG A N   1 
ATOM 660  C CA  . ARG A 1 91  ? -6.331  4.648   15.955  1.00 3.97  ? 86  ARG A CA  1 
ATOM 661  C C   . ARG A 1 91  ? -7.065  5.339   17.125  1.00 3.30  ? 86  ARG A C   1 
ATOM 662  O O   . ARG A 1 91  ? -7.992  6.134   17.019  1.00 2.00  ? 86  ARG A O   1 
ATOM 663  C CB  . ARG A 1 91  ? -6.816  3.217   15.999  1.00 3.45  ? 86  ARG A CB  1 
ATOM 664  C CG  . ARG A 1 91  ? -6.843  2.195   14.929  1.00 2.94  ? 86  ARG A CG  1 
ATOM 665  C CD  . ARG A 1 91  ? -7.357  0.914   15.575  1.00 2.96  ? 86  ARG A CD  1 
ATOM 666  N NE  . ARG A 1 91  ? -7.651  -0.128  14.592  1.00 2.93  ? 86  ARG A NE  1 
ATOM 667  C CZ  . ARG A 1 91  ? -8.715  0.029   13.798  1.00 2.55  ? 86  ARG A CZ  1 
ATOM 668  N NH1 . ARG A 1 91  ? -8.998  -0.912  12.928  1.00 4.46  ? 86  ARG A NH1 1 
ATOM 669  N NH2 . ARG A 1 91  ? -9.482  1.118   13.877  1.00 2.00  ? 86  ARG A NH2 1 
ATOM 670  N N   . LYS A 1 92  ? -6.704  4.809   18.289  1.00 4.96  ? 87  LYS A N   1 
ATOM 671  C CA  . LYS A 1 92  ? -7.215  5.126   19.580  1.00 4.61  ? 87  LYS A CA  1 
ATOM 672  C C   . LYS A 1 92  ? -7.150  6.576   19.972  1.00 6.97  ? 87  LYS A C   1 
ATOM 673  O O   . LYS A 1 92  ? -8.121  7.100   20.583  1.00 8.67  ? 87  LYS A O   1 
ATOM 674  C CB  . LYS A 1 92  ? -6.488  4.261   20.615  1.00 6.19  ? 87  LYS A CB  1 
ATOM 675  C CG  . LYS A 1 92  ? -7.408  3.085   20.996  1.00 8.76  ? 87  LYS A CG  1 
ATOM 676  C CD  . LYS A 1 92  ? -7.461  2.124   19.812  1.00 11.85 ? 87  LYS A CD  1 
ATOM 677  C CE  . LYS A 1 92  ? -8.343  0.923   20.112  1.00 13.92 ? 87  LYS A CE  1 
ATOM 678  N NZ  . LYS A 1 92  ? -8.827  0.269   18.862  1.00 14.96 ? 87  LYS A NZ  1 
ATOM 679  N N   . ARG A 1 93  ? -6.046  7.211   19.657  1.00 8.24  ? 88  ARG A N   1 
ATOM 680  C CA  . ARG A 1 93  ? -5.793  8.607   20.031  1.00 9.89  ? 88  ARG A CA  1 
ATOM 681  C C   . ARG A 1 93  ? -6.138  9.663   19.009  1.00 10.59 ? 88  ARG A C   1 
ATOM 682  O O   . ARG A 1 93  ? -5.657  10.841  19.126  1.00 14.33 ? 88  ARG A O   1 
ATOM 683  C CB  . ARG A 1 93  ? -4.282  8.757   20.394  1.00 10.33 ? 88  ARG A CB  1 
ATOM 684  C CG  . ARG A 1 93  ? -3.937  8.028   21.666  1.00 11.66 ? 88  ARG A CG  1 
ATOM 685  C CD  . ARG A 1 93  ? -2.487  7.693   21.732  1.00 13.42 ? 88  ARG A CD  1 
ATOM 686  N NE  . ARG A 1 93  ? -2.357  6.313   22.225  1.00 15.74 ? 88  ARG A NE  1 
ATOM 687  C CZ  . ARG A 1 93  ? -1.187  5.666   22.143  1.00 17.26 ? 88  ARG A CZ  1 
ATOM 688  N NH1 . ARG A 1 93  ? -1.055  4.408   22.574  1.00 16.97 ? 88  ARG A NH1 1 
ATOM 689  N NH2 . ARG A 1 93  ? -0.156  6.358   21.632  1.00 18.25 ? 88  ARG A NH2 1 
ATOM 690  N N   . GLY A 1 94  ? -6.938  9.340   18.025  1.00 6.98  ? 89  GLY A N   1 
ATOM 691  C CA  . GLY A 1 94  ? -7.275  10.393  17.042  1.00 5.92  ? 89  GLY A CA  1 
ATOM 692  C C   . GLY A 1 94  ? -5.947  10.657  16.298  1.00 7.15  ? 89  GLY A C   1 
ATOM 693  O O   . GLY A 1 94  ? -5.663  11.843  15.990  1.00 7.42  ? 89  GLY A O   1 
ATOM 694  N N   . TRP A 1 95  ? -5.228  9.556   16.090  1.00 3.50  ? 90  TRP A N   1 
ATOM 695  C CA  . TRP A 1 95  ? -3.985  9.613   15.292  1.00 3.89  ? 90  TRP A CA  1 
ATOM 696  C C   . TRP A 1 95  ? -2.905  10.388  15.966  1.00 5.27  ? 90  TRP A C   1 
ATOM 697  O O   . TRP A 1 95  ? -2.280  11.322  15.397  1.00 8.42  ? 90  TRP A O   1 
ATOM 698  C CB  . TRP A 1 95  ? -4.308  10.100  13.816  1.00 3.01  ? 90  TRP A CB  1 
ATOM 699  C CG  . TRP A 1 95  ? -5.289  9.090   13.238  1.00 2.83  ? 90  TRP A CG  1 
ATOM 700  C CD1 . TRP A 1 95  ? -6.648  9.139   13.246  1.00 2.00  ? 90  TRP A CD1 1 
ATOM 701  C CD2 . TRP A 1 95  ? -4.956  7.771   12.789  1.00 2.00  ? 90  TRP A CD2 1 
ATOM 702  N NE1 . TRP A 1 95  ? -7.196  7.978   12.812  1.00 2.00  ? 90  TRP A NE1 1 
ATOM 703  C CE2 . TRP A 1 95  ? -6.172  7.116   12.523  1.00 2.01  ? 90  TRP A CE2 1 
ATOM 704  C CE3 . TRP A 1 95  ? -3.752  7.106   12.604  1.00 2.00  ? 90  TRP A CE3 1 
ATOM 705  C CZ2 . TRP A 1 95  ? -6.221  5.796   12.054  1.00 2.08  ? 90  TRP A CZ2 1 
ATOM 706  C CZ3 . TRP A 1 95  ? -3.770  5.816   12.116  1.00 2.00  ? 90  TRP A CZ3 1 
ATOM 707  C CH2 . TRP A 1 95  ? -4.987  5.196   11.821  1.00 4.04  ? 90  TRP A CH2 1 
ATOM 708  N N   . ARG A 1 96  ? -2.659  10.015  17.228  1.00 5.46  ? 91  ARG A N   1 
ATOM 709  C CA  . ARG A 1 96  ? -1.588  10.749  17.930  1.00 5.45  ? 91  ARG A CA  1 
ATOM 710  C C   . ARG A 1 96  ? -0.635  9.731   18.554  1.00 6.75  ? 91  ARG A C   1 
ATOM 711  O O   . ARG A 1 96  ? -1.028  8.673   19.018  1.00 8.15  ? 91  ARG A O   1 
ATOM 712  C CB  . ARG A 1 96  ? -2.012  11.687  19.036  1.00 4.36  ? 91  ARG A CB  1 
ATOM 713  C CG  . ARG A 1 96  ? -1.797  13.143  18.786  1.00 8.65  ? 91  ARG A CG  1 
ATOM 714  C CD  . ARG A 1 96  ? -2.932  14.103  18.628  1.00 8.08  ? 91  ARG A CD  1 
ATOM 715  N NE  . ARG A 1 96  ? -3.755  13.918  17.466  1.00 6.77  ? 91  ARG A NE  1 
ATOM 716  C CZ  . ARG A 1 96  ? -4.081  14.682  16.444  1.00 4.03  ? 91  ARG A CZ  1 
ATOM 717  N NH1 . ARG A 1 96  ? -4.940  14.130  15.572  1.00 3.91  ? 91  ARG A NH1 1 
ATOM 718  N NH2 . ARG A 1 96  ? -3.594  15.886  16.207  1.00 2.00  ? 91  ARG A NH2 1 
ATOM 719  N N   . THR A 1 97  ? 0.584   10.155  18.489  1.00 6.04  ? 92  THR A N   1 
ATOM 720  C CA  . THR A 1 97  ? 1.783   9.554   19.059  1.00 3.29  ? 92  THR A CA  1 
ATOM 721  C C   . THR A 1 97  ? 1.585   9.556   20.561  1.00 6.00  ? 92  THR A C   1 
ATOM 722  O O   . THR A 1 97  ? 0.808   10.467  20.998  1.00 6.73  ? 92  THR A O   1 
ATOM 723  C CB  . THR A 1 97  ? 2.839   10.684  18.646  1.00 2.92  ? 92  THR A CB  1 
ATOM 724  O OG1 . THR A 1 97  ? 2.646   10.595  17.209  1.00 2.00  ? 92  THR A OG1 1 
ATOM 725  C CG2 . THR A 1 97  ? 4.243   10.599  19.210  1.00 3.31  ? 92  THR A CG2 1 
ATOM 726  N N   . ALA A 1 98  ? 2.211   8.648   21.314  1.00 7.30  ? 93  ALA A N   1 
ATOM 727  C CA  . ALA A 1 98  ? 1.998   8.683   22.802  1.00 5.99  ? 93  ALA A CA  1 
ATOM 728  C C   . ALA A 1 98  ? 2.720   9.930   23.350  1.00 6.28  ? 93  ALA A C   1 
ATOM 729  O O   . ALA A 1 98  ? 2.123   10.452  24.312  1.00 5.02  ? 93  ALA A O   1 
ATOM 730  C CB  . ALA A 1 98  ? 2.292   7.424   23.514  1.00 2.72  ? 93  ALA A CB  1 
ATOM 731  N N   . GLU A 1 99  ? 3.819   10.355  22.719  1.00 4.09  ? 94  GLU A N   1 
ATOM 732  C CA  . GLU A 1 99  ? 4.548   11.569  23.070  1.00 2.04  ? 94  GLU A CA  1 
ATOM 733  C C   . GLU A 1 99  ? 3.625   12.781  22.987  1.00 2.01  ? 94  GLU A C   1 
ATOM 734  O O   . GLU A 1 99  ? 3.787   13.802  23.694  1.00 5.17  ? 94  GLU A O   1 
ATOM 735  C CB  . GLU A 1 99  ? 5.810   11.840  22.257  1.00 5.20  ? 94  GLU A CB  1 
ATOM 736  C CG  . GLU A 1 99  ? 6.369   13.254  22.129  1.00 9.67  ? 94  GLU A CG  1 
ATOM 737  C CD  . GLU A 1 99  ? 7.241   13.776  21.026  1.00 9.55  ? 94  GLU A CD  1 
ATOM 738  O OE1 . GLU A 1 99  ? 7.318   14.966  20.696  1.00 4.91  ? 94  GLU A OE1 1 
ATOM 739  O OE2 . GLU A 1 99  ? 7.952   12.925  20.433  1.00 10.37 ? 94  GLU A OE2 1 
ATOM 740  N N   . GLY A 1 100 ? 2.600   12.731  22.177  1.00 2.00  ? 95  GLY A N   1 
ATOM 741  C CA  . GLY A 1 100 ? 1.579   13.714  22.017  1.00 2.00  ? 95  GLY A CA  1 
ATOM 742  C C   . GLY A 1 100 ? 1.457   14.472  20.747  1.00 2.00  ? 95  GLY A C   1 
ATOM 743  O O   . GLY A 1 100 ? 0.698   15.465  20.752  1.00 3.74  ? 95  GLY A O   1 
ATOM 744  N N   . LYS A 1 101 ? 2.086   14.081  19.689  1.00 2.37  ? 96  LYS A N   1 
ATOM 745  C CA  . LYS A 1 101 ? 2.123   14.651  18.333  1.00 2.00  ? 96  LYS A CA  1 
ATOM 746  C C   . LYS A 1 101 ? 1.242   13.874  17.383  1.00 3.52  ? 96  LYS A C   1 
ATOM 747  O O   . LYS A 1 101 ? 0.768   12.712  17.612  1.00 4.64  ? 96  LYS A O   1 
ATOM 748  C CB  . LYS A 1 101 ? 3.561   14.836  17.922  1.00 4.70  ? 96  LYS A CB  1 
ATOM 749  C CG  . LYS A 1 101 ? 4.312   16.075  18.414  1.00 6.84  ? 96  LYS A CG  1 
ATOM 750  C CD  . LYS A 1 101 ? 4.356   16.261  19.933  1.00 8.82  ? 96  LYS A CD  1 
ATOM 751  C CE  . LYS A 1 101 ? 5.320   17.326  20.409  1.00 8.22  ? 96  LYS A CE  1 
ATOM 752  N NZ  . LYS A 1 101 ? 5.187   18.642  19.732  1.00 5.80  ? 96  LYS A NZ  1 
ATOM 753  N N   . PRO A 1 102 ? 0.886   14.499  16.251  1.00 3.66  ? 97  PRO A N   1 
ATOM 754  C CA  . PRO A 1 102 ? -0.086  13.883  15.297  1.00 2.00  ? 97  PRO A CA  1 
ATOM 755  C C   . PRO A 1 102 ? 0.680   13.096  14.283  1.00 2.80  ? 97  PRO A C   1 
ATOM 756  O O   . PRO A 1 102 ? 1.378   13.626  13.435  1.00 2.02  ? 97  PRO A O   1 
ATOM 757  C CB  . PRO A 1 102 ? -0.795  15.115  14.795  1.00 2.00  ? 97  PRO A CB  1 
ATOM 758  C CG  . PRO A 1 102 ? 0.283   16.158  14.704  1.00 2.00  ? 97  PRO A CG  1 
ATOM 759  C CD  . PRO A 1 102 ? 1.289   15.819  15.777  1.00 2.00  ? 97  PRO A CD  1 
ATOM 760  N N   . VAL A 1 103 ? 0.583   11.799  14.422  1.00 3.95  ? 98  VAL A N   1 
ATOM 761  C CA  . VAL A 1 103 ? 1.296   10.816  13.597  1.00 2.93  ? 98  VAL A CA  1 
ATOM 762  C C   . VAL A 1 103 ? 1.522   11.290  12.187  1.00 2.98  ? 98  VAL A C   1 
ATOM 763  O O   . VAL A 1 103 ? 0.606   11.878  11.605  1.00 2.89  ? 98  VAL A O   1 
ATOM 764  C CB  . VAL A 1 103 ? 0.556   9.473   13.758  1.00 2.00  ? 98  VAL A CB  1 
ATOM 765  C CG1 . VAL A 1 103 ? 0.014   9.365   15.176  1.00 2.00  ? 98  VAL A CG1 1 
ATOM 766  C CG2 . VAL A 1 103 ? -0.490  9.294   12.701  1.00 2.00  ? 98  VAL A CG2 1 
ATOM 767  N N   . LYS A 1 104 ? 2.724   11.010  11.688  1.00 3.51  ? 99  LYS A N   1 
ATOM 768  C CA  . LYS A 1 104 ? 3.021   11.395  10.292  1.00 6.44  ? 99  LYS A CA  1 
ATOM 769  C C   . LYS A 1 104 ? 2.278   10.410  9.348   1.00 8.04  ? 99  LYS A C   1 
ATOM 770  O O   . LYS A 1 104 ? 2.205   9.196   9.665   1.00 8.18  ? 99  LYS A O   1 
ATOM 771  C CB  . LYS A 1 104 ? 4.494   11.365  9.927   1.00 6.10  ? 99  LYS A CB  1 
ATOM 772  C CG  . LYS A 1 104 ? 4.935   12.261  8.789   1.00 6.43  ? 99  LYS A CG  1 
ATOM 773  C CD  . LYS A 1 104 ? 5.089   13.734  9.144   1.00 9.39  ? 99  LYS A CD  1 
ATOM 774  C CE  . LYS A 1 104 ? 5.955   14.587  8.231   1.00 10.27 ? 99  LYS A CE  1 
ATOM 775  N NZ  . LYS A 1 104 ? 6.912   13.854  7.331   1.00 4.88  ? 99  LYS A NZ  1 
ATOM 776  N N   . ASN A 1 105 ? 1.782   10.999  8.263   1.00 6.00  ? 100 ASN A N   1 
ATOM 777  C CA  . ASN A 1 105 ? 1.083   10.323  7.166   1.00 3.96  ? 100 ASN A CA  1 
ATOM 778  C C   . ASN A 1 105 ? -0.307  9.880   7.612   1.00 3.81  ? 100 ASN A C   1 
ATOM 779  O O   . ASN A 1 105 ? -0.810  8.812   7.231   1.00 3.00  ? 100 ASN A O   1 
ATOM 780  C CB  . ASN A 1 105 ? 1.976   9.211   6.582   1.00 3.13  ? 100 ASN A CB  1 
ATOM 781  C CG  . ASN A 1 105 ? 3.102   9.750   5.710   1.00 6.02  ? 100 ASN A CG  1 
ATOM 782  O OD1 . ASN A 1 105 ? 3.453   10.949  5.679   1.00 5.83  ? 100 ASN A OD1 1 
ATOM 783  N ND2 . ASN A 1 105 ? 3.784   8.905   4.918   1.00 7.48  ? 100 ASN A ND2 1 
ATOM 784  N N   . ARG A 1 106 ? -0.935  10.700  8.440   1.00 2.05  ? 101 ARG A N   1 
ATOM 785  C CA  . ARG A 1 106 ? -2.248  10.260  8.950   1.00 3.14  ? 101 ARG A CA  1 
ATOM 786  C C   . ARG A 1 106 ? -3.320  10.384  7.901   1.00 5.60  ? 101 ARG A C   1 
ATOM 787  O O   . ARG A 1 106 ? -4.446  9.778   8.116   1.00 8.77  ? 101 ARG A O   1 
ATOM 788  C CB  . ARG A 1 106 ? -2.533  10.832  10.315  1.00 2.07  ? 101 ARG A CB  1 
ATOM 789  C CG  . ARG A 1 106 ? -3.358  12.080  10.429  1.00 2.21  ? 101 ARG A CG  1 
ATOM 790  C CD  . ARG A 1 106 ? -2.851  13.157  11.270  1.00 2.00  ? 101 ARG A CD  1 
ATOM 791  N NE  . ARG A 1 106 ? -1.599  13.734  10.815  1.00 2.00  ? 101 ARG A NE  1 
ATOM 792  C CZ  . ARG A 1 106 ? -1.381  15.040  10.844  1.00 2.00  ? 101 ARG A CZ  1 
ATOM 793  N NH1 . ARG A 1 106 ? -0.236  15.639  10.496  1.00 5.31  ? 101 ARG A NH1 1 
ATOM 794  N NH2 . ARG A 1 106 ? -2.382  15.877  11.203  1.00 3.77  ? 101 ARG A NH2 1 
ATOM 795  N N   . ASP A 1 107 ? -3.081  11.106  6.799   1.00 3.28  ? 102 ASP A N   1 
ATOM 796  C CA  . ASP A 1 107 ? -4.163  11.174  5.766   1.00 2.56  ? 102 ASP A CA  1 
ATOM 797  C C   . ASP A 1 107 ? -4.272  9.781   5.106   1.00 3.12  ? 102 ASP A C   1 
ATOM 798  O O   . ASP A 1 107 ? -5.391  9.277   4.980   1.00 4.53  ? 102 ASP A O   1 
ATOM 799  C CB  . ASP A 1 107 ? -3.927  12.174  4.698   1.00 6.15  ? 102 ASP A CB  1 
ATOM 800  C CG  . ASP A 1 107 ? -2.448  12.408  4.434   1.00 8.59  ? 102 ASP A CG  1 
ATOM 801  O OD1 . ASP A 1 107 ? -1.710  12.805  5.344   1.00 9.95  ? 102 ASP A OD1 1 
ATOM 802  O OD2 . ASP A 1 107 ? -2.133  12.206  3.253   1.00 11.78 ? 102 ASP A OD2 1 
ATOM 803  N N   . LEU A 1 108 ? -3.124  9.225   4.769   1.00 2.00  ? 103 LEU A N   1 
ATOM 804  C CA  . LEU A 1 108 ? -3.083  7.884   4.227   1.00 2.00  ? 103 LEU A CA  1 
ATOM 805  C C   . LEU A 1 108 ? -3.495  6.855   5.299   1.00 2.83  ? 103 LEU A C   1 
ATOM 806  O O   . LEU A 1 108 ? -4.124  5.882   4.786   1.00 6.12  ? 103 LEU A O   1 
ATOM 807  C CB  . LEU A 1 108 ? -1.790  7.507   3.562   1.00 3.04  ? 103 LEU A CB  1 
ATOM 808  C CG  . LEU A 1 108 ? -0.797  8.314   2.814   1.00 7.06  ? 103 LEU A CG  1 
ATOM 809  C CD1 . LEU A 1 108 ? 0.603   7.661   2.844   1.00 9.56  ? 103 LEU A CD1 1 
ATOM 810  C CD2 . LEU A 1 108 ? -1.096  8.397   1.320   1.00 8.70  ? 103 LEU A CD2 1 
ATOM 811  N N   . TRP A 1 109 ? -3.213  6.963   6.600   1.00 2.00  ? 104 TRP A N   1 
ATOM 812  C CA  . TRP A 1 109 ? -3.540  5.935   7.587   1.00 2.00  ? 104 TRP A CA  1 
ATOM 813  C C   . TRP A 1 109 ? -4.999  5.623   7.808   1.00 3.31  ? 104 TRP A C   1 
ATOM 814  O O   . TRP A 1 109 ? -5.400  4.451   7.905   1.00 2.00  ? 104 TRP A O   1 
ATOM 815  C CB  . TRP A 1 109 ? -2.811  6.035   8.930   1.00 2.16  ? 104 TRP A CB  1 
ATOM 816  C CG  . TRP A 1 109 ? -1.451  5.416   8.763   1.00 3.04  ? 104 TRP A CG  1 
ATOM 817  C CD1 . TRP A 1 109 ? -0.251  6.041   8.578   1.00 2.00  ? 104 TRP A CD1 1 
ATOM 818  C CD2 . TRP A 1 109 ? -1.234  3.997   8.682   1.00 2.00  ? 104 TRP A CD2 1 
ATOM 819  N NE1 . TRP A 1 109 ? 0.728   5.093   8.401   1.00 4.17  ? 104 TRP A NE1 1 
ATOM 820  C CE2 . TRP A 1 109 ? 0.153   3.832   8.455   1.00 4.25  ? 104 TRP A CE2 1 
ATOM 821  C CE3 . TRP A 1 109 ? -2.047  2.894   8.784   1.00 2.01  ? 104 TRP A CE3 1 
ATOM 822  C CZ2 . TRP A 1 109 ? 0.749   2.570   8.311   1.00 3.79  ? 104 TRP A CZ2 1 
ATOM 823  C CZ3 . TRP A 1 109 ? -1.475  1.655   8.631   1.00 2.00  ? 104 TRP A CZ3 1 
ATOM 824  C CH2 . TRP A 1 109 ? -0.117  1.474   8.397   1.00 2.01  ? 104 TRP A CH2 1 
ATOM 825  N N   . GLU A 1 110 ? -5.784  6.691   7.870   1.00 4.74  ? 105 GLU A N   1 
ATOM 826  C CA  . GLU A 1 110 ? -7.262  6.480   8.021   1.00 5.23  ? 105 GLU A CA  1 
ATOM 827  C C   . GLU A 1 110 ? -7.790  5.925   6.673   1.00 6.37  ? 105 GLU A C   1 
ATOM 828  O O   . GLU A 1 110 ? -8.622  5.014   6.487   1.00 2.34  ? 105 GLU A O   1 
ATOM 829  C CB  . GLU A 1 110 ? -7.780  7.839   8.279   1.00 3.55  ? 105 GLU A CB  1 
ATOM 830  C CG  . GLU A 1 110 ? -8.744  8.249   9.360   1.00 5.14  ? 105 GLU A CG  1 
ATOM 831  C CD  . GLU A 1 110 ? -8.915  9.771   9.309   1.00 7.00  ? 105 GLU A CD  1 
ATOM 832  O OE1 . GLU A 1 110 ? -9.900  10.409  9.579   1.00 8.08  ? 105 GLU A OE1 1 
ATOM 833  O OE2 . GLU A 1 110 ? -7.865  10.312  8.855   1.00 8.60  ? 105 GLU A OE2 1 
ATOM 834  N N   . ALA A 1 111 ? -7.242  6.558   5.613   1.00 6.98  ? 106 ALA A N   1 
ATOM 835  C CA  . ALA A 1 111 ? -7.597  6.252   4.239   1.00 2.98  ? 106 ALA A CA  1 
ATOM 836  C C   . ALA A 1 111 ? -7.728  4.727   4.193   1.00 3.83  ? 106 ALA A C   1 
ATOM 837  O O   . ALA A 1 111 ? -8.849  4.280   3.909   1.00 2.50  ? 106 ALA A O   1 
ATOM 838  C CB  . ALA A 1 111 ? -6.615  6.710   3.217   1.00 2.00  ? 106 ALA A CB  1 
ATOM 839  N N   . LEU A 1 112 ? -6.546  4.167   4.491   1.00 3.55  ? 107 LEU A N   1 
ATOM 840  C CA  . LEU A 1 112 ? -6.393  2.718   4.466   1.00 4.73  ? 107 LEU A CA  1 
ATOM 841  C C   . LEU A 1 112 ? -7.523  2.008   5.220   1.00 7.14  ? 107 LEU A C   1 
ATOM 842  O O   . LEU A 1 112 ? -8.171  1.161   4.606   1.00 10.15 ? 107 LEU A O   1 
ATOM 843  C CB  . LEU A 1 112 ? -5.032  2.206   4.961   1.00 3.12  ? 107 LEU A CB  1 
ATOM 844  C CG  . LEU A 1 112 ? -4.984  0.675   4.725   1.00 2.00  ? 107 LEU A CG  1 
ATOM 845  C CD1 . LEU A 1 112 ? -4.566  0.437   3.292   1.00 2.10  ? 107 LEU A CD1 1 
ATOM 846  C CD2 . LEU A 1 112 ? -4.028  0.017   5.671   1.00 2.00  ? 107 LEU A CD2 1 
ATOM 847  N N   . LEU A 1 113 ? -7.681  2.360   6.472   1.00 8.02  ? 108 LEU A N   1 
ATOM 848  C CA  . LEU A 1 113 ? -8.685  1.822   7.411   1.00 7.05  ? 108 LEU A CA  1 
ATOM 849  C C   . LEU A 1 113 ? -10.074 1.812   6.767   1.00 7.50  ? 108 LEU A C   1 
ATOM 850  O O   . LEU A 1 113 ? -10.865 0.855   6.811   1.00 6.66  ? 108 LEU A O   1 
ATOM 851  C CB  . LEU A 1 113 ? -8.510  2.648   8.676   1.00 5.89  ? 108 LEU A CB  1 
ATOM 852  C CG  . LEU A 1 113 ? -7.525  2.405   9.757   1.00 5.19  ? 108 LEU A CG  1 
ATOM 853  C CD1 . LEU A 1 113 ? -8.203  1.814   11.026  1.00 5.57  ? 108 LEU A CD1 1 
ATOM 854  C CD2 . LEU A 1 113 ? -6.434  1.430   9.357   1.00 4.32  ? 108 LEU A CD2 1 
ATOM 855  N N   . LEU A 1 114 ? -10.391 2.933   6.141   1.00 10.13 ? 109 LEU A N   1 
ATOM 856  C CA  . LEU A 1 114 ? -11.662 3.104   5.407   1.00 12.06 ? 109 LEU A CA  1 
ATOM 857  C C   . LEU A 1 114 ? -11.737 2.005   4.308   1.00 9.86  ? 109 LEU A C   1 
ATOM 858  O O   . LEU A 1 114 ? -12.801 1.402   4.134   1.00 10.42 ? 109 LEU A O   1 
ATOM 859  C CB  . LEU A 1 114 ? -11.694 4.498   4.775   1.00 13.64 ? 109 LEU A CB  1 
ATOM 860  C CG  . LEU A 1 114 ? -12.597 5.615   5.222   1.00 13.22 ? 109 LEU A CG  1 
ATOM 861  C CD1 . LEU A 1 114 ? -12.540 5.830   6.735   1.00 11.88 ? 109 LEU A CD1 1 
ATOM 862  C CD2 . LEU A 1 114 ? -12.161 6.901   4.487   1.00 11.84 ? 109 LEU A CD2 1 
ATOM 863  N N   . ALA A 1 115 ? -10.626 1.833   3.599   1.00 5.39  ? 110 ALA A N   1 
ATOM 864  C CA  . ALA A 1 115 ? -10.503 0.887   2.522   1.00 2.00  ? 110 ALA A CA  1 
ATOM 865  C C   . ALA A 1 115 ? -10.760 -0.535  2.931   1.00 2.00  ? 110 ALA A C   1 
ATOM 866  O O   . ALA A 1 115 ? -11.552 -1.175  2.276   1.00 6.29  ? 110 ALA A O   1 
ATOM 867  C CB  . ALA A 1 115 ? -9.152  0.934   1.866   1.00 2.01  ? 110 ALA A CB  1 
ATOM 868  N N   . MET A 1 116 ? -10.110 -1.027  3.929   1.00 3.92  ? 111 MET A N   1 
ATOM 869  C CA  . MET A 1 116 ? -10.265 -2.393  4.439   1.00 5.39  ? 111 MET A CA  1 
ATOM 870  C C   . MET A 1 116 ? -11.737 -2.722  4.787   1.00 4.33  ? 111 MET A C   1 
ATOM 871  O O   . MET A 1 116 ? -12.212 -3.864  4.566   1.00 2.00  ? 111 MET A O   1 
ATOM 872  C CB  . MET A 1 116 ? -9.249  -2.696  5.579   1.00 4.46  ? 111 MET A CB  1 
ATOM 873  C CG  . MET A 1 116 ? -7.975  -1.952  5.521   1.00 2.00  ? 111 MET A CG  1 
ATOM 874  S SD  . MET A 1 116 ? -6.602  -2.673  6.444   1.00 2.45  ? 111 MET A SD  1 
ATOM 875  C CE  . MET A 1 116 ? -7.325  -3.881  7.460   1.00 2.02  ? 111 MET A CE  1 
ATOM 876  N N   . ALA A 1 117 ? -12.456 -1.744  5.284   1.00 5.69  ? 112 ALA A N   1 
ATOM 877  C CA  . ALA A 1 117 ? -13.822 -1.726  5.773   1.00 8.30  ? 112 ALA A CA  1 
ATOM 878  C C   . ALA A 1 117 ? -14.726 -2.833  5.286   1.00 10.31 ? 112 ALA A C   1 
ATOM 879  O O   . ALA A 1 117 ? -15.140 -3.786  6.010   1.00 12.28 ? 112 ALA A O   1 
ATOM 880  C CB  . ALA A 1 117 ? -14.533 -0.384  5.678   1.00 4.21  ? 112 ALA A CB  1 
ATOM 881  N N   . PRO A 1 118 ? -15.103 -2.759  4.028   1.00 12.43 ? 113 PRO A N   1 
ATOM 882  C CA  . PRO A 1 118 ? -15.991 -3.798  3.484   1.00 11.92 ? 113 PRO A CA  1 
ATOM 883  C C   . PRO A 1 118 ? -15.386 -5.177  3.525   1.00 12.53 ? 113 PRO A C   1 
ATOM 884  O O   . PRO A 1 118 ? -16.177 -6.123  3.729   1.00 14.86 ? 113 PRO A O   1 
ATOM 885  C CB  . PRO A 1 118 ? -16.273 -3.314  2.062   1.00 11.06 ? 113 PRO A CB  1 
ATOM 886  C CG  . PRO A 1 118 ? -16.101 -1.809  2.176   1.00 11.77 ? 113 PRO A CG  1 
ATOM 887  C CD  . PRO A 1 118 ? -14.807 -1.712  3.035   1.00 11.96 ? 113 PRO A CD  1 
ATOM 888  N N   . HIS A 1 119 ? -14.058 -5.312  3.377   1.00 11.70 ? 114 HIS A N   1 
ATOM 889  C CA  . HIS A 1 119 ? -13.426 -6.622  3.230   1.00 8.13  ? 114 HIS A CA  1 
ATOM 890  C C   . HIS A 1 119 ? -12.659 -7.215  4.354   1.00 5.64  ? 114 HIS A C   1 
ATOM 891  O O   . HIS A 1 119 ? -12.522 -6.556  5.352   1.00 12.14 ? 114 HIS A O   1 
ATOM 892  C CB  . HIS A 1 119 ? -12.574 -6.743  1.909   1.00 6.03  ? 114 HIS A CB  1 
ATOM 893  C CG  . HIS A 1 119 ? -12.857 -5.578  1.010   1.00 4.94  ? 114 HIS A CG  1 
ATOM 894  N ND1 . HIS A 1 119 ? -13.823 -5.551  0.059   1.00 2.00  ? 114 HIS A ND1 1 
ATOM 895  C CD2 . HIS A 1 119 ? -12.306 -4.319  1.069   1.00 4.16  ? 114 HIS A CD2 1 
ATOM 896  C CE1 . HIS A 1 119 ? -13.805 -4.326  -0.461  1.00 4.60  ? 114 HIS A CE1 1 
ATOM 897  N NE2 . HIS A 1 119 ? -12.904 -3.544  0.128   1.00 2.53  ? 114 HIS A NE2 1 
ATOM 898  N N   . ARG A 1 120 ? -12.211 -8.453  4.185   1.00 2.04  ? 115 ARG A N   1 
ATOM 899  C CA  . ARG A 1 120 ? -11.476 -9.263  5.090   1.00 2.00  ? 115 ARG A CA  1 
ATOM 900  C C   . ARG A 1 120 ? -10.082 -9.584  4.571   1.00 4.74  ? 115 ARG A C   1 
ATOM 901  O O   . ARG A 1 120 ? -9.771  -10.709 4.136   1.00 5.30  ? 115 ARG A O   1 
ATOM 902  C CB  . ARG A 1 120 ? -12.117 -10.606 5.468   1.00 4.27  ? 115 ARG A CB  1 
ATOM 903  C CG  . ARG A 1 120 ? -11.395 -11.239 6.656   1.00 7.09  ? 115 ARG A CG  1 
ATOM 904  C CD  . ARG A 1 120 ? -11.585 -12.597 7.008   1.00 9.79  ? 115 ARG A CD  1 
ATOM 905  N NE  . ARG A 1 120 ? -11.273 -13.783 6.229   1.00 11.04 ? 115 ARG A NE  1 
ATOM 906  C CZ  . ARG A 1 120 ? -12.341 -14.498 5.718   1.00 14.36 ? 115 ARG A CZ  1 
ATOM 907  N NH1 . ARG A 1 120 ? -12.187 -15.699 5.156   1.00 14.00 ? 115 ARG A NH1 1 
ATOM 908  N NH2 . ARG A 1 120 ? -13.597 -13.986 5.703   1.00 10.39 ? 115 ARG A NH2 1 
ATOM 909  N N   . VAL A 1 121 ? -9.221  -8.585  4.721   1.00 6.69  ? 116 VAL A N   1 
ATOM 910  C CA  . VAL A 1 121 ? -7.834  -8.672  4.300   1.00 6.48  ? 116 VAL A CA  1 
ATOM 911  C C   . VAL A 1 121 ? -6.890  -9.286  5.335   1.00 5.76  ? 116 VAL A C   1 
ATOM 912  O O   . VAL A 1 121 ? -6.823  -8.683  6.424   1.00 6.07  ? 116 VAL A O   1 
ATOM 913  C CB  . VAL A 1 121 ? -7.405  -7.213  3.931   1.00 6.86  ? 116 VAL A CB  1 
ATOM 914  C CG1 . VAL A 1 121 ? -7.702  -6.243  5.067   1.00 5.50  ? 116 VAL A CG1 1 
ATOM 915  C CG2 . VAL A 1 121 ? -5.905  -7.160  3.621   1.00 7.35  ? 116 VAL A CG2 1 
ATOM 916  N N   . ARG A 1 122 ? -6.200  -10.362 4.991   1.00 2.96  ? 117 ARG A N   1 
ATOM 917  C CA  . ARG A 1 122 ? -5.150  -10.937 5.837   1.00 2.60  ? 117 ARG A CA  1 
ATOM 918  C C   . ARG A 1 122 ? -3.875  -10.269 5.207   1.00 4.03  ? 117 ARG A C   1 
ATOM 919  O O   . ARG A 1 122 ? -3.934  -10.376 3.946   1.00 10.41 ? 117 ARG A O   1 
ATOM 920  C CB  . ARG A 1 122 ? -4.739  -12.343 5.764   1.00 2.94  ? 117 ARG A CB  1 
ATOM 921  C CG  . ARG A 1 122 ? -5.236  -13.530 5.130   1.00 6.38  ? 117 ARG A CG  1 
ATOM 922  C CD  . ARG A 1 122 ? -6.392  -13.334 4.173   1.00 9.52  ? 117 ARG A CD  1 
ATOM 923  N NE  . ARG A 1 122 ? -7.293  -14.475 4.391   1.00 10.36 ? 117 ARG A NE  1 
ATOM 924  C CZ  . ARG A 1 122 ? -7.132  -15.708 3.932   1.00 8.79  ? 117 ARG A CZ  1 
ATOM 925  N NH1 . ARG A 1 122 ? -8.004  -16.623 4.383   1.00 8.68  ? 117 ARG A NH1 1 
ATOM 926  N NH2 . ARG A 1 122 ? -6.198  -15.924 2.996   1.00 7.09  ? 117 ARG A NH2 1 
ATOM 927  N N   . PHE A 1 123 ? -2.923  -9.730  5.896   1.00 2.49  ? 118 PHE A N   1 
ATOM 928  C CA  . PHE A 1 123 ? -1.770  -9.140  5.129   1.00 2.13  ? 118 PHE A CA  1 
ATOM 929  C C   . PHE A 1 123 ? -0.734  -10.268 4.947   1.00 3.26  ? 118 PHE A C   1 
ATOM 930  O O   . PHE A 1 123 ? -0.846  -11.327 5.594   1.00 4.09  ? 118 PHE A O   1 
ATOM 931  C CB  . PHE A 1 123 ? -1.079  -7.927  5.675   1.00 2.01  ? 118 PHE A CB  1 
ATOM 932  C CG  . PHE A 1 123 ? -1.746  -6.607  5.597   1.00 2.00  ? 118 PHE A CG  1 
ATOM 933  C CD1 . PHE A 1 123 ? -2.990  -6.403  6.164   1.00 2.00  ? 118 PHE A CD1 1 
ATOM 934  C CD2 . PHE A 1 123 ? -1.102  -5.535  4.986   1.00 2.00  ? 118 PHE A CD2 1 
ATOM 935  C CE1 . PHE A 1 123 ? -3.615  -5.182  6.128   1.00 2.00  ? 118 PHE A CE1 1 
ATOM 936  C CE2 . PHE A 1 123 ? -1.737  -4.292  4.914   1.00 2.00  ? 118 PHE A CE2 1 
ATOM 937  C CZ  . PHE A 1 123 ? -3.008  -4.124  5.483   1.00 2.00  ? 118 PHE A CZ  1 
ATOM 938  N N   . HIS A 1 124 ? 0.231   -9.962  4.098   1.00 2.00  ? 119 HIS A N   1 
ATOM 939  C CA  . HIS A 1 124 ? 1.312   -10.944 3.851   1.00 2.00  ? 119 HIS A CA  1 
ATOM 940  C C   . HIS A 1 124 ? 2.516   -10.034 3.593   1.00 2.72  ? 119 HIS A C   1 
ATOM 941  O O   . HIS A 1 124 ? 2.601   -9.343  2.601   1.00 2.01  ? 119 HIS A O   1 
ATOM 942  C CB  . HIS A 1 124 ? 1.208   -11.980 2.782   1.00 2.80  ? 119 HIS A CB  1 
ATOM 943  C CG  . HIS A 1 124 ? 0.051   -12.889 2.712   1.00 3.21  ? 119 HIS A CG  1 
ATOM 944  N ND1 . HIS A 1 124 ? 0.135   -14.240 2.856   1.00 3.62  ? 119 HIS A ND1 1 
ATOM 945  C CD2 . HIS A 1 124 ? -1.277  -12.621 2.528   1.00 5.21  ? 119 HIS A CD2 1 
ATOM 946  C CE1 . HIS A 1 124 ? -1.098  -14.752 2.718   1.00 3.70  ? 119 HIS A CE1 1 
ATOM 947  N NE2 . HIS A 1 124 ? -1.974  -13.812 2.531   1.00 3.08  ? 119 HIS A NE2 1 
ATOM 948  N N   . PHE A 1 125 ? 3.376   -10.100 4.592   1.00 6.64  ? 120 PHE A N   1 
ATOM 949  C CA  . PHE A 1 125 ? 4.593   -9.269  4.680   1.00 5.22  ? 120 PHE A CA  1 
ATOM 950  C C   . PHE A 1 125 ? 5.794   -9.919  4.028   1.00 5.25  ? 120 PHE A C   1 
ATOM 951  O O   . PHE A 1 125 ? 6.905   -9.572  4.424   1.00 6.31  ? 120 PHE A O   1 
ATOM 952  C CB  . PHE A 1 125 ? 4.764   -8.906  6.153   1.00 2.25  ? 120 PHE A CB  1 
ATOM 953  C CG  . PHE A 1 125 ? 3.675   -8.055  6.716   1.00 2.00  ? 120 PHE A CG  1 
ATOM 954  C CD1 . PHE A 1 125 ? 2.848   -8.546  7.730   1.00 2.00  ? 120 PHE A CD1 1 
ATOM 955  C CD2 . PHE A 1 125 ? 3.503   -6.740  6.225   1.00 2.00  ? 120 PHE A CD2 1 
ATOM 956  C CE1 . PHE A 1 125 ? 1.822   -7.732  8.211   1.00 3.50  ? 120 PHE A CE1 1 
ATOM 957  C CE2 . PHE A 1 125 ? 2.493   -5.925  6.761   1.00 2.00  ? 120 PHE A CE2 1 
ATOM 958  C CZ  . PHE A 1 125 ? 1.633   -6.408  7.752   1.00 2.00  ? 120 PHE A CZ  1 
ATOM 959  N N   . VAL A 1 126 ? 5.558   -10.794 3.068   1.00 7.83  ? 121 VAL A N   1 
ATOM 960  C CA  . VAL A 1 126 ? 6.693   -11.455 2.398   1.00 10.99 ? 121 VAL A CA  1 
ATOM 961  C C   . VAL A 1 126 ? 7.602   -10.338 1.837   1.00 10.98 ? 121 VAL A C   1 
ATOM 962  O O   . VAL A 1 126 ? 7.226   -9.507  1.028   1.00 10.79 ? 121 VAL A O   1 
ATOM 963  C CB  . VAL A 1 126 ? 6.336   -12.513 1.368   1.00 12.31 ? 121 VAL A CB  1 
ATOM 964  C CG1 . VAL A 1 126 ? 6.791   -12.125 -0.058  1.00 10.86 ? 121 VAL A CG1 1 
ATOM 965  C CG2 . VAL A 1 126 ? 6.786   -13.922 1.817   1.00 10.19 ? 121 VAL A CG2 1 
ATOM 966  N N   . LYS A 1 127 ? 8.784   -10.441 2.413   1.00 13.62 ? 122 LYS A N   1 
ATOM 967  C CA  . LYS A 1 127 ? 9.876   -9.485  2.143   1.00 15.67 ? 122 LYS A CA  1 
ATOM 968  C C   . LYS A 1 127 ? 10.112  -9.522  0.642   1.00 17.78 ? 122 LYS A C   1 
ATOM 969  O O   . LYS A 1 127 ? 10.733  -10.459 0.086   1.00 19.46 ? 122 LYS A O   1 
ATOM 970  C CB  . LYS A 1 127 ? 11.084  -9.673  3.052   1.00 11.51 ? 122 LYS A CB  1 
ATOM 971  C CG  . LYS A 1 127 ? 11.940  -8.459  3.288   1.00 10.46 ? 122 LYS A CG  1 
ATOM 972  C CD  . LYS A 1 127 ? 11.244  -7.116  2.988   1.00 9.59  ? 122 LYS A CD  1 
ATOM 973  C CE  . LYS A 1 127 ? 12.088  -5.915  3.309   1.00 10.47 ? 122 LYS A CE  1 
ATOM 974  N NZ  . LYS A 1 127 ? 12.431  -5.695  4.763   1.00 9.39  ? 122 LYS A NZ  1 
ATOM 975  N N   . GLY A 1 128 ? 9.495   -8.510  0.008   1.00 18.40 ? 123 GLY A N   1 
ATOM 976  C CA  . GLY A 1 128 ? 9.572   -8.319  -1.438  1.00 16.44 ? 123 GLY A CA  1 
ATOM 977  C C   . GLY A 1 128 ? 9.317   -9.547  -2.297  1.00 13.80 ? 123 GLY A C   1 
ATOM 978  O O   . GLY A 1 128 ? 8.222   -10.138 -2.287  1.00 10.55 ? 123 GLY A O   1 
ATOM 979  N N   . HIS A 1 129 ? 10.368  -9.939  -3.035  1.00 12.98 ? 124 HIS A N   1 
ATOM 980  C CA  . HIS A 1 129 ? 10.227  -11.055 -3.945  1.00 15.81 ? 124 HIS A CA  1 
ATOM 981  C C   . HIS A 1 129 ? 10.146  -12.459 -3.421  1.00 16.01 ? 124 HIS A C   1 
ATOM 982  O O   . HIS A 1 129 ? 10.404  -13.406 -4.211  1.00 17.54 ? 124 HIS A O   1 
ATOM 983  C CB  . HIS A 1 129 ? 11.135  -10.946 -5.220  1.00 15.00 ? 124 HIS A CB  1 
ATOM 984  C CG  . HIS A 1 129 ? 10.339  -11.540 -6.376  1.00 16.17 ? 124 HIS A CG  1 
ATOM 985  N ND1 . HIS A 1 129 ? 9.199   -12.299 -6.183  1.00 16.13 ? 124 HIS A ND1 1 
ATOM 986  C CD2 . HIS A 1 129 ? 10.547  -11.536 -7.707  1.00 17.23 ? 124 HIS A CD2 1 
ATOM 987  C CE1 . HIS A 1 129 ? 8.724   -12.694 -7.355  1.00 17.23 ? 124 HIS A CE1 1 
ATOM 988  N NE2 . HIS A 1 129 ? 9.527   -12.279 -8.288  1.00 18.04 ? 124 HIS A NE2 1 
ATOM 989  N N   . THR A 1 130 ? 9.768   -12.707 -2.176  1.00 16.80 ? 125 THR A N   1 
ATOM 990  C CA  . THR A 1 130 ? 9.618   -14.101 -1.659  1.00 15.00 ? 125 THR A CA  1 
ATOM 991  C C   . THR A 1 130 ? 8.309   -14.621 -2.299  1.00 13.40 ? 125 THR A C   1 
ATOM 992  O O   . THR A 1 130 ? 8.035   -15.821 -2.447  1.00 12.63 ? 125 THR A O   1 
ATOM 993  C CB  . THR A 1 130 ? 9.615   -14.272 -0.105  1.00 13.29 ? 125 THR A CB  1 
ATOM 994  O OG1 . THR A 1 130 ? 10.879  -13.802 0.431   1.00 13.92 ? 125 THR A OG1 1 
ATOM 995  C CG2 . THR A 1 130 ? 9.365   -15.709 0.371   1.00 13.78 ? 125 THR A CG2 1 
ATOM 996  N N   . GLY A 1 131 ? 7.539   -13.637 -2.731  1.00 14.38 ? 126 GLY A N   1 
ATOM 997  C CA  . GLY A 1 131 ? 6.240   -13.824 -3.379  1.00 16.39 ? 126 GLY A CA  1 
ATOM 998  C C   . GLY A 1 131 ? 6.356   -14.291 -4.831  1.00 15.51 ? 126 GLY A C   1 
ATOM 999  O O   . GLY A 1 131 ? 7.422   -14.497 -5.439  1.00 14.18 ? 126 GLY A O   1 
ATOM 1000 N N   . HIS A 1 132 ? 5.179   -14.408 -5.410  1.00 15.98 ? 127 HIS A N   1 
ATOM 1001 C CA  . HIS A 1 132 ? 4.949   -14.890 -6.776  1.00 15.69 ? 127 HIS A CA  1 
ATOM 1002 C C   . HIS A 1 132 ? 5.296   -13.935 -7.867  1.00 12.16 ? 127 HIS A C   1 
ATOM 1003 O O   . HIS A 1 132 ? 5.260   -12.736 -7.633  1.00 12.59 ? 127 HIS A O   1 
ATOM 1004 C CB  . HIS A 1 132 ? 3.416   -15.279 -6.892  1.00 18.59 ? 127 HIS A CB  1 
ATOM 1005 C CG  . HIS A 1 132 ? 3.242   -16.164 -5.673  1.00 21.67 ? 127 HIS A CG  1 
ATOM 1006 N ND1 . HIS A 1 132 ? 2.674   -15.719 -4.497  1.00 22.63 ? 127 HIS A ND1 1 
ATOM 1007 C CD2 . HIS A 1 132 ? 3.786   -17.389 -5.462  1.00 21.32 ? 127 HIS A CD2 1 
ATOM 1008 C CE1 . HIS A 1 132 ? 2.797   -16.708 -3.624  1.00 22.99 ? 127 HIS A CE1 1 
ATOM 1009 N NE2 . HIS A 1 132 ? 3.462   -17.721 -4.177  1.00 21.76 ? 127 HIS A NE2 1 
ATOM 1010 N N   . PRO A 1 133 ? 5.630   -14.460 -9.019  1.00 11.21 ? 128 PRO A N   1 
ATOM 1011 C CA  . PRO A 1 133 ? 6.011   -13.718 -10.231 1.00 11.53 ? 128 PRO A CA  1 
ATOM 1012 C C   . PRO A 1 133 ? 5.138   -12.494 -10.463 1.00 11.12 ? 128 PRO A C   1 
ATOM 1013 O O   . PRO A 1 133 ? 5.488   -11.505 -11.159 1.00 8.76  ? 128 PRO A O   1 
ATOM 1014 C CB  . PRO A 1 133 ? 5.899   -14.752 -11.348 1.00 12.38 ? 128 PRO A CB  1 
ATOM 1015 C CG  . PRO A 1 133 ? 5.031   -15.845 -10.717 1.00 12.82 ? 128 PRO A CG  1 
ATOM 1016 C CD  . PRO A 1 133 ? 5.638   -15.923 -9.304  1.00 11.79 ? 128 PRO A CD  1 
ATOM 1017 N N   . GLU A 1 134 ? 3.967   -12.556 -9.832  1.00 9.78  ? 129 GLU A N   1 
ATOM 1018 C CA  . GLU A 1 134 ? 3.032   -11.424 -9.881  1.00 10.16 ? 129 GLU A CA  1 
ATOM 1019 C C   . GLU A 1 134 ? 3.732   -10.200 -9.260  1.00 9.24  ? 129 GLU A C   1 
ATOM 1020 O O   . GLU A 1 134 ? 3.341   -9.032  -9.459  1.00 11.45 ? 129 GLU A O   1 
ATOM 1021 C CB  . GLU A 1 134 ? 1.748   -11.756 -9.168  1.00 11.17 ? 129 GLU A CB  1 
ATOM 1022 C CG  . GLU A 1 134 ? 1.316   -13.141 -8.831  1.00 16.41 ? 129 GLU A CG  1 
ATOM 1023 C CD  . GLU A 1 134 ? 0.806   -14.190 -9.750  1.00 20.79 ? 129 GLU A CD  1 
ATOM 1024 O OE1 . GLU A 1 134 ? 1.106   -14.328 -10.946 1.00 22.55 ? 129 GLU A OE1 1 
ATOM 1025 O OE2 . GLU A 1 134 ? 0.015   -15.044 -9.200  1.00 19.88 ? 129 GLU A OE2 1 
ATOM 1026 N N   . ASN A 1 135 ? 4.789   -10.421 -8.514  1.00 5.96  ? 130 ASN A N   1 
ATOM 1027 C CA  . ASN A 1 135 ? 5.644   -9.504  -7.793  1.00 3.28  ? 130 ASN A CA  1 
ATOM 1028 C C   . ASN A 1 135 ? 6.373   -8.614  -8.828  1.00 5.20  ? 130 ASN A C   1 
ATOM 1029 O O   . ASN A 1 135 ? 6.476   -7.386  -8.661  1.00 2.00  ? 130 ASN A O   1 
ATOM 1030 C CB  . ASN A 1 135 ? 6.653   -10.200 -6.917  1.00 2.00  ? 130 ASN A CB  1 
ATOM 1031 C CG  . ASN A 1 135 ? 6.264   -10.771 -5.606  1.00 2.00  ? 130 ASN A CG  1 
ATOM 1032 O OD1 . ASN A 1 135 ? 7.105   -11.469 -4.995  1.00 5.01  ? 130 ASN A OD1 1 
ATOM 1033 N ND2 . ASN A 1 135 ? 5.061   -10.619 -5.053  1.00 2.29  ? 130 ASN A ND2 1 
ATOM 1034 N N   . GLU A 1 136 ? 6.882   -9.373  -9.797  1.00 6.27  ? 131 GLU A N   1 
ATOM 1035 C CA  . GLU A 1 136 ? 7.556   -8.757  -10.934 1.00 11.09 ? 131 GLU A CA  1 
ATOM 1036 C C   . GLU A 1 136 ? 6.663   -7.616  -11.485 1.00 12.34 ? 131 GLU A C   1 
ATOM 1037 O O   . GLU A 1 136 ? 7.029   -6.413  -11.368 1.00 13.66 ? 131 GLU A O   1 
ATOM 1038 C CB  . GLU A 1 136 ? 7.897   -9.727  -12.037 1.00 13.70 ? 131 GLU A CB  1 
ATOM 1039 C CG  . GLU A 1 136 ? 9.291   -10.201 -12.397 1.00 17.25 ? 131 GLU A CG  1 
ATOM 1040 C CD  . GLU A 1 136 ? 9.979   -11.297 -11.631 1.00 17.23 ? 131 GLU A CD  1 
ATOM 1041 O OE1 . GLU A 1 136 ? 11.164  -11.374 -11.292 1.00 16.59 ? 131 GLU A OE1 1 
ATOM 1042 O OE2 . GLU A 1 136 ? 9.161   -12.198 -11.298 1.00 19.29 ? 131 GLU A OE2 1 
ATOM 1043 N N   . ARG A 1 137 ? 5.488   -7.898  -11.998 1.00 9.83  ? 132 ARG A N   1 
ATOM 1044 C CA  . ARG A 1 137 ? 4.617   -6.873  -12.591 1.00 9.36  ? 132 ARG A CA  1 
ATOM 1045 C C   . ARG A 1 137 ? 4.520   -5.598  -11.805 1.00 7.87  ? 132 ARG A C   1 
ATOM 1046 O O   . ARG A 1 137 ? 4.738   -4.453  -12.300 1.00 9.88  ? 132 ARG A O   1 
ATOM 1047 C CB  . ARG A 1 137 ? 3.244   -7.422  -13.022 1.00 9.86  ? 132 ARG A CB  1 
ATOM 1048 C CG  . ARG A 1 137 ? 3.290   -8.165  -14.391 1.00 7.87  ? 132 ARG A CG  1 
ATOM 1049 C CD  . ARG A 1 137 ? 2.297   -9.247  -14.531 1.00 2.00  ? 132 ARG A CD  1 
ATOM 1050 N NE  . ARG A 1 137 ? 0.968   -8.802  -14.792 1.00 2.03  ? 132 ARG A NE  1 
ATOM 1051 C CZ  . ARG A 1 137 ? 0.374   -7.761  -15.348 1.00 2.52  ? 132 ARG A CZ  1 
ATOM 1052 N NH1 . ARG A 1 137 ? -0.963  -7.618  -15.415 1.00 2.00  ? 132 ARG A NH1 1 
ATOM 1053 N NH2 . ARG A 1 137 ? 1.081   -6.735  -15.864 1.00 2.00  ? 132 ARG A NH2 1 
ATOM 1054 N N   . VAL A 1 138 ? 4.162   -5.691  -10.579 1.00 6.92  ? 133 VAL A N   1 
ATOM 1055 C CA  . VAL A 1 138 ? 3.993   -4.538  -9.634  1.00 4.23  ? 133 VAL A CA  1 
ATOM 1056 C C   . VAL A 1 138 ? 5.259   -3.694  -9.528  1.00 5.19  ? 133 VAL A C   1 
ATOM 1057 O O   . VAL A 1 138 ? 5.253   -2.484  -9.773  1.00 2.00  ? 133 VAL A O   1 
ATOM 1058 C CB  . VAL A 1 138 ? 3.581   -5.390  -8.399  1.00 3.27  ? 133 VAL A CB  1 
ATOM 1059 C CG1 . VAL A 1 138 ? 4.434   -5.138  -7.174  1.00 2.00  ? 133 VAL A CG1 1 
ATOM 1060 C CG2 . VAL A 1 138 ? 2.080   -5.449  -8.313  1.00 2.00  ? 133 VAL A CG2 1 
ATOM 1061 N N   . ASP A 1 139 ? 6.348   -4.350  -9.131  1.00 7.63  ? 134 ASP A N   1 
ATOM 1062 C CA  . ASP A 1 139 ? 7.713   -3.944  -8.882  1.00 7.79  ? 134 ASP A CA  1 
ATOM 1063 C C   . ASP A 1 139 ? 8.114   -2.977  -10.008 1.00 8.50  ? 134 ASP A C   1 
ATOM 1064 O O   . ASP A 1 139 ? 8.460   -1.798  -9.870  1.00 11.50 ? 134 ASP A O   1 
ATOM 1065 C CB  . ASP A 1 139 ? 8.641   -5.139  -8.832  1.00 13.16 ? 134 ASP A CB  1 
ATOM 1066 C CG  . ASP A 1 139 ? 9.699   -5.527  -7.850  1.00 16.32 ? 134 ASP A CG  1 
ATOM 1067 O OD1 . ASP A 1 139 ? 10.779  -6.104  -8.218  1.00 13.73 ? 134 ASP A OD1 1 
ATOM 1068 O OD2 . ASP A 1 139 ? 9.560   -5.406  -6.576  1.00 17.74 ? 134 ASP A OD2 1 
ATOM 1069 N N   . ARG A 1 140 ? 8.040   -3.548  -11.185 1.00 7.00  ? 135 ARG A N   1 
ATOM 1070 C CA  . ARG A 1 140 ? 8.435   -2.856  -12.397 1.00 5.76  ? 135 ARG A CA  1 
ATOM 1071 C C   . ARG A 1 140 ? 7.568   -1.673  -12.701 1.00 4.21  ? 135 ARG A C   1 
ATOM 1072 O O   . ARG A 1 140 ? 8.084   -0.646  -13.173 1.00 6.62  ? 135 ARG A O   1 
ATOM 1073 C CB  . ARG A 1 140 ? 8.475   -3.816  -13.576 1.00 9.77  ? 135 ARG A CB  1 
ATOM 1074 C CG  . ARG A 1 140 ? 9.004   -3.210  -14.885 1.00 14.94 ? 135 ARG A CG  1 
ATOM 1075 C CD  . ARG A 1 140 ? 8.723   -4.200  -15.958 1.00 18.68 ? 135 ARG A CD  1 
ATOM 1076 N NE  . ARG A 1 140 ? 9.073   -3.887  -17.283 1.00 21.04 ? 135 ARG A NE  1 
ATOM 1077 C CZ  . ARG A 1 140 ? 9.021   -2.936  -18.183 1.00 20.55 ? 135 ARG A CZ  1 
ATOM 1078 N NH1 . ARG A 1 140 ? 9.497   -3.228  -19.432 1.00 22.04 ? 135 ARG A NH1 1 
ATOM 1079 N NH2 . ARG A 1 140 ? 8.549   -1.717  -17.915 1.00 18.55 ? 135 ARG A NH2 1 
ATOM 1080 N N   . GLU A 1 141 ? 6.300   -1.862  -12.493 1.00 3.94  ? 136 GLU A N   1 
ATOM 1081 C CA  . GLU A 1 141 ? 5.319   -0.794  -12.838 1.00 3.98  ? 136 GLU A CA  1 
ATOM 1082 C C   . GLU A 1 141 ? 5.354   0.294   -11.803 1.00 3.47  ? 136 GLU A C   1 
ATOM 1083 O O   . GLU A 1 141 ? 4.863   1.414   -12.056 1.00 5.13  ? 136 GLU A O   1 
ATOM 1084 C CB  . GLU A 1 141 ? 3.916   -1.326  -13.074 1.00 3.89  ? 136 GLU A CB  1 
ATOM 1085 C CG  . GLU A 1 141 ? 2.808   -0.399  -13.566 1.00 3.18  ? 136 GLU A CG  1 
ATOM 1086 C CD  . GLU A 1 141 ? 3.158   0.385   -14.801 1.00 2.00  ? 136 GLU A CD  1 
ATOM 1087 O OE1 . GLU A 1 141 ? 3.925   -0.018  -15.647 1.00 2.00  ? 136 GLU A OE1 1 
ATOM 1088 O OE2 . GLU A 1 141 ? 2.571   1.481   -14.820 1.00 3.03  ? 136 GLU A OE2 1 
ATOM 1089 N N   . ALA A 1 142 ? 5.930   -0.045  -10.668 1.00 4.21  ? 137 ALA A N   1 
ATOM 1090 C CA  . ALA A 1 142 ? 6.075   0.940   -9.562  1.00 4.83  ? 137 ALA A CA  1 
ATOM 1091 C C   . ALA A 1 142 ? 7.288   1.840   -9.891  1.00 3.63  ? 137 ALA A C   1 
ATOM 1092 O O   . ALA A 1 142 ? 7.295   3.059   -9.802  1.00 2.00  ? 137 ALA A O   1 
ATOM 1093 C CB  . ALA A 1 142 ? 6.342   0.219   -8.245  1.00 6.27  ? 137 ALA A CB  1 
ATOM 1094 N N   . ARG A 1 143 ? 8.328   1.085   -10.244 1.00 2.93  ? 138 ARG A N   1 
ATOM 1095 C CA  . ARG A 1 143 ? 9.594   1.730   -10.628 1.00 3.69  ? 138 ARG A CA  1 
ATOM 1096 C C   . ARG A 1 143 ? 9.217   2.711   -11.754 1.00 2.82  ? 138 ARG A C   1 
ATOM 1097 O O   . ARG A 1 143 ? 9.314   3.914   -11.485 1.00 3.62  ? 138 ARG A O   1 
ATOM 1098 C CB  . ARG A 1 143 ? 10.618  0.723   -11.055 1.00 5.84  ? 138 ARG A CB  1 
ATOM 1099 C CG  . ARG A 1 143 ? 12.085  1.153   -11.194 1.00 4.90  ? 138 ARG A CG  1 
ATOM 1100 C CD  . ARG A 1 143 ? 12.796  -0.114  -11.619 1.00 6.97  ? 138 ARG A CD  1 
ATOM 1101 N NE  . ARG A 1 143 ? 12.495  -1.242  -10.776 1.00 6.75  ? 138 ARG A NE  1 
ATOM 1102 C CZ  . ARG A 1 143 ? 12.323  -2.527  -11.076 1.00 10.18 ? 138 ARG A CZ  1 
ATOM 1103 N NH1 . ARG A 1 143 ? 12.076  -3.473  -10.130 1.00 9.13  ? 138 ARG A NH1 1 
ATOM 1104 N NH2 . ARG A 1 143 ? 12.325  -2.942  -12.355 1.00 10.13 ? 138 ARG A NH2 1 
ATOM 1105 N N   . ARG A 1 144 ? 8.818   2.149   -12.863 1.00 2.00  ? 139 ARG A N   1 
ATOM 1106 C CA  . ARG A 1 144 ? 8.392   2.781   -14.097 1.00 2.47  ? 139 ARG A CA  1 
ATOM 1107 C C   . ARG A 1 144 ? 7.621   4.075   -13.823 1.00 2.93  ? 139 ARG A C   1 
ATOM 1108 O O   . ARG A 1 144 ? 7.964   5.094   -14.439 1.00 4.13  ? 139 ARG A O   1 
ATOM 1109 C CB  . ARG A 1 144 ? 7.429   1.954   -14.973 1.00 3.35  ? 139 ARG A CB  1 
ATOM 1110 C CG  . ARG A 1 144 ? 7.475   2.138   -16.479 1.00 3.33  ? 139 ARG A CG  1 
ATOM 1111 C CD  . ARG A 1 144 ? 6.191   1.769   -17.203 1.00 2.00  ? 139 ARG A CD  1 
ATOM 1112 N NE  . ARG A 1 144 ? 5.348   2.860   -17.310 1.00 2.00  ? 139 ARG A NE  1 
ATOM 1113 C CZ  . ARG A 1 144 ? 4.243   3.449   -17.191 1.00 2.00  ? 139 ARG A CZ  1 
ATOM 1114 N NH1 . ARG A 1 144 ? 4.238   4.743   -17.526 1.00 2.00  ? 139 ARG A NH1 1 
ATOM 1115 N NH2 . ARG A 1 144 ? 3.109   2.917   -16.749 1.00 2.00  ? 139 ARG A NH2 1 
ATOM 1116 N N   . GLN A 1 145 ? 6.636   3.941   -12.955 1.00 2.00  ? 140 GLN A N   1 
ATOM 1117 C CA  . GLN A 1 145 ? 5.818   5.112   -12.610 1.00 2.00  ? 140 GLN A CA  1 
ATOM 1118 C C   . GLN A 1 145 ? 6.717   6.183   -12.045 1.00 2.00  ? 140 GLN A C   1 
ATOM 1119 O O   . GLN A 1 145 ? 6.801   7.326   -12.509 1.00 4.27  ? 140 GLN A O   1 
ATOM 1120 C CB  . GLN A 1 145 ? 4.704   4.678   -11.699 1.00 2.00  ? 140 GLN A CB  1 
ATOM 1121 C CG  . GLN A 1 145 ? 3.450   5.453   -11.842 1.00 4.18  ? 140 GLN A CG  1 
ATOM 1122 C CD  . GLN A 1 145 ? 2.724   5.492   -13.158 1.00 4.93  ? 140 GLN A CD  1 
ATOM 1123 O OE1 . GLN A 1 145 ? 2.455   6.607   -13.638 1.00 7.47  ? 140 GLN A OE1 1 
ATOM 1124 N NE2 . GLN A 1 145 ? 2.318   4.387   -13.765 1.00 2.07  ? 140 GLN A NE2 1 
ATOM 1125 N N   . ALA A 1 146 ? 7.480   5.870   -11.031 1.00 3.33  ? 141 ALA A N   1 
ATOM 1126 C CA  . ALA A 1 146 ? 8.413   6.793   -10.383 1.00 2.45  ? 141 ALA A CA  1 
ATOM 1127 C C   . ALA A 1 146 ? 9.357   7.453   -11.386 1.00 4.93  ? 141 ALA A C   1 
ATOM 1128 O O   . ALA A 1 146 ? 9.644   8.669   -11.299 1.00 3.89  ? 141 ALA A O   1 
ATOM 1129 C CB  . ALA A 1 146 ? 9.239   5.982   -9.414  1.00 5.66  ? 141 ALA A CB  1 
ATOM 1130 N N   . GLN A 1 147 ? 9.867   6.642   -12.314 1.00 2.50  ? 142 GLN A N   1 
ATOM 1131 C CA  . GLN A 1 147 ? 10.794  7.190   -13.312 1.00 2.84  ? 142 GLN A CA  1 
ATOM 1132 C C   . GLN A 1 147 ? 10.076  8.081   -14.295 1.00 2.63  ? 142 GLN A C   1 
ATOM 1133 O O   . GLN A 1 147 ? 10.769  8.718   -15.114 1.00 6.36  ? 142 GLN A O   1 
ATOM 1134 C CB  . GLN A 1 147 ? 11.584  6.121   -14.086 1.00 3.45  ? 142 GLN A CB  1 
ATOM 1135 C CG  . GLN A 1 147 ? 12.850  5.590   -13.492 1.00 5.12  ? 142 GLN A CG  1 
ATOM 1136 C CD  . GLN A 1 147 ? 13.273  4.201   -13.904 1.00 7.43  ? 142 GLN A CD  1 
ATOM 1137 O OE1 . GLN A 1 147 ? 12.681  3.126   -13.700 1.00 8.36  ? 142 GLN A OE1 1 
ATOM 1138 N NE2 . GLN A 1 147 ? 14.466  4.152   -14.511 1.00 6.97  ? 142 GLN A NE2 1 
ATOM 1139 N N   . SER A 1 148 ? 8.768   8.161   -14.375 1.00 3.94  ? 143 SER A N   1 
ATOM 1140 C CA  . SER A 1 148 ? 8.220   9.006   -15.477 1.00 2.97  ? 143 SER A CA  1 
ATOM 1141 C C   . SER A 1 148 ? 7.372   10.099  -14.918 1.00 5.20  ? 143 SER A C   1 
ATOM 1142 O O   . SER A 1 148 ? 6.181   10.134  -15.240 1.00 6.96  ? 143 SER A O   1 
ATOM 1143 C CB  . SER A 1 148 ? 7.538   8.125   -16.494 1.00 2.76  ? 143 SER A CB  1 
ATOM 1144 O OG  . SER A 1 148 ? 8.599   7.244   -17.009 1.00 4.72  ? 143 SER A OG  1 
ATOM 1145 N N   . GLN A 1 149 ? 8.043   10.958  -14.174 1.00 6.15  ? 144 GLN A N   1 
ATOM 1146 C CA  . GLN A 1 149 ? 7.430   12.103  -13.506 1.00 7.88  ? 144 GLN A CA  1 
ATOM 1147 C C   . GLN A 1 149 ? 8.142   13.412  -13.818 1.00 9.46  ? 144 GLN A C   1 
ATOM 1148 O O   . GLN A 1 149 ? 8.761   13.719  -14.837 1.00 4.70  ? 144 GLN A O   1 
ATOM 1149 C CB  . GLN A 1 149 ? 7.467   11.819  -11.966 1.00 9.10  ? 144 GLN A CB  1 
ATOM 1150 C CG  . GLN A 1 149 ? 7.101   10.392  -11.590 1.00 7.12  ? 144 GLN A CG  1 
ATOM 1151 C CD  . GLN A 1 149 ? 5.622   10.132  -11.634 1.00 9.21  ? 144 GLN A CD  1 
ATOM 1152 O OE1 . GLN A 1 149 ? 4.706   10.951  -11.451 1.00 8.93  ? 144 GLN A OE1 1 
ATOM 1153 N NE2 . GLN A 1 149 ? 5.303   8.869   -11.899 1.00 9.70  ? 144 GLN A NE2 1 
ATOM 1154 N N   . ALA A 1 150 ? 8.001   14.301  -12.824 1.00 14.94 ? 145 ALA A N   1 
ATOM 1155 C CA  . ALA A 1 150 ? 8.629   15.649  -12.796 1.00 14.00 ? 145 ALA A CA  1 
ATOM 1156 C C   . ALA A 1 150 ? 9.703   15.501  -11.712 1.00 12.62 ? 145 ALA A C   1 
ATOM 1157 O O   . ALA A 1 150 ? 9.463   14.808  -10.704 1.00 14.18 ? 145 ALA A O   1 
ATOM 1158 C CB  . ALA A 1 150 ? 7.625   16.737  -12.549 1.00 13.61 ? 145 ALA A CB  1 
ATOM 1159 N N   . LYS A 1 151 ? 10.839  16.047  -11.970 1.00 13.22 ? 146 LYS A N   1 
ATOM 1160 C CA  . LYS A 1 151 ? 11.991  15.988  -11.024 1.00 16.09 ? 146 LYS A CA  1 
ATOM 1161 C C   . LYS A 1 151 ? 12.143  17.341  -10.343 1.00 17.39 ? 146 LYS A C   1 
ATOM 1162 O O   . LYS A 1 151 ? 13.212  18.016  -10.475 1.00 21.15 ? 146 LYS A O   1 
ATOM 1163 C CB  . LYS A 1 151 ? 13.220  15.677  -11.916 1.00 16.14 ? 146 LYS A CB  1 
ATOM 1164 C CG  . LYS A 1 151 ? 13.084  14.368  -12.679 1.00 14.14 ? 146 LYS A CG  1 
ATOM 1165 C CD  . LYS A 1 151 ? 13.330  14.455  -14.166 1.00 12.53 ? 146 LYS A CD  1 
ATOM 1166 C CE  . LYS A 1 151 ? 12.061  14.163  -14.948 1.00 11.47 ? 146 LYS A CE  1 
ATOM 1167 N NZ  . LYS A 1 151 ? 11.111  15.285  -14.799 1.00 9.65  ? 146 LYS A NZ  1 
ATOM 1168 N N   . THR A 1 152 ? 11.117  17.756  -9.607  1.00 15.82 ? 147 THR A N   1 
ATOM 1169 C CA  . THR A 1 152 ? 11.094  19.109  -9.010  1.00 15.22 ? 147 THR A CA  1 
ATOM 1170 C C   . THR A 1 152 ? 11.140  19.299  -7.519  1.00 18.02 ? 147 THR A C   1 
ATOM 1171 O O   . THR A 1 152 ? 10.476  20.277  -6.995  1.00 17.75 ? 147 THR A O   1 
ATOM 1172 C CB  . THR A 1 152 ? 9.804   19.810  -9.682  1.00 11.68 ? 147 THR A CB  1 
ATOM 1173 O OG1 . THR A 1 152 ? 8.716   18.850  -9.507  1.00 5.75  ? 147 THR A OG1 1 
ATOM 1174 C CG2 . THR A 1 152 ? 10.066  20.121  -11.156 1.00 9.40  ? 147 THR A CG2 1 
# 
